data_2P8V
# 
_entry.id   2P8V 
# 
_audit_conform.dict_name       mmcif_pdbx.dic 
_audit_conform.dict_version    5.377 
_audit_conform.dict_location   http://mmcif.pdb.org/dictionaries/ascii/mmcif_pdbx.dic 
# 
loop_
_database_2.database_id 
_database_2.database_code 
_database_2.pdbx_database_accession 
_database_2.pdbx_DOI 
PDB   2P8V         pdb_00002p8v 10.2210/pdb2p8v/pdb 
RCSB  RCSB042112   ?            ?                   
WWPDB D_1000042112 ?            ?                   
# 
_pdbx_database_status.entry_id                        2P8V 
_pdbx_database_status.deposit_site                    RCSB 
_pdbx_database_status.process_site                    RCSB 
_pdbx_database_status.recvd_initial_deposition_date   2007-03-23 
_pdbx_database_status.status_code                     REL 
_pdbx_database_status.status_code_sf                  REL 
_pdbx_database_status.status_code_mr                  ? 
_pdbx_database_status.SG_entry                        ? 
_pdbx_database_status.status_code_cs                  ? 
_pdbx_database_status.methods_development_category    ? 
_pdbx_database_status.pdb_format_compatible           Y 
_pdbx_database_status.status_code_nmr_data            ? 
# 
loop_
_audit_author.name 
_audit_author.pdbx_ordinal 
'Bouyain, S.'  1 
'Tu, J.'       2 
'Huang, G.N.'  3 
'Worley, P.F.' 4 
'Leahy, D.'    5 
# 
_citation.id                        primary 
_citation.title                     
'NFAT binding and regulation of T cell activation by the cytoplasmic scaffolding Homer proteins.' 
_citation.journal_abbrev            Science 
_citation.journal_volume            319 
_citation.page_first                476 
_citation.page_last                 481 
_citation.year                      2008 
_citation.journal_id_ASTM           SCIEAS 
_citation.country                   US 
_citation.journal_id_ISSN           0036-8075 
_citation.journal_id_CSD            0038 
_citation.book_publisher            ? 
_citation.pdbx_database_id_PubMed   18218901 
_citation.pdbx_database_id_DOI      10.1126/science.1151227 
# 
loop_
_citation_author.citation_id 
_citation_author.name 
_citation_author.ordinal 
_citation_author.identifier_ORCID 
primary 'Huang, G.N.'     1  ? 
primary 'Huso, D.L.'      2  ? 
primary 'Bouyain, S.'     3  ? 
primary 'Tu, J.'          4  ? 
primary 'McCorkell, K.A.' 5  ? 
primary 'May, M.J.'       6  ? 
primary 'Zhu, Y.'         7  ? 
primary 'Lutz, M.'        8  ? 
primary 'Collins, S.'     9  ? 
primary 'Dehoff, M.'      10 ? 
primary 'Kang, S.'        11 ? 
primary 'Whartenby, K.'   12 ? 
primary 'Powell, J.'      13 ? 
primary 'Leahy, D.'       14 ? 
primary 'Worley, P.F.'    15 ? 
# 
_cell.length_a           49.470 
_cell.length_b           49.470 
_cell.length_c           80.710 
_cell.angle_alpha        90.000 
_cell.angle_beta         90.000 
_cell.angle_gamma        120.000 
_cell.entry_id           2P8V 
_cell.pdbx_unique_axis   ? 
_cell.Z_PDB              6 
_cell.length_a_esd       ? 
_cell.length_b_esd       ? 
_cell.length_c_esd       ? 
_cell.angle_alpha_esd    ? 
_cell.angle_beta_esd     ? 
_cell.angle_gamma_esd    ? 
# 
_symmetry.space_group_name_H-M             'P 32 2 1' 
_symmetry.entry_id                         2P8V 
_symmetry.Int_Tables_number                154 
_symmetry.pdbx_full_space_group_name_H-M   ? 
_symmetry.cell_setting                     ? 
_symmetry.space_group_name_Hall            ? 
# 
loop_
_entity.id 
_entity.type 
_entity.src_method 
_entity.pdbx_description 
_entity.formula_weight 
_entity.pdbx_number_of_molecules 
_entity.pdbx_ec 
_entity.pdbx_mutation 
_entity.pdbx_fragment 
_entity.details 
1 polymer     man 'Homer protein homolog 3' 13174.810 1  ? ? ? ? 
2 non-polymer syn 'SULFATE ION'             96.063    1  ? ? ? ? 
3 water       nat water                     18.015    74 ? ? ? ? 
# 
_entity_name_com.entity_id   1 
_entity_name_com.name        Homer-3 
# 
_entity_poly.entity_id                      1 
_entity_poly.type                           'polypeptide(L)' 
_entity_poly.nstd_linkage                   no 
_entity_poly.nstd_monomer                   no 
_entity_poly.pdbx_seq_one_letter_code       
;STAREQPIFSTRAHVFQIDPATKRNWIPAGKHALTVSYFYDATRNVYRIISIGGAKAIINSTVTPNMTFTKTSQKFGQWA
DSRANTVYGLGFASEQHLTQFAEKFQEVKEAARLARE
;
_entity_poly.pdbx_seq_one_letter_code_can   
;STAREQPIFSTRAHVFQIDPATKRNWIPAGKHALTVSYFYDATRNVYRIISIGGAKAIINSTVTPNMTFTKTSQKFGQWA
DSRANTVYGLGFASEQHLTQFAEKFQEVKEAARLARE
;
_entity_poly.pdbx_strand_id                 A 
_entity_poly.pdbx_target_identifier         ? 
# 
loop_
_entity_poly_seq.entity_id 
_entity_poly_seq.num 
_entity_poly_seq.mon_id 
_entity_poly_seq.hetero 
1 1   SER n 
1 2   THR n 
1 3   ALA n 
1 4   ARG n 
1 5   GLU n 
1 6   GLN n 
1 7   PRO n 
1 8   ILE n 
1 9   PHE n 
1 10  SER n 
1 11  THR n 
1 12  ARG n 
1 13  ALA n 
1 14  HIS n 
1 15  VAL n 
1 16  PHE n 
1 17  GLN n 
1 18  ILE n 
1 19  ASP n 
1 20  PRO n 
1 21  ALA n 
1 22  THR n 
1 23  LYS n 
1 24  ARG n 
1 25  ASN n 
1 26  TRP n 
1 27  ILE n 
1 28  PRO n 
1 29  ALA n 
1 30  GLY n 
1 31  LYS n 
1 32  HIS n 
1 33  ALA n 
1 34  LEU n 
1 35  THR n 
1 36  VAL n 
1 37  SER n 
1 38  TYR n 
1 39  PHE n 
1 40  TYR n 
1 41  ASP n 
1 42  ALA n 
1 43  THR n 
1 44  ARG n 
1 45  ASN n 
1 46  VAL n 
1 47  TYR n 
1 48  ARG n 
1 49  ILE n 
1 50  ILE n 
1 51  SER n 
1 52  ILE n 
1 53  GLY n 
1 54  GLY n 
1 55  ALA n 
1 56  LYS n 
1 57  ALA n 
1 58  ILE n 
1 59  ILE n 
1 60  ASN n 
1 61  SER n 
1 62  THR n 
1 63  VAL n 
1 64  THR n 
1 65  PRO n 
1 66  ASN n 
1 67  MET n 
1 68  THR n 
1 69  PHE n 
1 70  THR n 
1 71  LYS n 
1 72  THR n 
1 73  SER n 
1 74  GLN n 
1 75  LYS n 
1 76  PHE n 
1 77  GLY n 
1 78  GLN n 
1 79  TRP n 
1 80  ALA n 
1 81  ASP n 
1 82  SER n 
1 83  ARG n 
1 84  ALA n 
1 85  ASN n 
1 86  THR n 
1 87  VAL n 
1 88  TYR n 
1 89  GLY n 
1 90  LEU n 
1 91  GLY n 
1 92  PHE n 
1 93  ALA n 
1 94  SER n 
1 95  GLU n 
1 96  GLN n 
1 97  HIS n 
1 98  LEU n 
1 99  THR n 
1 100 GLN n 
1 101 PHE n 
1 102 ALA n 
1 103 GLU n 
1 104 LYS n 
1 105 PHE n 
1 106 GLN n 
1 107 GLU n 
1 108 VAL n 
1 109 LYS n 
1 110 GLU n 
1 111 ALA n 
1 112 ALA n 
1 113 ARG n 
1 114 LEU n 
1 115 ALA n 
1 116 ARG n 
1 117 GLU n 
# 
_entity_src_gen.entity_id                          1 
_entity_src_gen.pdbx_src_id                        1 
_entity_src_gen.pdbx_alt_source_flag               sample 
_entity_src_gen.pdbx_seq_type                      ? 
_entity_src_gen.pdbx_beg_seq_num                   ? 
_entity_src_gen.pdbx_end_seq_num                   ? 
_entity_src_gen.gene_src_common_name               human 
_entity_src_gen.gene_src_genus                     Homo 
_entity_src_gen.pdbx_gene_src_gene                 HOMER3 
_entity_src_gen.gene_src_species                   ? 
_entity_src_gen.gene_src_strain                    ? 
_entity_src_gen.gene_src_tissue                    ? 
_entity_src_gen.gene_src_tissue_fraction           ? 
_entity_src_gen.gene_src_details                   ? 
_entity_src_gen.pdbx_gene_src_fragment             ? 
_entity_src_gen.pdbx_gene_src_scientific_name      'Homo sapiens' 
_entity_src_gen.pdbx_gene_src_ncbi_taxonomy_id     9606 
_entity_src_gen.pdbx_gene_src_variant              ? 
_entity_src_gen.pdbx_gene_src_cell_line            ? 
_entity_src_gen.pdbx_gene_src_atcc                 ? 
_entity_src_gen.pdbx_gene_src_organ                ? 
_entity_src_gen.pdbx_gene_src_organelle            ? 
_entity_src_gen.pdbx_gene_src_cell                 ? 
_entity_src_gen.pdbx_gene_src_cellular_location    ? 
_entity_src_gen.host_org_common_name               ? 
_entity_src_gen.pdbx_host_org_scientific_name      'Escherichia coli' 
_entity_src_gen.pdbx_host_org_ncbi_taxonomy_id     562 
_entity_src_gen.host_org_genus                     Escherichia 
_entity_src_gen.pdbx_host_org_gene                 ? 
_entity_src_gen.pdbx_host_org_organ                ? 
_entity_src_gen.host_org_species                   ? 
_entity_src_gen.pdbx_host_org_tissue               ? 
_entity_src_gen.pdbx_host_org_tissue_fraction      ? 
_entity_src_gen.pdbx_host_org_strain               'B834(DE3)' 
_entity_src_gen.pdbx_host_org_variant              ? 
_entity_src_gen.pdbx_host_org_cell_line            ? 
_entity_src_gen.pdbx_host_org_atcc                 ? 
_entity_src_gen.pdbx_host_org_culture_collection   ? 
_entity_src_gen.pdbx_host_org_cell                 ? 
_entity_src_gen.pdbx_host_org_organelle            ? 
_entity_src_gen.pdbx_host_org_cellular_location    ? 
_entity_src_gen.pdbx_host_org_vector_type          plasmid 
_entity_src_gen.pdbx_host_org_vector               ? 
_entity_src_gen.host_org_details                   ? 
_entity_src_gen.expression_system_id               ? 
_entity_src_gen.plasmid_name                       pT7HMT 
_entity_src_gen.plasmid_details                    ? 
_entity_src_gen.pdbx_description                   ? 
# 
_struct_ref.id                         1 
_struct_ref.db_name                    UNP 
_struct_ref.db_code                    HOME3_HUMAN 
_struct_ref.pdbx_db_accession          Q9NSC5 
_struct_ref.entity_id                  1 
_struct_ref.pdbx_seq_one_letter_code   
;STAREQPIFSTRAHVFQIDPATKRNWIPAGKHALTVSYFYDATRNVYRIISIGGAKAIINSTVTPNMTFTKTSQKFGQWA
DSRANTVYGLGFASEQHLTQFAEKFQEVKEAARLARE
;
_struct_ref.pdbx_align_begin           2 
_struct_ref.pdbx_db_isoform            ? 
# 
_struct_ref_seq.align_id                      1 
_struct_ref_seq.ref_id                        1 
_struct_ref_seq.pdbx_PDB_id_code              2P8V 
_struct_ref_seq.pdbx_strand_id                A 
_struct_ref_seq.seq_align_beg                 1 
_struct_ref_seq.pdbx_seq_align_beg_ins_code   ? 
_struct_ref_seq.seq_align_end                 117 
_struct_ref_seq.pdbx_seq_align_end_ins_code   ? 
_struct_ref_seq.pdbx_db_accession             Q9NSC5 
_struct_ref_seq.db_align_beg                  2 
_struct_ref_seq.pdbx_db_align_beg_ins_code    ? 
_struct_ref_seq.db_align_end                  118 
_struct_ref_seq.pdbx_db_align_end_ins_code    ? 
_struct_ref_seq.pdbx_auth_seq_align_beg       5 
_struct_ref_seq.pdbx_auth_seq_align_end       121 
# 
loop_
_chem_comp.id 
_chem_comp.type 
_chem_comp.mon_nstd_flag 
_chem_comp.name 
_chem_comp.pdbx_synonyms 
_chem_comp.formula 
_chem_comp.formula_weight 
ALA 'L-peptide linking' y ALANINE         ? 'C3 H7 N O2'     89.093  
ARG 'L-peptide linking' y ARGININE        ? 'C6 H15 N4 O2 1' 175.209 
ASN 'L-peptide linking' y ASPARAGINE      ? 'C4 H8 N2 O3'    132.118 
ASP 'L-peptide linking' y 'ASPARTIC ACID' ? 'C4 H7 N O4'     133.103 
GLN 'L-peptide linking' y GLUTAMINE       ? 'C5 H10 N2 O3'   146.144 
GLU 'L-peptide linking' y 'GLUTAMIC ACID' ? 'C5 H9 N O4'     147.129 
GLY 'peptide linking'   y GLYCINE         ? 'C2 H5 N O2'     75.067  
HIS 'L-peptide linking' y HISTIDINE       ? 'C6 H10 N3 O2 1' 156.162 
HOH non-polymer         . WATER           ? 'H2 O'           18.015  
ILE 'L-peptide linking' y ISOLEUCINE      ? 'C6 H13 N O2'    131.173 
LEU 'L-peptide linking' y LEUCINE         ? 'C6 H13 N O2'    131.173 
LYS 'L-peptide linking' y LYSINE          ? 'C6 H15 N2 O2 1' 147.195 
MET 'L-peptide linking' y METHIONINE      ? 'C5 H11 N O2 S'  149.211 
PHE 'L-peptide linking' y PHENYLALANINE   ? 'C9 H11 N O2'    165.189 
PRO 'L-peptide linking' y PROLINE         ? 'C5 H9 N O2'     115.130 
SER 'L-peptide linking' y SERINE          ? 'C3 H7 N O3'     105.093 
SO4 non-polymer         . 'SULFATE ION'   ? 'O4 S -2'        96.063  
THR 'L-peptide linking' y THREONINE       ? 'C4 H9 N O3'     119.119 
TRP 'L-peptide linking' y TRYPTOPHAN      ? 'C11 H12 N2 O2'  204.225 
TYR 'L-peptide linking' y TYROSINE        ? 'C9 H11 N O3'    181.189 
VAL 'L-peptide linking' y VALINE          ? 'C5 H11 N O2'    117.146 
# 
_exptl.crystals_number   1 
_exptl.entry_id          2P8V 
_exptl.method            'X-RAY DIFFRACTION' 
# 
_exptl_crystal.id                    1 
_exptl_crystal.density_Matthews      2.16 
_exptl_crystal.density_meas          ? 
_exptl_crystal.density_percent_sol   43.14 
_exptl_crystal.description           ? 
_exptl_crystal.F_000                 ? 
_exptl_crystal.preparation           ? 
# 
_exptl_crystal_grow.crystal_id      1 
_exptl_crystal_grow.method          'VAPOR DIFFUSION, HANGING DROP' 
_exptl_crystal_grow.pH              7.4 
_exptl_crystal_grow.temp            293 
_exptl_crystal_grow.temp_details    ? 
_exptl_crystal_grow.pdbx_details    
'0.2M HEPES pH 7.0-7.4, 30% PEG3350, 105 mM ammonium sulfate, VAPOR DIFFUSION, HANGING DROP, temperature 293K' 
_exptl_crystal_grow.pdbx_pH_range   . 
# 
_diffrn.id                     1 
_diffrn.ambient_temp           100 
_diffrn.ambient_temp_details   ? 
_diffrn.crystal_id             1 
# 
_diffrn_detector.diffrn_id              1 
_diffrn_detector.detector               CCD 
_diffrn_detector.type                   'ADSC QUANTUM 4' 
_diffrn_detector.pdbx_collection_date   2003-09-13 
_diffrn_detector.details                ? 
# 
_diffrn_radiation.diffrn_id                        1 
_diffrn_radiation.wavelength_id                    1 
_diffrn_radiation.pdbx_diffrn_protocol             'SINGLE WAVELENGTH' 
_diffrn_radiation.monochromator                    ? 
_diffrn_radiation.pdbx_monochromatic_or_laue_m_l   M 
_diffrn_radiation.pdbx_scattering_type             x-ray 
# 
_diffrn_radiation_wavelength.id           1 
_diffrn_radiation_wavelength.wavelength   1.5418 
_diffrn_radiation_wavelength.wt           1.0 
# 
_diffrn_source.diffrn_id                   1 
_diffrn_source.source                      'ROTATING ANODE' 
_diffrn_source.type                        RIGAKU 
_diffrn_source.pdbx_wavelength             ? 
_diffrn_source.pdbx_wavelength_list        1.5418 
_diffrn_source.pdbx_synchrotron_site       ? 
_diffrn_source.pdbx_synchrotron_beamline   ? 
# 
_reflns.entry_id                     2P8V 
_reflns.d_resolution_high            1.850 
_reflns.d_resolution_low             30.000 
_reflns.number_obs                   10075 
_reflns.pdbx_Rmerge_I_obs            0.078 
_reflns.pdbx_netI_over_sigmaI        20.300 
_reflns.pdbx_chi_squared             1.010 
_reflns.percent_possible_obs         98.800 
_reflns.observed_criterion_sigma_F   ? 
_reflns.observed_criterion_sigma_I   ? 
_reflns.number_all                   ? 
_reflns.pdbx_Rsym_value              ? 
_reflns.B_iso_Wilson_estimate        ? 
_reflns.pdbx_redundancy              ? 
_reflns.R_free_details               ? 
_reflns.limit_h_max                  ? 
_reflns.limit_h_min                  ? 
_reflns.limit_k_max                  ? 
_reflns.limit_k_min                  ? 
_reflns.limit_l_max                  ? 
_reflns.limit_l_min                  ? 
_reflns.observed_criterion_F_max     ? 
_reflns.observed_criterion_F_min     ? 
_reflns.pdbx_scaling_rejects         ? 
_reflns.pdbx_diffrn_id               1 
_reflns.pdbx_ordinal                 1 
# 
_reflns_shell.d_res_high             1.85 
_reflns_shell.d_res_low              1.92 
_reflns_shell.number_measured_obs    ? 
_reflns_shell.number_measured_all    ? 
_reflns_shell.number_unique_obs      ? 
_reflns_shell.Rmerge_I_obs           0.493 
_reflns_shell.meanI_over_sigI_obs    ? 
_reflns_shell.pdbx_Rsym_value        ? 
_reflns_shell.pdbx_chi_squared       1.082 
_reflns_shell.pdbx_redundancy        ? 
_reflns_shell.percent_possible_obs   ? 
_reflns_shell.number_unique_all      930 
_reflns_shell.percent_possible_all   94.00 
_reflns_shell.pdbx_diffrn_id         ? 
_reflns_shell.pdbx_ordinal           1 
# 
_refine.entry_id                                 2P8V 
_refine.ls_d_res_high                            1.850 
_refine.ls_d_res_low                             30.000 
_refine.pdbx_ls_sigma_F                          0.00 
_refine.ls_percent_reflns_obs                    96.000 
_refine.ls_number_reflns_obs                     9808 
_refine.ls_R_factor_R_work                       0.222 
_refine.ls_R_factor_R_free                       0.264 
_refine.ls_percent_reflns_R_free                 10.000 
_refine.ls_number_reflns_R_free                  1018 
_refine.B_iso_mean                               26.706 
_refine.solvent_model_param_bsol                 38.076 
_refine.aniso_B[1][1]                            -0.090 
_refine.aniso_B[2][2]                            -0.090 
_refine.aniso_B[3][3]                            0.180 
_refine.aniso_B[1][2]                            -0.703 
_refine.aniso_B[1][3]                            0.000 
_refine.aniso_B[2][3]                            0.000 
_refine.pdbx_ls_sigma_I                          ? 
_refine.ls_number_reflns_all                     ? 
_refine.ls_R_factor_all                          ? 
_refine.ls_R_factor_obs                          ? 
_refine.ls_redundancy_reflns_obs                 ? 
_refine.pdbx_data_cutoff_high_absF               ? 
_refine.pdbx_data_cutoff_low_absF                ? 
_refine.ls_number_parameters                     ? 
_refine.ls_number_restraints                     ? 
_refine.ls_R_factor_R_free_error                 ? 
_refine.ls_R_factor_R_free_error_details         ? 
_refine.pdbx_method_to_determine_struct          'MOLECULAR REPLACEMENT' 
_refine.pdbx_starting_model                      1DDW 
_refine.pdbx_ls_cross_valid_method               ? 
_refine.pdbx_R_Free_selection_details            ? 
_refine.pdbx_stereochem_target_val_spec_case     ? 
_refine.pdbx_stereochemistry_target_values       ? 
_refine.solvent_model_details                    ? 
_refine.solvent_model_param_ksol                 ? 
_refine.occupancy_max                            ? 
_refine.occupancy_min                            ? 
_refine.pdbx_isotropic_thermal_model             ? 
_refine.details                                  ? 
_refine.B_iso_min                                ? 
_refine.B_iso_max                                ? 
_refine.correlation_coeff_Fo_to_Fc               ? 
_refine.correlation_coeff_Fo_to_Fc_free          ? 
_refine.pdbx_solvent_vdw_probe_radii             ? 
_refine.pdbx_solvent_ion_probe_radii             ? 
_refine.pdbx_solvent_shrinkage_radii             ? 
_refine.overall_SU_R_Cruickshank_DPI             ? 
_refine.overall_SU_R_free                        ? 
_refine.overall_SU_ML                            ? 
_refine.overall_SU_B                             ? 
_refine.pdbx_overall_ESU_R_Free                  ? 
_refine.pdbx_data_cutoff_high_rms_absF           ? 
_refine.ls_wR_factor_R_free                      ? 
_refine.ls_wR_factor_R_work                      ? 
_refine.overall_FOM_free_R_set                   ? 
_refine.overall_FOM_work_R_set                   ? 
_refine.pdbx_overall_phase_error                 ? 
_refine.pdbx_refine_id                           'X-RAY DIFFRACTION' 
_refine.pdbx_overall_ESU_R                       ? 
_refine.pdbx_diffrn_id                           1 
_refine.pdbx_TLS_residual_ADP_flag               ? 
_refine.pdbx_overall_SU_R_free_Cruickshank_DPI   ? 
_refine.pdbx_overall_SU_R_Blow_DPI               ? 
_refine.pdbx_overall_SU_R_free_Blow_DPI          ? 
# 
_refine_hist.pdbx_refine_id                   'X-RAY DIFFRACTION' 
_refine_hist.cycle_id                         LAST 
_refine_hist.pdbx_number_atoms_protein        940 
_refine_hist.pdbx_number_atoms_nucleic_acid   0 
_refine_hist.pdbx_number_atoms_ligand         5 
_refine_hist.number_atoms_solvent             74 
_refine_hist.number_atoms_total               1019 
_refine_hist.d_res_high                       1.850 
_refine_hist.d_res_low                        30.000 
# 
loop_
_refine_ls_restr.type 
_refine_ls_restr.number 
_refine_ls_restr.dev_ideal 
_refine_ls_restr.dev_ideal_target 
_refine_ls_restr.weight 
_refine_ls_restr.pdbx_refine_id 
_refine_ls_restr.pdbx_restraint_function 
c_bond_d     ? 0.006 ?     ? 'X-RAY DIFFRACTION' ? 
c_angle_d    ? 1.311 ?     ? 'X-RAY DIFFRACTION' ? 
c_mcbond_it  ? 2.614 1.500 ? 'X-RAY DIFFRACTION' ? 
c_scbond_it  ? 4.030 2.000 ? 'X-RAY DIFFRACTION' ? 
c_mcangle_it ? 3.600 2.000 ? 'X-RAY DIFFRACTION' ? 
c_scangle_it ? 5.579 2.500 ? 'X-RAY DIFFRACTION' ? 
# 
loop_
_pdbx_xplor_file.serial_no 
_pdbx_xplor_file.param_file 
_pdbx_xplor_file.topol_file 
_pdbx_xplor_file.pdbx_refine_id 
1 protein_rep.param protein.top 'X-RAY DIFFRACTION' 
2 dna-rna_rep.param dna-rna.top 'X-RAY DIFFRACTION' 
3 water_rep.param   water.top   'X-RAY DIFFRACTION' 
4 ion.param         ion.top     'X-RAY DIFFRACTION' 
5 sulf.param        sulf.top    'X-RAY DIFFRACTION' 
# 
_struct.entry_id                  2P8V 
_struct.title                     'Crystal structure of human Homer3 EVH1 domain' 
_struct.pdbx_model_details        ? 
_struct.pdbx_CASP_flag            ? 
_struct.pdbx_model_type_details   ? 
# 
_struct_keywords.entry_id        2P8V 
_struct_keywords.pdbx_keywords   'SIGNALING PROTEIN' 
_struct_keywords.text            'Homer3, EVH1 domain, SIGNALING PROTEIN' 
# 
loop_
_struct_asym.id 
_struct_asym.pdbx_blank_PDB_chainid_flag 
_struct_asym.pdbx_modified 
_struct_asym.entity_id 
_struct_asym.details 
A N N 1 ? 
B N N 2 ? 
C N N 3 ? 
# 
_struct_biol.id        1 
_struct_biol.details   ? 
# 
_struct_conf.conf_type_id            HELX_P 
_struct_conf.id                      HELX_P1 
_struct_conf.pdbx_PDB_helix_id       1 
_struct_conf.beg_label_comp_id       SER 
_struct_conf.beg_label_asym_id       A 
_struct_conf.beg_label_seq_id        94 
_struct_conf.pdbx_beg_PDB_ins_code   ? 
_struct_conf.end_label_comp_id       GLU 
_struct_conf.end_label_asym_id       A 
_struct_conf.end_label_seq_id        117 
_struct_conf.pdbx_end_PDB_ins_code   ? 
_struct_conf.beg_auth_comp_id        SER 
_struct_conf.beg_auth_asym_id        A 
_struct_conf.beg_auth_seq_id         98 
_struct_conf.end_auth_comp_id        GLU 
_struct_conf.end_auth_asym_id        A 
_struct_conf.end_auth_seq_id         121 
_struct_conf.pdbx_PDB_helix_class    1 
_struct_conf.details                 ? 
_struct_conf.pdbx_PDB_helix_length   24 
# 
_struct_conf_type.id          HELX_P 
_struct_conf_type.criteria    ? 
_struct_conf_type.reference   ? 
# 
loop_
_struct_sheet.id 
_struct_sheet.type 
_struct_sheet.number_strands 
_struct_sheet.details 
A ? 5 ? 
B ? 5 ? 
# 
loop_
_struct_sheet_order.sheet_id 
_struct_sheet_order.range_id_1 
_struct_sheet_order.range_id_2 
_struct_sheet_order.offset 
_struct_sheet_order.sense 
A 1 2 ? anti-parallel 
A 2 3 ? anti-parallel 
A 3 4 ? anti-parallel 
A 4 5 ? anti-parallel 
B 1 2 ? anti-parallel 
B 2 3 ? anti-parallel 
B 3 4 ? anti-parallel 
B 4 5 ? anti-parallel 
# 
loop_
_struct_sheet_range.sheet_id 
_struct_sheet_range.id 
_struct_sheet_range.beg_label_comp_id 
_struct_sheet_range.beg_label_asym_id 
_struct_sheet_range.beg_label_seq_id 
_struct_sheet_range.pdbx_beg_PDB_ins_code 
_struct_sheet_range.end_label_comp_id 
_struct_sheet_range.end_label_asym_id 
_struct_sheet_range.end_label_seq_id 
_struct_sheet_range.pdbx_end_PDB_ins_code 
_struct_sheet_range.beg_auth_comp_id 
_struct_sheet_range.beg_auth_asym_id 
_struct_sheet_range.beg_auth_seq_id 
_struct_sheet_range.end_auth_comp_id 
_struct_sheet_range.end_auth_asym_id 
_struct_sheet_range.end_auth_seq_id 
A 1 TRP A 26 ? PRO A 28 ? TRP A 30 PRO A 32 
A 2 GLU A 5  ? ILE A 18 ? GLU A 9  ILE A 22 
A 3 LEU A 34 ? ASP A 41 ? LEU A 38 ASP A 45 
A 4 VAL A 46 ? GLY A 53 ? VAL A 50 GLY A 57 
A 5 LYS A 56 ? THR A 62 ? LYS A 60 THR A 66 
B 1 TRP A 26 ? PRO A 28 ? TRP A 30 PRO A 32 
B 2 GLU A 5  ? ILE A 18 ? GLU A 9  ILE A 22 
B 3 THR A 86 ? GLY A 91 ? THR A 90 GLY A 95 
B 4 PHE A 76 ? ASP A 81 ? PHE A 80 ASP A 85 
B 5 PHE A 69 ? LYS A 71 ? PHE A 73 LYS A 75 
# 
loop_
_pdbx_struct_sheet_hbond.sheet_id 
_pdbx_struct_sheet_hbond.range_id_1 
_pdbx_struct_sheet_hbond.range_id_2 
_pdbx_struct_sheet_hbond.range_1_label_atom_id 
_pdbx_struct_sheet_hbond.range_1_label_comp_id 
_pdbx_struct_sheet_hbond.range_1_label_asym_id 
_pdbx_struct_sheet_hbond.range_1_label_seq_id 
_pdbx_struct_sheet_hbond.range_1_PDB_ins_code 
_pdbx_struct_sheet_hbond.range_1_auth_atom_id 
_pdbx_struct_sheet_hbond.range_1_auth_comp_id 
_pdbx_struct_sheet_hbond.range_1_auth_asym_id 
_pdbx_struct_sheet_hbond.range_1_auth_seq_id 
_pdbx_struct_sheet_hbond.range_2_label_atom_id 
_pdbx_struct_sheet_hbond.range_2_label_comp_id 
_pdbx_struct_sheet_hbond.range_2_label_asym_id 
_pdbx_struct_sheet_hbond.range_2_label_seq_id 
_pdbx_struct_sheet_hbond.range_2_PDB_ins_code 
_pdbx_struct_sheet_hbond.range_2_auth_atom_id 
_pdbx_struct_sheet_hbond.range_2_auth_comp_id 
_pdbx_struct_sheet_hbond.range_2_auth_asym_id 
_pdbx_struct_sheet_hbond.range_2_auth_seq_id 
A 1 2 O ILE A 27 ? O ILE A 31 N GLN A 17 ? N GLN A 21 
A 2 3 N ALA A 13 ? N ALA A 17 O LEU A 34 ? O LEU A 38 
A 3 4 N ASP A 41 ? N ASP A 45 O VAL A 46 ? O VAL A 50 
A 4 5 N GLY A 53 ? N GLY A 57 O LYS A 56 ? O LYS A 60 
B 1 2 O ILE A 27 ? O ILE A 31 N GLN A 17 ? N GLN A 21 
B 2 3 N PHE A 16 ? N PHE A 20 O GLY A 89 ? O GLY A 93 
B 3 4 O THR A 86 ? O THR A 90 N ASP A 81 ? N ASP A 85 
B 4 5 O GLN A 78 ? O GLN A 82 N THR A 70 ? N THR A 74 
# 
_struct_site.id                   AC1 
_struct_site.pdbx_evidence_code   Software 
_struct_site.pdbx_auth_asym_id    A 
_struct_site.pdbx_auth_comp_id    SO4 
_struct_site.pdbx_auth_seq_id     122 
_struct_site.pdbx_auth_ins_code   ? 
_struct_site.pdbx_num_residues    6 
_struct_site.details              'BINDING SITE FOR RESIDUE SO4 A 122' 
# 
loop_
_struct_site_gen.id 
_struct_site_gen.site_id 
_struct_site_gen.pdbx_num_res 
_struct_site_gen.label_comp_id 
_struct_site_gen.label_asym_id 
_struct_site_gen.label_seq_id 
_struct_site_gen.pdbx_auth_ins_code 
_struct_site_gen.auth_comp_id 
_struct_site_gen.auth_asym_id 
_struct_site_gen.auth_seq_id 
_struct_site_gen.label_atom_id 
_struct_site_gen.label_alt_id 
_struct_site_gen.symmetry 
_struct_site_gen.details 
1 AC1 6 THR A 64  ? THR A 68  . ? 1_555 ? 
2 AC1 6 PRO A 65  ? PRO A 69  . ? 1_555 ? 
3 AC1 6 ASN A 66  ? ASN A 70  . ? 1_555 ? 
4 AC1 6 THR A 68  ? THR A 72  . ? 5_555 ? 
5 AC1 6 ARG A 83  ? ARG A 87  . ? 1_555 ? 
6 AC1 6 ARG A 116 ? ARG A 120 . ? 1_555 ? 
# 
_atom_sites.entry_id                    2P8V 
_atom_sites.fract_transf_matrix[1][1]   -0.01134846 
_atom_sites.fract_transf_matrix[1][2]   -0.02034163 
_atom_sites.fract_transf_matrix[1][3]   0.00149955 
_atom_sites.fract_transf_matrix[2][1]   -0.01776367 
_atom_sites.fract_transf_matrix[2][2]   -0.00237934 
_atom_sites.fract_transf_matrix[2][3]   0.01495302 
_atom_sites.fract_transf_matrix[3][1]   -0.00789387 
_atom_sites.fract_transf_matrix[3][2]   0.00375670 
_atom_sites.fract_transf_matrix[3][3]   -0.00877987 
_atom_sites.fract_transf_vector[1]      0.818754 
_atom_sites.fract_transf_vector[2]      0.274035 
_atom_sites.fract_transf_vector[3]      0.059500 
# 
loop_
_atom_type.symbol 
C 
N 
O 
S 
# 
loop_
_atom_site.group_PDB 
_atom_site.id 
_atom_site.type_symbol 
_atom_site.label_atom_id 
_atom_site.label_alt_id 
_atom_site.label_comp_id 
_atom_site.label_asym_id 
_atom_site.label_entity_id 
_atom_site.label_seq_id 
_atom_site.pdbx_PDB_ins_code 
_atom_site.Cartn_x 
_atom_site.Cartn_y 
_atom_site.Cartn_z 
_atom_site.occupancy 
_atom_site.B_iso_or_equiv 
_atom_site.pdbx_formal_charge 
_atom_site.auth_seq_id 
_atom_site.auth_comp_id 
_atom_site.auth_asym_id 
_atom_site.auth_atom_id 
_atom_site.pdbx_PDB_model_num 
ATOM   1    N N   . SER A 1 1   ? -12.582 -18.360 2.469   1.00 45.88 ? 5   SER A N   1 
ATOM   2    C CA  . SER A 1 1   ? -12.118 -18.057 1.082   1.00 44.26 ? 5   SER A CA  1 
ATOM   3    C C   . SER A 1 1   ? -13.247 -17.451 0.254   1.00 43.38 ? 5   SER A C   1 
ATOM   4    O O   . SER A 1 1   ? -13.001 -16.777 -0.742  1.00 44.25 ? 5   SER A O   1 
ATOM   5    C CB  . SER A 1 1   ? -11.614 -19.333 0.403   1.00 45.59 ? 5   SER A CB  1 
ATOM   6    O OG  . SER A 1 1   ? -10.744 -20.057 1.256   1.00 48.51 ? 5   SER A OG  1 
ATOM   7    N N   . THR A 1 2   ? -14.485 -17.712 0.668   1.00 41.17 ? 6   THR A N   1 
ATOM   8    C CA  . THR A 1 2   ? -15.667 -17.196 -0.015  1.00 36.79 ? 6   THR A CA  1 
ATOM   9    C C   . THR A 1 2   ? -16.078 -15.817 0.522   1.00 33.73 ? 6   THR A C   1 
ATOM   10   O O   . THR A 1 2   ? -17.114 -15.270 0.138   1.00 31.38 ? 6   THR A O   1 
ATOM   11   C CB  . THR A 1 2   ? -16.862 -18.186 0.116   1.00 39.82 ? 6   THR A CB  1 
ATOM   12   O OG1 . THR A 1 2   ? -18.098 -17.479 -0.038  1.00 41.19 ? 6   THR A OG1 1 
ATOM   13   C CG2 . THR A 1 2   ? -16.848 -18.877 1.466   1.00 30.95 ? 6   THR A CG2 1 
ATOM   14   N N   . ALA A 1 3   ? -15.254 -15.252 1.399   1.00 31.59 ? 7   ALA A N   1 
ATOM   15   C CA  . ALA A 1 3   ? -15.531 -13.941 1.982   1.00 29.02 ? 7   ALA A CA  1 
ATOM   16   C C   . ALA A 1 3   ? -15.618 -12.832 0.936   1.00 28.81 ? 7   ALA A C   1 
ATOM   17   O O   . ALA A 1 3   ? -15.026 -12.934 -0.145  1.00 24.23 ? 7   ALA A O   1 
ATOM   18   C CB  . ALA A 1 3   ? -14.457 -13.596 3.005   1.00 30.36 ? 7   ALA A CB  1 
ATOM   19   N N   . ARG A 1 4   ? -16.366 -11.777 1.264   1.00 27.33 ? 8   ARG A N   1 
ATOM   20   C CA  . ARG A 1 4   ? -16.522 -10.622 0.373   1.00 29.02 ? 8   ARG A CA  1 
ATOM   21   C C   . ARG A 1 4   ? -15.165 -9.926  0.273   1.00 27.52 ? 8   ARG A C   1 
ATOM   22   O O   . ARG A 1 4   ? -14.756 -9.458  -0.791  1.00 28.83 ? 8   ARG A O   1 
ATOM   23   C CB  . ARG A 1 4   ? -17.530 -9.623  0.947   1.00 30.24 ? 8   ARG A CB  1 
ATOM   24   C CG  . ARG A 1 4   ? -18.953 -10.136 1.088   1.00 39.39 ? 8   ARG A CG  1 
ATOM   25   C CD  . ARG A 1 4   ? -19.828 -9.095  1.787   1.00 38.96 ? 8   ARG A CD  1 
ATOM   26   N NE  . ARG A 1 4   ? -21.230 -9.496  1.868   1.00 37.69 ? 8   ARG A NE  1 
ATOM   27   C CZ  . ARG A 1 4   ? -21.670 -10.580 2.500   1.00 39.21 ? 8   ARG A CZ  1 
ATOM   28   N NH1 . ARG A 1 4   ? -20.821 -11.390 3.121   1.00 33.10 ? 8   ARG A NH1 1 
ATOM   29   N NH2 . ARG A 1 4   ? -22.966 -10.858 2.508   1.00 39.25 ? 8   ARG A NH2 1 
ATOM   30   N N   . GLU A 1 5   ? -14.486 -9.852  1.411   1.00 20.80 ? 9   GLU A N   1 
ATOM   31   C CA  . GLU A 1 5   ? -13.174 -9.222  1.484   1.00 21.80 ? 9   GLU A CA  1 
ATOM   32   C C   . GLU A 1 5   ? -12.237 -10.230 2.125   1.00 20.66 ? 9   GLU A C   1 
ATOM   33   O O   . GLU A 1 5   ? -12.428 -10.620 3.277   1.00 20.66 ? 9   GLU A O   1 
ATOM   34   C CB  . GLU A 1 5   ? -13.254 -7.955  2.328   1.00 19.64 ? 9   GLU A CB  1 
ATOM   35   C CG  . GLU A 1 5   ? -11.982 -7.147  2.353   1.00 21.57 ? 9   GLU A CG  1 
ATOM   36   C CD  . GLU A 1 5   ? -12.039 -6.036  3.368   1.00 21.64 ? 9   GLU A CD  1 
ATOM   37   O OE1 . GLU A 1 5   ? -12.114 -6.357  4.572   1.00 20.66 ? 9   GLU A OE1 1 
ATOM   38   O OE2 . GLU A 1 5   ? -12.023 -4.849  2.967   1.00 26.62 ? 9   GLU A OE2 1 
ATOM   39   N N   . GLN A 1 6   ? -11.233 -10.661 1.373   1.00 21.17 ? 10  GLN A N   1 
ATOM   40   C CA  . GLN A 1 6   ? -10.288 -11.651 1.866   1.00 22.80 ? 10  GLN A CA  1 
ATOM   41   C C   . GLN A 1 6   ? -8.942  -11.067 2.269   1.00 20.18 ? 10  GLN A C   1 
ATOM   42   O O   . GLN A 1 6   ? -8.252  -10.467 1.452   1.00 23.88 ? 10  GLN A O   1 
ATOM   43   C CB  . GLN A 1 6   ? -10.054 -12.719 0.796   1.00 23.61 ? 10  GLN A CB  1 
ATOM   44   C CG  . GLN A 1 6   ? -11.291 -13.504 0.404   1.00 35.48 ? 10  GLN A CG  1 
ATOM   45   C CD  . GLN A 1 6   ? -11.101 -14.288 -0.886  1.00 36.93 ? 10  GLN A CD  1 
ATOM   46   O OE1 . GLN A 1 6   ? -10.111 -14.996 -1.057  1.00 37.61 ? 10  GLN A OE1 1 
ATOM   47   N NE2 . GLN A 1 6   ? -12.059 -14.167 -1.797  1.00 39.51 ? 10  GLN A NE2 1 
ATOM   48   N N   . PRO A 1 7   ? -8.553  -11.232 3.542   1.00 21.42 ? 11  PRO A N   1 
ATOM   49   C CA  . PRO A 1 7   ? -7.256  -10.699 3.973   1.00 18.82 ? 11  PRO A CA  1 
ATOM   50   C C   . PRO A 1 7   ? -6.178  -11.489 3.247   1.00 19.62 ? 11  PRO A C   1 
ATOM   51   O O   . PRO A 1 7   ? -6.309  -12.699 3.070   1.00 19.18 ? 11  PRO A O   1 
ATOM   52   C CB  . PRO A 1 7   ? -7.256  -10.956 5.474   1.00 17.24 ? 11  PRO A CB  1 
ATOM   53   C CG  . PRO A 1 7   ? -8.103  -12.214 5.600   1.00 22.46 ? 11  PRO A CG  1 
ATOM   54   C CD  . PRO A 1 7   ? -9.244  -11.916 4.651   1.00 22.12 ? 11  PRO A CD  1 
ATOM   55   N N   . ILE A 1 8   ? -5.121  -10.812 2.824   1.00 19.02 ? 12  ILE A N   1 
ATOM   56   C CA  . ILE A 1 8   ? -4.051  -11.474 2.094   1.00 19.99 ? 12  ILE A CA  1 
ATOM   57   C C   . ILE A 1 8   ? -2.731  -11.448 2.841   1.00 18.82 ? 12  ILE A C   1 
ATOM   58   O O   . ILE A 1 8   ? -2.058  -12.470 2.974   1.00 20.67 ? 12  ILE A O   1 
ATOM   59   C CB  . ILE A 1 8   ? -3.808  -10.795 0.703   1.00 15.87 ? 12  ILE A CB  1 
ATOM   60   C CG1 . ILE A 1 8   ? -5.059  -10.899 -0.174  1.00 21.87 ? 12  ILE A CG1 1 
ATOM   61   C CG2 . ILE A 1 8   ? -2.610  -11.427 0.015   1.00 16.99 ? 12  ILE A CG2 1 
ATOM   62   C CD1 . ILE A 1 8   ? -5.478  -12.318 -0.516  1.00 30.18 ? 12  ILE A CD1 1 
ATOM   63   N N   . PHE A 1 9   ? -2.378  -10.267 3.333   1.00 17.16 ? 13  PHE A N   1 
ATOM   64   C CA  . PHE A 1 9   ? -1.099  -10.045 3.999   1.00 18.53 ? 13  PHE A CA  1 
ATOM   65   C C   . PHE A 1 9   ? -1.218  -8.813  4.904   1.00 19.54 ? 13  PHE A C   1 
ATOM   66   O O   . PHE A 1 9   ? -1.878  -7.835  4.551   1.00 19.86 ? 13  PHE A O   1 
ATOM   67   C CB  . PHE A 1 9   ? -0.057  -9.835  2.891   1.00 16.24 ? 13  PHE A CB  1 
ATOM   68   C CG  . PHE A 1 9   ? 1.247   -9.218  3.343   1.00 21.73 ? 13  PHE A CG  1 
ATOM   69   C CD1 . PHE A 1 9   ? 2.430   -9.955  3.297   1.00 23.17 ? 13  PHE A CD1 1 
ATOM   70   C CD2 . PHE A 1 9   ? 1.308   -7.887  3.739   1.00 18.32 ? 13  PHE A CD2 1 
ATOM   71   C CE1 . PHE A 1 9   ? 3.652   -9.372  3.635   1.00 22.82 ? 13  PHE A CE1 1 
ATOM   72   C CE2 . PHE A 1 9   ? 2.528   -7.294  4.080   1.00 23.44 ? 13  PHE A CE2 1 
ATOM   73   C CZ  . PHE A 1 9   ? 3.700   -8.040  4.025   1.00 20.23 ? 13  PHE A CZ  1 
ATOM   74   N N   . SER A 1 10  ? -0.602  -8.877  6.079   1.00 16.08 ? 14  SER A N   1 
ATOM   75   C CA  . SER A 1 10  ? -0.613  -7.764  7.025   1.00 15.95 ? 14  SER A CA  1 
ATOM   76   C C   . SER A 1 10  ? 0.769   -7.593  7.648   1.00 17.23 ? 14  SER A C   1 
ATOM   77   O O   . SER A 1 10  ? 1.463   -8.570  7.936   1.00 15.36 ? 14  SER A O   1 
ATOM   78   C CB  . SER A 1 10  ? -1.623  -7.997  8.160   1.00 17.07 ? 14  SER A CB  1 
ATOM   79   O OG  . SER A 1 10  ? -2.972  -7.939  7.707   1.00 20.88 ? 14  SER A OG  1 
ATOM   80   N N   . THR A 1 11  ? 1.157   -6.342  7.856   1.00 13.99 ? 15  THR A N   1 
ATOM   81   C CA  . THR A 1 11  ? 2.431   -6.027  8.481   1.00 15.57 ? 15  THR A CA  1 
ATOM   82   C C   . THR A 1 11  ? 2.279   -4.692  9.201   1.00 16.86 ? 15  THR A C   1 
ATOM   83   O O   . THR A 1 11  ? 1.215   -4.079  9.155   1.00 16.67 ? 15  THR A O   1 
ATOM   84   C CB  . THR A 1 11  ? 3.577   -5.926  7.446   1.00 20.99 ? 15  THR A CB  1 
ATOM   85   O OG1 . THR A 1 11  ? 4.809   -5.667  8.133   1.00 20.20 ? 15  THR A OG1 1 
ATOM   86   C CG2 . THR A 1 11  ? 3.314   -4.806  6.451   1.00 14.56 ? 15  THR A CG2 1 
ATOM   87   N N   . ARG A 1 12  ? 3.334   -4.250  9.877   1.00 15.86 ? 16  ARG A N   1 
ATOM   88   C CA  . ARG A 1 12  ? 3.292   -2.984  10.601  1.00 16.48 ? 16  ARG A CA  1 
ATOM   89   C C   . ARG A 1 12  ? 4.263   -2.012  9.952   1.00 15.13 ? 16  ARG A C   1 
ATOM   90   O O   . ARG A 1 12  ? 5.292   -2.423  9.421   1.00 17.02 ? 16  ARG A O   1 
ATOM   91   C CB  . ARG A 1 12  ? 3.684   -3.206  12.067  1.00 18.73 ? 16  ARG A CB  1 
ATOM   92   C CG  . ARG A 1 12  ? 2.759   -4.162  12.824  1.00 27.22 ? 16  ARG A CG  1 
ATOM   93   C CD  . ARG A 1 12  ? 1.447   -3.497  13.212  1.00 25.36 ? 16  ARG A CD  1 
ATOM   94   N NE  . ARG A 1 12  ? 1.658   -2.421  14.177  1.00 28.60 ? 16  ARG A NE  1 
ATOM   95   C CZ  . ARG A 1 12  ? 0.685   -1.696  14.720  1.00 26.59 ? 16  ARG A CZ  1 
ATOM   96   N NH1 . ARG A 1 12  ? -0.584  -1.927  14.398  1.00 26.48 ? 16  ARG A NH1 1 
ATOM   97   N NH2 . ARG A 1 12  ? 0.978   -0.733  15.585  1.00 24.22 ? 16  ARG A NH2 1 
ATOM   98   N N   . ALA A 1 13  ? 3.937   -0.725  9.996   1.00 13.33 ? 17  ALA A N   1 
ATOM   99   C CA  . ALA A 1 13  ? 4.797   0.290   9.408   1.00 14.54 ? 17  ALA A CA  1 
ATOM   100  C C   . ALA A 1 13  ? 4.301   1.684   9.745   1.00 14.66 ? 17  ALA A C   1 
ATOM   101  O O   . ALA A 1 13  ? 3.122   1.876   10.052  1.00 12.88 ? 17  ALA A O   1 
ATOM   102  C CB  . ALA A 1 13  ? 4.841   0.117   7.890   1.00 12.19 ? 17  ALA A CB  1 
ATOM   103  N N   . HIS A 1 14  ? 5.209   2.653   9.727   1.00 13.60 ? 18  HIS A N   1 
ATOM   104  C CA  . HIS A 1 14  ? 4.812   4.039   9.956   1.00 17.11 ? 18  HIS A CA  1 
ATOM   105  C C   . HIS A 1 14  ? 4.426   4.535   8.579   1.00 16.49 ? 18  HIS A C   1 
ATOM   106  O O   . HIS A 1 14  ? 5.127   4.274   7.602   1.00 16.60 ? 18  HIS A O   1 
ATOM   107  C CB  . HIS A 1 14  ? 5.957   4.887   10.516  1.00 15.87 ? 18  HIS A CB  1 
ATOM   108  C CG  . HIS A 1 14  ? 6.187   4.687   11.983  1.00 18.64 ? 18  HIS A CG  1 
ATOM   109  N ND1 . HIS A 1 14  ? 6.854   3.595   12.491  1.00 17.30 ? 18  HIS A ND1 1 
ATOM   110  C CD2 . HIS A 1 14  ? 5.822   5.436   13.050  1.00 13.18 ? 18  HIS A CD2 1 
ATOM   111  C CE1 . HIS A 1 14  ? 6.896   3.682   13.808  1.00 13.44 ? 18  HIS A CE1 1 
ATOM   112  N NE2 . HIS A 1 14  ? 6.276   4.789   14.174  1.00 16.12 ? 18  HIS A NE2 1 
ATOM   113  N N   . VAL A 1 15  ? 3.318   5.259   8.505   1.00 14.30 ? 19  VAL A N   1 
ATOM   114  C CA  . VAL A 1 15  ? 2.816   5.742   7.229   1.00 17.83 ? 19  VAL A CA  1 
ATOM   115  C C   . VAL A 1 15  ? 3.112   7.217   6.985   1.00 21.03 ? 19  VAL A C   1 
ATOM   116  O O   . VAL A 1 15  ? 3.090   8.023   7.910   1.00 15.15 ? 19  VAL A O   1 
ATOM   117  C CB  . VAL A 1 15  ? 1.285   5.511   7.133   1.00 17.13 ? 19  VAL A CB  1 
ATOM   118  C CG1 . VAL A 1 15  ? 0.780   5.878   5.729   1.00 13.62 ? 19  VAL A CG1 1 
ATOM   119  C CG2 . VAL A 1 15  ? 0.964   4.059   7.446   1.00 15.21 ? 19  VAL A CG2 1 
ATOM   120  N N   . PHE A 1 16  ? 3.402   7.557   5.731   1.00 22.19 ? 20  PHE A N   1 
ATOM   121  C CA  . PHE A 1 16  ? 3.675   8.940   5.355   1.00 17.07 ? 20  PHE A CA  1 
ATOM   122  C C   . PHE A 1 16  ? 3.038   9.236   4.002   1.00 14.43 ? 20  PHE A C   1 
ATOM   123  O O   . PHE A 1 16  ? 2.606   8.329   3.283   1.00 17.07 ? 20  PHE A O   1 
ATOM   124  C CB  . PHE A 1 16  ? 5.189   9.211   5.251   1.00 17.42 ? 20  PHE A CB  1 
ATOM   125  C CG  . PHE A 1 16  ? 5.974   8.834   6.479   1.00 15.76 ? 20  PHE A CG  1 
ATOM   126  C CD1 . PHE A 1 16  ? 6.331   7.509   6.714   1.00 16.56 ? 20  PHE A CD1 1 
ATOM   127  C CD2 . PHE A 1 16  ? 6.366   9.806   7.401   1.00 13.44 ? 20  PHE A CD2 1 
ATOM   128  C CE1 . PHE A 1 16  ? 7.065   7.150   7.842   1.00 18.82 ? 20  PHE A CE1 1 
ATOM   129  C CE2 . PHE A 1 16  ? 7.099   9.457   8.533   1.00 18.89 ? 20  PHE A CE2 1 
ATOM   130  C CZ  . PHE A 1 16  ? 7.450   8.125   8.754   1.00 17.13 ? 20  PHE A CZ  1 
ATOM   131  N N   . GLN A 1 17  ? 2.958   10.516  3.662   1.00 19.77 ? 21  GLN A N   1 
ATOM   132  C CA  . GLN A 1 17  ? 2.416   10.934  2.374   1.00 20.44 ? 21  GLN A CA  1 
ATOM   133  C C   . GLN A 1 17  ? 3.166   12.188  1.940   1.00 22.21 ? 21  GLN A C   1 
ATOM   134  O O   . GLN A 1 17  ? 3.479   13.048  2.765   1.00 24.33 ? 21  GLN A O   1 
ATOM   135  C CB  . GLN A 1 17  ? 0.915   11.223  2.468   1.00 24.38 ? 21  GLN A CB  1 
ATOM   136  C CG  . GLN A 1 17  ? 0.049   9.986   2.684   1.00 22.88 ? 21  GLN A CG  1 
ATOM   137  C CD  . GLN A 1 17  ? -1.434  10.293  2.570   1.00 29.85 ? 21  GLN A CD  1 
ATOM   138  O OE1 . GLN A 1 17  ? -1.934  10.633  1.493   1.00 31.14 ? 21  GLN A OE1 1 
ATOM   139  N NE2 . GLN A 1 17  ? -2.146  10.174  3.682   1.00 25.58 ? 21  GLN A NE2 1 
ATOM   140  N N   . ILE A 1 18  ? 3.469   12.277  0.648   1.00 20.93 ? 22  ILE A N   1 
ATOM   141  C CA  . ILE A 1 18  ? 4.192   13.429  0.115   1.00 17.40 ? 22  ILE A CA  1 
ATOM   142  C C   . ILE A 1 18  ? 3.281   14.661  0.182   1.00 18.85 ? 22  ILE A C   1 
ATOM   143  O O   . ILE A 1 18  ? 2.073   14.539  0.005   1.00 20.11 ? 22  ILE A O   1 
ATOM   144  C CB  . ILE A 1 18  ? 4.625   13.167  -1.358  1.00 18.79 ? 22  ILE A CB  1 
ATOM   145  C CG1 . ILE A 1 18  ? 5.862   13.995  -1.698  1.00 22.93 ? 22  ILE A CG1 1 
ATOM   146  C CG2 . ILE A 1 18  ? 3.499   13.511  -2.317  1.00 22.95 ? 22  ILE A CG2 1 
ATOM   147  C CD1 . ILE A 1 18  ? 7.165   13.292  -1.404  1.00 26.03 ? 22  ILE A CD1 1 
ATOM   148  N N   . ASP A 1 19  ? 3.851   15.835  0.447   1.00 18.40 ? 23  ASP A N   1 
ATOM   149  C CA  . ASP A 1 19  ? 3.047   17.048  0.520   1.00 24.33 ? 23  ASP A CA  1 
ATOM   150  C C   . ASP A 1 19  ? 2.468   17.278  -0.864  1.00 22.46 ? 23  ASP A C   1 
ATOM   151  O O   . ASP A 1 19  ? 3.185   17.292  -1.863  1.00 28.05 ? 23  ASP A O   1 
ATOM   152  C CB  . ASP A 1 19  ? 3.893   18.255  0.975   1.00 25.74 ? 23  ASP A CB  1 
ATOM   153  C CG  . ASP A 1 19  ? 4.757   18.834  -0.136  1.00 30.36 ? 23  ASP A CG  1 
ATOM   154  O OD1 . ASP A 1 19  ? 4.297   19.774  -0.824  1.00 30.78 ? 23  ASP A OD1 1 
ATOM   155  O OD2 . ASP A 1 19  ? 5.893   18.348  -0.323  1.00 30.10 ? 23  ASP A OD2 1 
ATOM   156  N N   . PRO A 1 20  ? 1.145   17.451  -0.955  1.00 20.86 ? 24  PRO A N   1 
ATOM   157  C CA  . PRO A 1 20  ? 0.514   17.668  -2.261  1.00 23.25 ? 24  PRO A CA  1 
ATOM   158  C C   . PRO A 1 20  ? 0.922   18.884  -3.098  1.00 23.71 ? 24  PRO A C   1 
ATOM   159  O O   . PRO A 1 20  ? 0.879   18.839  -4.330  1.00 24.05 ? 24  PRO A O   1 
ATOM   160  C CB  . PRO A 1 20  ? -0.968  17.695  -1.922  1.00 23.67 ? 24  PRO A CB  1 
ATOM   161  C CG  . PRO A 1 20  ? -0.990  18.297  -0.545  1.00 28.63 ? 24  PRO A CG  1 
ATOM   162  C CD  . PRO A 1 20  ? 0.147   17.550  0.120   1.00 24.03 ? 24  PRO A CD  1 
ATOM   163  N N   . ALA A 1 21  ? 1.364   19.949  -2.439  1.00 25.40 ? 25  ALA A N   1 
ATOM   164  C CA  . ALA A 1 21  ? 1.779   21.173  -3.138  1.00 24.57 ? 25  ALA A CA  1 
ATOM   165  C C   . ALA A 1 21  ? 3.054   21.030  -3.970  1.00 25.99 ? 25  ALA A C   1 
ATOM   166  O O   . ALA A 1 21  ? 3.050   21.328  -5.168  1.00 28.61 ? 25  ALA A O   1 
ATOM   167  C CB  . ALA A 1 21  ? 1.947   22.321  -2.138  1.00 21.11 ? 25  ALA A CB  1 
ATOM   168  N N   . THR A 1 22  ? 4.119   20.518  -3.356  1.00 24.82 ? 26  THR A N   1 
ATOM   169  C CA  . THR A 1 22  ? 5.394   20.384  -4.053  1.00 28.09 ? 26  THR A CA  1 
ATOM   170  C C   . THR A 1 22  ? 5.900   18.961  -4.280  1.00 28.41 ? 26  THR A C   1 
ATOM   171  O O   . THR A 1 22  ? 6.867   18.753  -5.014  1.00 28.76 ? 26  THR A O   1 
ATOM   172  C CB  . THR A 1 22  ? 6.492   21.138  -3.296  1.00 29.00 ? 26  THR A CB  1 
ATOM   173  O OG1 . THR A 1 22  ? 6.783   20.447  -2.076  1.00 29.92 ? 26  THR A OG1 1 
ATOM   174  C CG2 . THR A 1 22  ? 6.032   22.550  -2.963  1.00 32.30 ? 26  THR A CG2 1 
ATOM   175  N N   . LYS A 1 23  ? 5.274   17.988  -3.628  1.00 25.97 ? 27  LYS A N   1 
ATOM   176  C CA  . LYS A 1 23  ? 5.683   16.595  -3.759  1.00 26.71 ? 27  LYS A CA  1 
ATOM   177  C C   . LYS A 1 23  ? 7.149   16.381  -3.374  1.00 28.13 ? 27  LYS A C   1 
ATOM   178  O O   . LYS A 1 23  ? 7.836   15.535  -3.954  1.00 28.56 ? 27  LYS A O   1 
ATOM   179  C CB  . LYS A 1 23  ? 5.452   16.106  -5.191  1.00 30.44 ? 27  LYS A CB  1 
ATOM   180  C CG  . LYS A 1 23  ? 4.002   16.200  -5.661  1.00 38.21 ? 27  LYS A CG  1 
ATOM   181  C CD  . LYS A 1 23  ? 3.762   15.283  -6.849  1.00 48.60 ? 27  LYS A CD  1 
ATOM   182  C CE  . LYS A 1 23  ? 2.304   15.299  -7.283  1.00 56.12 ? 27  LYS A CE  1 
ATOM   183  N NZ  . LYS A 1 23  ? 2.030   14.309  -8.365  1.00 59.92 ? 27  LYS A NZ  1 
ATOM   184  N N   . ARG A 1 24  ? 7.619   17.138  -2.386  1.00 23.44 ? 28  ARG A N   1 
ATOM   185  C CA  . ARG A 1 24  ? 8.998   17.032  -1.917  1.00 22.32 ? 28  ARG A CA  1 
ATOM   186  C C   . ARG A 1 24  ? 9.097   16.597  -0.455  1.00 20.94 ? 28  ARG A C   1 
ATOM   187  O O   . ARG A 1 24  ? 9.847   15.684  -0.124  1.00 17.06 ? 28  ARG A O   1 
ATOM   188  C CB  . ARG A 1 24  ? 9.729   18.369  -2.088  1.00 29.57 ? 28  ARG A CB  1 
ATOM   189  C CG  . ARG A 1 24  ? 10.091  18.731  -3.524  1.00 32.00 ? 28  ARG A CG  1 
ATOM   190  C CD  . ARG A 1 24  ? 11.029  17.700  -4.144  1.00 33.46 ? 28  ARG A CD  1 
ATOM   191  N NE  . ARG A 1 24  ? 10.317  16.731  -4.973  1.00 32.08 ? 28  ARG A NE  1 
ATOM   192  C CZ  . ARG A 1 24  ? 9.857   16.992  -6.193  1.00 33.81 ? 28  ARG A CZ  1 
ATOM   193  N NH1 . ARG A 1 24  ? 10.038  18.192  -6.726  1.00 32.55 ? 28  ARG A NH1 1 
ATOM   194  N NH2 . ARG A 1 24  ? 9.218   16.057  -6.883  1.00 31.76 ? 28  ARG A NH2 1 
ATOM   195  N N   . ASN A 1 25  ? 8.347   17.255  0.422   1.00 21.69 ? 29  ASN A N   1 
ATOM   196  C CA  . ASN A 1 25  ? 8.387   16.918  1.839   1.00 25.04 ? 29  ASN A CA  1 
ATOM   197  C C   . ASN A 1 25  ? 7.431   15.800  2.239   1.00 24.05 ? 29  ASN A C   1 
ATOM   198  O O   . ASN A 1 25  ? 6.289   15.736  1.781   1.00 21.35 ? 29  ASN A O   1 
ATOM   199  C CB  . ASN A 1 25  ? 8.106   18.163  2.679   1.00 27.86 ? 29  ASN A CB  1 
ATOM   200  C CG  . ASN A 1 25  ? 9.073   19.287  2.381   1.00 34.20 ? 29  ASN A CG  1 
ATOM   201  O OD1 . ASN A 1 25  ? 10.283  19.074  2.308   1.00 35.93 ? 29  ASN A OD1 1 
ATOM   202  N ND2 . ASN A 1 25  ? 8.547   20.492  2.211   1.00 36.58 ? 29  ASN A ND2 1 
ATOM   203  N N   . TRP A 1 26  ? 7.913   14.913  3.100   1.00 22.11 ? 30  TRP A N   1 
ATOM   204  C CA  . TRP A 1 26  ? 7.100   13.805  3.572   1.00 22.45 ? 30  TRP A CA  1 
ATOM   205  C C   . TRP A 1 26  ? 6.322   14.205  4.824   1.00 22.95 ? 30  TRP A C   1 
ATOM   206  O O   . TRP A 1 26  ? 6.883   14.772  5.759   1.00 20.90 ? 30  TRP A O   1 
ATOM   207  C CB  . TRP A 1 26  ? 7.979   12.587  3.868   1.00 15.69 ? 30  TRP A CB  1 
ATOM   208  C CG  . TRP A 1 26  ? 8.422   11.876  2.646   1.00 18.05 ? 30  TRP A CG  1 
ATOM   209  C CD1 . TRP A 1 26  ? 9.652   11.933  2.060   1.00 18.39 ? 30  TRP A CD1 1 
ATOM   210  C CD2 . TRP A 1 26  ? 7.634   10.989  1.844   1.00 18.27 ? 30  TRP A CD2 1 
ATOM   211  N NE1 . TRP A 1 26  ? 9.680   11.131  0.938   1.00 19.04 ? 30  TRP A NE1 1 
ATOM   212  C CE2 . TRP A 1 26  ? 8.452   10.541  0.784   1.00 21.22 ? 30  TRP A CE2 1 
ATOM   213  C CE3 . TRP A 1 26  ? 6.312   10.528  1.919   1.00 20.34 ? 30  TRP A CE3 1 
ATOM   214  C CZ2 . TRP A 1 26  ? 7.991   9.654   -0.195  1.00 20.39 ? 30  TRP A CZ2 1 
ATOM   215  C CZ3 . TRP A 1 26  ? 5.854   9.641   0.941   1.00 19.34 ? 30  TRP A CZ3 1 
ATOM   216  C CH2 . TRP A 1 26  ? 6.695   9.216   -0.100  1.00 15.25 ? 30  TRP A CH2 1 
ATOM   217  N N   . ILE A 1 27  ? 5.028   13.905  4.831   1.00 23.68 ? 31  ILE A N   1 
ATOM   218  C CA  . ILE A 1 27  ? 4.179   14.240  5.965   1.00 26.81 ? 31  ILE A CA  1 
ATOM   219  C C   . ILE A 1 27  ? 3.694   12.984  6.680   1.00 24.27 ? 31  ILE A C   1 
ATOM   220  O O   . ILE A 1 27  ? 3.038   12.140  6.082   1.00 24.82 ? 31  ILE A O   1 
ATOM   221  C CB  . ILE A 1 27  ? 2.938   15.039  5.517   1.00 26.65 ? 31  ILE A CB  1 
ATOM   222  C CG1 . ILE A 1 27  ? 3.366   16.245  4.670   1.00 34.79 ? 31  ILE A CG1 1 
ATOM   223  C CG2 . ILE A 1 27  ? 2.141   15.487  6.730   1.00 30.98 ? 31  ILE A CG2 1 
ATOM   224  C CD1 . ILE A 1 27  ? 4.349   17.165  5.353   1.00 36.75 ? 31  ILE A CD1 1 
ATOM   225  N N   . PRO A 1 28  ? 4.015   12.844  7.974   1.00 25.64 ? 32  PRO A N   1 
ATOM   226  C CA  . PRO A 1 28  ? 3.567   11.659  8.712   1.00 24.98 ? 32  PRO A CA  1 
ATOM   227  C C   . PRO A 1 28  ? 2.046   11.606  8.712   1.00 26.59 ? 32  PRO A C   1 
ATOM   228  O O   . PRO A 1 28  ? 1.377   12.640  8.785   1.00 21.47 ? 32  PRO A O   1 
ATOM   229  C CB  . PRO A 1 28  ? 4.132   11.887  10.112  1.00 25.46 ? 32  PRO A CB  1 
ATOM   230  C CG  . PRO A 1 28  ? 5.380   12.670  9.839   1.00 30.67 ? 32  PRO A CG  1 
ATOM   231  C CD  . PRO A 1 28  ? 4.913   13.664  8.803   1.00 26.89 ? 32  PRO A CD  1 
ATOM   232  N N   . ALA A 1 29  ? 1.504   10.400  8.605   1.00 26.08 ? 33  ALA A N   1 
ATOM   233  C CA  . ALA A 1 29  ? 0.065   10.226  8.608   1.00 32.60 ? 33  ALA A CA  1 
ATOM   234  C C   . ALA A 1 29  ? -0.260  9.269   9.741   1.00 37.96 ? 33  ALA A C   1 
ATOM   235  O O   . ALA A 1 29  ? -0.164  8.059   9.583   1.00 40.52 ? 33  ALA A O   1 
ATOM   236  C CB  . ALA A 1 29  ? -0.404  9.650   7.291   1.00 30.99 ? 33  ALA A CB  1 
ATOM   237  N N   . GLY A 1 30  ? -0.632  9.821   10.892  1.00 44.62 ? 34  GLY A N   1 
ATOM   238  C CA  . GLY A 1 30  ? -0.972  8.998   12.040  1.00 48.55 ? 34  GLY A CA  1 
ATOM   239  C C   . GLY A 1 30  ? 0.241   8.602   12.854  1.00 51.05 ? 34  GLY A C   1 
ATOM   240  O O   . GLY A 1 30  ? 0.362   7.442   13.246  1.00 55.22 ? 34  GLY A O   1 
ATOM   241  N N   . LYS A 1 31  ? 1.117   9.574   13.109  1.00 48.02 ? 35  LYS A N   1 
ATOM   242  C CA  . LYS A 1 31  ? 2.356   9.420   13.881  1.00 45.65 ? 35  LYS A CA  1 
ATOM   243  C C   . LYS A 1 31  ? 2.843   8.016   14.275  1.00 42.61 ? 35  LYS A C   1 
ATOM   244  O O   . LYS A 1 31  ? 4.014   7.687   14.089  1.00 44.65 ? 35  LYS A O   1 
ATOM   245  C CB  . LYS A 1 31  ? 2.236   10.124  15.233  1.00 48.56 ? 35  LYS A CB  1 
ATOM   246  C CG  . LYS A 1 31  ? 3.477   10.016  16.103  1.00 55.34 ? 35  LYS A CG  1 
ATOM   247  C CD  . LYS A 1 31  ? 3.288   10.736  17.427  1.00 59.54 ? 35  LYS A CD  1 
ATOM   248  C CE  . LYS A 1 31  ? 4.531   10.628  18.297  1.00 64.76 ? 35  LYS A CE  1 
ATOM   249  N NZ  . LYS A 1 31  ? 4.360   11.330  19.599  1.00 66.89 ? 35  LYS A NZ  1 
ATOM   250  N N   . HIS A 1 32  ? 1.956   7.204   14.841  1.00 32.72 ? 36  HIS A N   1 
ATOM   251  C CA  . HIS A 1 32  ? 2.304   5.853   15.282  1.00 26.67 ? 36  HIS A CA  1 
ATOM   252  C C   . HIS A 1 32  ? 2.280   4.813   14.166  1.00 18.69 ? 36  HIS A C   1 
ATOM   253  O O   . HIS A 1 32  ? 1.635   5.001   13.138  1.00 16.94 ? 36  HIS A O   1 
ATOM   254  C CB  . HIS A 1 32  ? 1.337   5.415   16.381  1.00 32.33 ? 36  HIS A CB  1 
ATOM   255  C CG  . HIS A 1 32  ? 1.054   6.484   17.387  1.00 40.67 ? 36  HIS A CG  1 
ATOM   256  N ND1 . HIS A 1 32  ? -0.224  6.902   17.683  1.00 41.86 ? 36  HIS A ND1 1 
ATOM   257  C CD2 . HIS A 1 32  ? 1.884   7.233   18.153  1.00 43.74 ? 36  HIS A CD2 1 
ATOM   258  C CE1 . HIS A 1 32  ? -0.171  7.864   18.589  1.00 45.59 ? 36  HIS A CE1 1 
ATOM   259  N NE2 . HIS A 1 32  ? 1.097   8.083   18.889  1.00 45.75 ? 36  HIS A NE2 1 
ATOM   260  N N   . ALA A 1 33  ? 2.989   3.710   14.383  1.00 14.64 ? 37  ALA A N   1 
ATOM   261  C CA  . ALA A 1 33  ? 3.026   2.628   13.417  1.00 15.65 ? 37  ALA A CA  1 
ATOM   262  C C   . ALA A 1 33  ? 1.609   2.070   13.335  1.00 18.18 ? 37  ALA A C   1 
ATOM   263  O O   . ALA A 1 33  ? 0.870   2.080   14.324  1.00 17.22 ? 37  ALA A O   1 
ATOM   264  C CB  . ALA A 1 33  ? 3.992   1.541   13.873  1.00 15.29 ? 37  ALA A CB  1 
ATOM   265  N N   . LEU A 1 34  ? 1.239   1.584   12.157  1.00 15.76 ? 38  LEU A N   1 
ATOM   266  C CA  . LEU A 1 34  ? -0.089  1.033   11.939  1.00 16.94 ? 38  LEU A CA  1 
ATOM   267  C C   . LEU A 1 34  ? 0.019   -0.262  11.168  1.00 18.55 ? 38  LEU A C   1 
ATOM   268  O O   . LEU A 1 34  ? 1.075   -0.585  10.609  1.00 15.37 ? 38  LEU A O   1 
ATOM   269  C CB  . LEU A 1 34  ? -0.944  2.005   11.114  1.00 17.47 ? 38  LEU A CB  1 
ATOM   270  C CG  . LEU A 1 34  ? -1.240  3.400   11.670  1.00 17.11 ? 38  LEU A CG  1 
ATOM   271  C CD1 . LEU A 1 34  ? -1.967  4.222   10.620  1.00 22.21 ? 38  LEU A CD1 1 
ATOM   272  C CD2 . LEU A 1 34  ? -2.070  3.288   12.933  1.00 21.93 ? 38  LEU A CD2 1 
ATOM   273  N N   . THR A 1 35  ? -1.080  -1.004  11.139  1.00 18.89 ? 39  THR A N   1 
ATOM   274  C CA  . THR A 1 35  ? -1.117  -2.233  10.374  1.00 17.34 ? 39  THR A CA  1 
ATOM   275  C C   . THR A 1 35  ? -1.457  -1.826  8.948   1.00 16.10 ? 39  THR A C   1 
ATOM   276  O O   . THR A 1 35  ? -2.354  -1.008  8.718   1.00 17.48 ? 39  THR A O   1 
ATOM   277  C CB  . THR A 1 35  ? -2.197  -3.204  10.900  1.00 18.55 ? 39  THR A CB  1 
ATOM   278  O OG1 . THR A 1 35  ? -1.816  -3.680  12.199  1.00 12.52 ? 39  THR A OG1 1 
ATOM   279  C CG2 . THR A 1 35  ? -2.359  -4.386  9.955   1.00 17.85 ? 39  THR A CG2 1 
ATOM   280  N N   . VAL A 1 36  ? -0.711  -2.372  8.000   1.00 13.47 ? 40  VAL A N   1 
ATOM   281  C CA  . VAL A 1 36  ? -0.924  -2.095  6.583   1.00 14.97 ? 40  VAL A CA  1 
ATOM   282  C C   . VAL A 1 36  ? -1.123  -3.475  5.985   1.00 15.28 ? 40  VAL A C   1 
ATOM   283  O O   . VAL A 1 36  ? -0.303  -4.369  6.198   1.00 16.24 ? 40  VAL A O   1 
ATOM   284  C CB  . VAL A 1 36  ? 0.298   -1.408  5.953   1.00 11.68 ? 40  VAL A CB  1 
ATOM   285  C CG1 . VAL A 1 36  ? -0.002  -1.036  4.506   1.00 14.13 ? 40  VAL A CG1 1 
ATOM   286  C CG2 . VAL A 1 36  ? 0.663   -0.163  6.758   1.00 12.20 ? 40  VAL A CG2 1 
ATOM   287  N N   . SER A 1 37  ? -2.212  -3.654  5.247   1.00 14.18 ? 41  SER A N   1 
ATOM   288  C CA  . SER A 1 37  ? -2.519  -4.959  4.690   1.00 18.69 ? 41  SER A CA  1 
ATOM   289  C C   . SER A 1 37  ? -2.985  -4.932  3.245   1.00 17.16 ? 41  SER A C   1 
ATOM   290  O O   . SER A 1 37  ? -3.380  -3.889  2.734   1.00 13.32 ? 41  SER A O   1 
ATOM   291  C CB  . SER A 1 37  ? -3.634  -5.604  5.520   1.00 20.47 ? 41  SER A CB  1 
ATOM   292  O OG  . SER A 1 37  ? -3.447  -5.385  6.907   1.00 19.50 ? 41  SER A OG  1 
ATOM   293  N N   . TYR A 1 38  ? -2.931  -6.097  2.603   1.00 16.47 ? 42  TYR A N   1 
ATOM   294  C CA  . TYR A 1 38  ? -3.432  -6.251  1.242   1.00 16.61 ? 42  TYR A CA  1 
ATOM   295  C C   . TYR A 1 38  ? -4.704  -7.086  1.395   1.00 19.83 ? 42  TYR A C   1 
ATOM   296  O O   . TYR A 1 38  ? -4.704  -8.096  2.106   1.00 14.92 ? 42  TYR A O   1 
ATOM   297  C CB  . TYR A 1 38  ? -2.468  -7.033  0.349   1.00 18.93 ? 42  TYR A CB  1 
ATOM   298  C CG  . TYR A 1 38  ? -1.172  -6.339  -0.003  1.00 14.57 ? 42  TYR A CG  1 
ATOM   299  C CD1 . TYR A 1 38  ? -0.042  -6.467  0.806   1.00 19.51 ? 42  TYR A CD1 1 
ATOM   300  C CD2 . TYR A 1 38  ? -1.062  -5.600  -1.179  1.00 16.33 ? 42  TYR A CD2 1 
ATOM   301  C CE1 . TYR A 1 38  ? 1.175   -5.889  0.441   1.00 16.13 ? 42  TYR A CE1 1 
ATOM   302  C CE2 . TYR A 1 38  ? 0.141   -5.010  -1.551  1.00 15.44 ? 42  TYR A CE2 1 
ATOM   303  C CZ  . TYR A 1 38  ? 1.258   -5.161  -0.738  1.00 18.35 ? 42  TYR A CZ  1 
ATOM   304  O OH  . TYR A 1 38  ? 2.451   -4.597  -1.133  1.00 16.79 ? 42  TYR A OH  1 
ATOM   305  N N   . PHE A 1 39  ? -5.784  -6.658  0.750   1.00 17.45 ? 43  PHE A N   1 
ATOM   306  C CA  . PHE A 1 39  ? -7.048  -7.393  0.799   1.00 18.83 ? 43  PHE A CA  1 
ATOM   307  C C   . PHE A 1 39  ? -7.508  -7.635  -0.627  1.00 18.99 ? 43  PHE A C   1 
ATOM   308  O O   . PHE A 1 39  ? -7.163  -6.873  -1.530  1.00 19.42 ? 43  PHE A O   1 
ATOM   309  C CB  . PHE A 1 39  ? -8.142  -6.589  1.502   1.00 17.27 ? 43  PHE A CB  1 
ATOM   310  C CG  . PHE A 1 39  ? -8.002  -6.517  2.995   1.00 14.71 ? 43  PHE A CG  1 
ATOM   311  C CD1 . PHE A 1 39  ? -7.314  -5.470  3.596   1.00 16.53 ? 43  PHE A CD1 1 
ATOM   312  C CD2 . PHE A 1 39  ? -8.598  -7.477  3.809   1.00 18.06 ? 43  PHE A CD2 1 
ATOM   313  C CE1 . PHE A 1 39  ? -7.223  -5.374  4.985   1.00 20.36 ? 43  PHE A CE1 1 
ATOM   314  C CE2 . PHE A 1 39  ? -8.511  -7.391  5.200   1.00 18.28 ? 43  PHE A CE2 1 
ATOM   315  C CZ  . PHE A 1 39  ? -7.824  -6.337  5.788   1.00 17.92 ? 43  PHE A CZ  1 
ATOM   316  N N   . TYR A 1 40  ? -8.282  -8.696  -0.828  1.00 21.99 ? 44  TYR A N   1 
ATOM   317  C CA  . TYR A 1 40  ? -8.830  -8.999  -2.140  1.00 23.53 ? 44  TYR A CA  1 
ATOM   318  C C   . TYR A 1 40  ? -10.320 -8.722  -2.048  1.00 23.61 ? 44  TYR A C   1 
ATOM   319  O O   . TYR A 1 40  ? -11.024 -9.370  -1.279  1.00 26.41 ? 44  TYR A O   1 
ATOM   320  C CB  . TYR A 1 40  ? -8.623  -10.467 -2.514  1.00 25.76 ? 44  TYR A CB  1 
ATOM   321  C CG  . TYR A 1 40  ? -9.355  -10.848 -3.783  1.00 26.55 ? 44  TYR A CG  1 
ATOM   322  C CD1 . TYR A 1 40  ? -9.051  -10.235 -4.995  1.00 27.54 ? 44  TYR A CD1 1 
ATOM   323  C CD2 . TYR A 1 40  ? -10.382 -11.798 -3.764  1.00 29.20 ? 44  TYR A CD2 1 
ATOM   324  C CE1 . TYR A 1 40  ? -9.747  -10.550 -6.163  1.00 27.11 ? 44  TYR A CE1 1 
ATOM   325  C CE2 . TYR A 1 40  ? -11.089 -12.120 -4.928  1.00 30.19 ? 44  TYR A CE2 1 
ATOM   326  C CZ  . TYR A 1 40  ? -10.766 -11.490 -6.119  1.00 31.37 ? 44  TYR A CZ  1 
ATOM   327  O OH  . TYR A 1 40  ? -11.475 -11.785 -7.258  1.00 34.17 ? 44  TYR A OH  1 
ATOM   328  N N   . ASP A 1 41  ? -10.790 -7.752  -2.821  1.00 24.41 ? 45  ASP A N   1 
ATOM   329  C CA  . ASP A 1 41  ? -12.200 -7.393  -2.826  1.00 26.01 ? 45  ASP A CA  1 
ATOM   330  C C   . ASP A 1 41  ? -12.926 -8.258  -3.855  1.00 27.53 ? 45  ASP A C   1 
ATOM   331  O O   . ASP A 1 41  ? -12.966 -7.923  -5.032  1.00 27.39 ? 45  ASP A O   1 
ATOM   332  C CB  . ASP A 1 41  ? -12.357 -5.914  -3.189  1.00 29.21 ? 45  ASP A CB  1 
ATOM   333  C CG  . ASP A 1 41  ? -13.797 -5.444  -3.118  1.00 31.74 ? 45  ASP A CG  1 
ATOM   334  O OD1 . ASP A 1 41  ? -14.699 -6.238  -3.458  1.00 30.39 ? 45  ASP A OD1 1 
ATOM   335  O OD2 . ASP A 1 41  ? -14.027 -4.276  -2.734  1.00 36.49 ? 45  ASP A OD2 1 
ATOM   336  N N   . ALA A 1 42  ? -13.498 -9.371  -3.400  1.00 29.21 ? 46  ALA A N   1 
ATOM   337  C CA  . ALA A 1 42  ? -14.218 -10.294 -4.278  1.00 31.73 ? 46  ALA A CA  1 
ATOM   338  C C   . ALA A 1 42  ? -15.458 -9.668  -4.919  1.00 32.82 ? 46  ALA A C   1 
ATOM   339  O O   . ALA A 1 42  ? -15.972 -10.176 -5.913  1.00 34.72 ? 46  ALA A O   1 
ATOM   340  C CB  . ALA A 1 42  ? -14.616 -11.551 -3.501  1.00 29.32 ? 46  ALA A CB  1 
ATOM   341  N N   . THR A 1 43  ? -15.939 -8.569  -4.352  1.00 33.28 ? 47  THR A N   1 
ATOM   342  C CA  . THR A 1 43  ? -17.116 -7.904  -4.891  1.00 37.05 ? 47  THR A CA  1 
ATOM   343  C C   . THR A 1 43  ? -16.771 -7.076  -6.129  1.00 38.39 ? 47  THR A C   1 
ATOM   344  O O   . THR A 1 43  ? -17.591 -6.943  -7.042  1.00 37.66 ? 47  THR A O   1 
ATOM   345  C CB  . THR A 1 43  ? -17.776 -6.986  -3.829  1.00 36.26 ? 47  THR A CB  1 
ATOM   346  O OG1 . THR A 1 43  ? -18.140 -7.769  -2.688  1.00 41.02 ? 47  THR A OG1 1 
ATOM   347  C CG2 . THR A 1 43  ? -19.029 -6.323  -4.388  1.00 40.73 ? 47  THR A CG2 1 
ATOM   348  N N   . ARG A 1 44  ? -15.558 -6.532  -6.164  1.00 37.73 ? 48  ARG A N   1 
ATOM   349  C CA  . ARG A 1 44  ? -15.133 -5.715  -7.296  1.00 38.44 ? 48  ARG A CA  1 
ATOM   350  C C   . ARG A 1 44  ? -14.023 -6.363  -8.115  1.00 36.20 ? 48  ARG A C   1 
ATOM   351  O O   . ARG A 1 44  ? -13.639 -5.852  -9.164  1.00 36.09 ? 48  ARG A O   1 
ATOM   352  C CB  . ARG A 1 44  ? -14.672 -4.339  -6.809  1.00 42.44 ? 48  ARG A CB  1 
ATOM   353  C CG  . ARG A 1 44  ? -15.754 -3.526  -6.126  1.00 48.83 ? 48  ARG A CG  1 
ATOM   354  C CD  . ARG A 1 44  ? -15.277 -2.115  -5.839  1.00 57.05 ? 48  ARG A CD  1 
ATOM   355  N NE  . ARG A 1 44  ? -16.305 -1.312  -5.182  1.00 66.74 ? 48  ARG A NE  1 
ATOM   356  C CZ  . ARG A 1 44  ? -16.156 -0.032  -4.850  1.00 70.65 ? 48  ARG A CZ  1 
ATOM   357  N NH1 . ARG A 1 44  ? -15.019 0.601   -5.114  1.00 73.14 ? 48  ARG A NH1 1 
ATOM   358  N NH2 . ARG A 1 44  ? -17.146 0.620   -4.254  1.00 72.05 ? 48  ARG A NH2 1 
ATOM   359  N N   . ASN A 1 45  ? -13.522 -7.495  -7.634  1.00 34.27 ? 49  ASN A N   1 
ATOM   360  C CA  . ASN A 1 45  ? -12.447 -8.218  -8.304  1.00 36.87 ? 49  ASN A CA  1 
ATOM   361  C C   . ASN A 1 45  ? -11.180 -7.362  -8.381  1.00 35.29 ? 49  ASN A C   1 
ATOM   362  O O   . ASN A 1 45  ? -10.549 -7.258  -9.432  1.00 34.19 ? 49  ASN A O   1 
ATOM   363  C CB  . ASN A 1 45  ? -12.878 -8.631  -9.712  1.00 39.12 ? 49  ASN A CB  1 
ATOM   364  C CG  . ASN A 1 45  ? -11.897 -9.587  -10.366 1.00 43.27 ? 49  ASN A CG  1 
ATOM   365  O OD1 . ASN A 1 45  ? -12.030 -9.919  -11.546 1.00 46.81 ? 49  ASN A OD1 1 
ATOM   366  N ND2 . ASN A 1 45  ? -10.911 -10.042 -9.600  1.00 42.10 ? 49  ASN A ND2 1 
ATOM   367  N N   . VAL A 1 46  ? -10.821 -6.743  -7.262  1.00 31.32 ? 50  VAL A N   1 
ATOM   368  C CA  . VAL A 1 46  ? -9.627  -5.905  -7.195  1.00 27.55 ? 50  VAL A CA  1 
ATOM   369  C C   . VAL A 1 46  ? -8.883  -6.122  -5.882  1.00 28.31 ? 50  VAL A C   1 
ATOM   370  O O   . VAL A 1 46  ? -9.459  -6.575  -4.888  1.00 20.63 ? 50  VAL A O   1 
ATOM   371  C CB  . VAL A 1 46  ? -9.974  -4.408  -7.301  1.00 22.25 ? 50  VAL A CB  1 
ATOM   372  C CG1 . VAL A 1 46  ? -10.707 -4.132  -8.603  1.00 23.81 ? 50  VAL A CG1 1 
ATOM   373  C CG2 . VAL A 1 46  ? -10.819 -3.982  -6.111  1.00 30.39 ? 50  VAL A CG2 1 
ATOM   374  N N   . TYR A 1 47  ? -7.595  -5.803  -5.884  1.00 24.17 ? 51  TYR A N   1 
ATOM   375  C CA  . TYR A 1 47  ? -6.780  -5.947  -4.687  1.00 22.42 ? 51  TYR A CA  1 
ATOM   376  C C   . TYR A 1 47  ? -6.549  -4.555  -4.130  1.00 19.57 ? 51  TYR A C   1 
ATOM   377  O O   . TYR A 1 47  ? -6.365  -3.600  -4.884  1.00 20.73 ? 51  TYR A O   1 
ATOM   378  C CB  . TYR A 1 47  ? -5.455  -6.632  -5.026  1.00 25.69 ? 51  TYR A CB  1 
ATOM   379  C CG  . TYR A 1 47  ? -5.647  -8.019  -5.594  1.00 27.26 ? 51  TYR A CG  1 
ATOM   380  C CD1 . TYR A 1 47  ? -6.251  -8.208  -6.838  1.00 36.04 ? 51  TYR A CD1 1 
ATOM   381  C CD2 . TYR A 1 47  ? -5.281  -9.145  -4.867  1.00 29.82 ? 51  TYR A CD2 1 
ATOM   382  C CE1 . TYR A 1 47  ? -6.493  -9.486  -7.335  1.00 36.02 ? 51  TYR A CE1 1 
ATOM   383  C CE2 . TYR A 1 47  ? -5.515  -10.428 -5.355  1.00 38.87 ? 51  TYR A CE2 1 
ATOM   384  C CZ  . TYR A 1 47  ? -6.122  -10.591 -6.587  1.00 40.05 ? 51  TYR A CZ  1 
ATOM   385  O OH  . TYR A 1 47  ? -6.366  -11.864 -7.058  1.00 43.68 ? 51  TYR A OH  1 
ATOM   386  N N   . ARG A 1 48  ? -6.579  -4.432  -2.811  1.00 18.20 ? 52  ARG A N   1 
ATOM   387  C CA  . ARG A 1 48  ? -6.395  -3.131  -2.186  1.00 19.42 ? 52  ARG A CA  1 
ATOM   388  C C   . ARG A 1 48  ? -5.420  -3.145  -1.026  1.00 18.39 ? 52  ARG A C   1 
ATOM   389  O O   . ARG A 1 48  ? -5.299  -4.137  -0.316  1.00 20.46 ? 52  ARG A O   1 
ATOM   390  C CB  . ARG A 1 48  ? -7.731  -2.596  -1.659  1.00 27.05 ? 52  ARG A CB  1 
ATOM   391  C CG  . ARG A 1 48  ? -8.895  -2.637  -2.636  1.00 33.60 ? 52  ARG A CG  1 
ATOM   392  C CD  . ARG A 1 48  ? -10.006 -1.722  -2.149  1.00 42.11 ? 52  ARG A CD  1 
ATOM   393  N NE  . ARG A 1 48  ? -11.236 -1.870  -2.917  1.00 51.97 ? 52  ARG A NE  1 
ATOM   394  C CZ  . ARG A 1 48  ? -12.103 -0.884  -3.127  1.00 57.35 ? 52  ARG A CZ  1 
ATOM   395  N NH1 . ARG A 1 48  ? -11.864 0.322   -2.631  1.00 57.13 ? 52  ARG A NH1 1 
ATOM   396  N NH2 . ARG A 1 48  ? -13.209 -1.108  -3.824  1.00 56.80 ? 52  ARG A NH2 1 
ATOM   397  N N   . ILE A 1 49  ? -4.723  -2.032  -0.846  1.00 19.02 ? 53  ILE A N   1 
ATOM   398  C CA  . ILE A 1 49  ? -3.807  -1.882  0.268   1.00 15.95 ? 53  ILE A CA  1 
ATOM   399  C C   . ILE A 1 49  ? -4.599  -1.008  1.228   1.00 18.43 ? 53  ILE A C   1 
ATOM   400  O O   . ILE A 1 49  ? -4.988  0.103   0.870   1.00 19.75 ? 53  ILE A O   1 
ATOM   401  C CB  . ILE A 1 49  ? -2.517  -1.152  -0.136  1.00 16.38 ? 53  ILE A CB  1 
ATOM   402  C CG1 . ILE A 1 49  ? -1.721  -2.012  -1.120  1.00 13.17 ? 53  ILE A CG1 1 
ATOM   403  C CG2 . ILE A 1 49  ? -1.690  -0.848  1.108   1.00 15.22 ? 53  ILE A CG2 1 
ATOM   404  C CD1 . ILE A 1 49  ? -0.554  -1.277  -1.769  1.00 15.01 ? 53  ILE A CD1 1 
ATOM   405  N N   . ILE A 1 50  ? -4.856  -1.517  2.432   1.00 16.89 ? 54  ILE A N   1 
ATOM   406  C CA  . ILE A 1 50  ? -5.637  -0.777  3.411   1.00 14.32 ? 54  ILE A CA  1 
ATOM   407  C C   . ILE A 1 50  ? -4.929  -0.620  4.752   1.00 17.59 ? 54  ILE A C   1 
ATOM   408  O O   . ILE A 1 50  ? -4.220  -1.518  5.208   1.00 15.51 ? 54  ILE A O   1 
ATOM   409  C CB  . ILE A 1 50  ? -6.998  -1.462  3.657   1.00 15.70 ? 54  ILE A CB  1 
ATOM   410  C CG1 . ILE A 1 50  ? -7.746  -1.621  2.334   1.00 19.01 ? 54  ILE A CG1 1 
ATOM   411  C CG2 . ILE A 1 50  ? -7.836  -0.623  4.643   1.00 20.71 ? 54  ILE A CG2 1 
ATOM   412  C CD1 . ILE A 1 50  ? -9.051  -2.419  2.447   1.00 17.36 ? 54  ILE A CD1 1 
ATOM   413  N N   . SER A 1 51  ? -5.116  0.540   5.370   1.00 14.63 ? 55  SER A N   1 
ATOM   414  C CA  . SER A 1 51  ? -4.529  0.816   6.675   1.00 16.34 ? 55  SER A CA  1 
ATOM   415  C C   . SER A 1 51  ? -5.483  1.729   7.430   1.00 20.95 ? 55  SER A C   1 
ATOM   416  O O   . SER A 1 51  ? -5.832  2.810   6.957   1.00 16.43 ? 55  SER A O   1 
ATOM   417  C CB  . SER A 1 51  ? -3.165  1.495   6.528   1.00 20.11 ? 55  SER A CB  1 
ATOM   418  O OG  . SER A 1 51  ? -2.574  1.705   7.800   1.00 19.14 ? 55  SER A OG  1 
ATOM   419  N N   . ILE A 1 52  ? -5.905  1.282   8.607   1.00 21.65 ? 56  ILE A N   1 
ATOM   420  C CA  . ILE A 1 52  ? -6.838  2.028   9.446   1.00 20.38 ? 56  ILE A CA  1 
ATOM   421  C C   . ILE A 1 52  ? -6.113  2.692   10.622  1.00 22.55 ? 56  ILE A C   1 
ATOM   422  O O   . ILE A 1 52  ? -5.331  2.051   11.322  1.00 19.06 ? 56  ILE A O   1 
ATOM   423  C CB  . ILE A 1 52  ? -7.920  1.085   10.017  1.00 21.36 ? 56  ILE A CB  1 
ATOM   424  C CG1 . ILE A 1 52  ? -8.638  0.357   8.874   1.00 23.08 ? 56  ILE A CG1 1 
ATOM   425  C CG2 . ILE A 1 52  ? -8.900  1.866   10.876  1.00 20.69 ? 56  ILE A CG2 1 
ATOM   426  C CD1 . ILE A 1 52  ? -9.350  1.267   7.892   1.00 19.80 ? 56  ILE A CD1 1 
ATOM   427  N N   . GLY A 1 53  ? -6.382  3.975   10.831  1.00 20.40 ? 57  GLY A N   1 
ATOM   428  C CA  . GLY A 1 53  ? -5.764  4.701   11.926  1.00 27.06 ? 57  GLY A CA  1 
ATOM   429  C C   . GLY A 1 53  ? -6.719  5.748   12.466  1.00 28.22 ? 57  GLY A C   1 
ATOM   430  O O   . GLY A 1 53  ? -7.240  6.558   11.707  1.00 32.00 ? 57  GLY A O   1 
ATOM   431  N N   . GLY A 1 54  ? -6.958  5.733   13.771  1.00 35.14 ? 58  GLY A N   1 
ATOM   432  C CA  . GLY A 1 54  ? -7.870  6.701   14.350  1.00 34.13 ? 58  GLY A CA  1 
ATOM   433  C C   . GLY A 1 54  ? -9.258  6.604   13.739  1.00 35.55 ? 58  GLY A C   1 
ATOM   434  O O   . GLY A 1 54  ? -9.892  7.621   13.437  1.00 32.39 ? 58  GLY A O   1 
ATOM   435  N N   . ALA A 1 55  ? -9.724  5.374   13.544  1.00 35.76 ? 59  ALA A N   1 
ATOM   436  C CA  . ALA A 1 55  ? -11.047 5.122   12.980  1.00 33.74 ? 59  ALA A CA  1 
ATOM   437  C C   . ALA A 1 55  ? -11.208 5.672   11.569  1.00 32.21 ? 59  ALA A C   1 
ATOM   438  O O   . ALA A 1 55  ? -12.329 5.867   11.095  1.00 32.19 ? 59  ALA A O   1 
ATOM   439  C CB  . ALA A 1 55  ? -12.118 5.712   13.893  1.00 36.34 ? 59  ALA A CB  1 
ATOM   440  N N   . LYS A 1 56  ? -10.089 5.913   10.897  1.00 30.17 ? 60  LYS A N   1 
ATOM   441  C CA  . LYS A 1 56  ? -10.106 6.435   9.536   1.00 32.07 ? 60  LYS A CA  1 
ATOM   442  C C   . LYS A 1 56  ? -9.221  5.569   8.655   1.00 32.41 ? 60  LYS A C   1 
ATOM   443  O O   . LYS A 1 56  ? -8.232  5.010   9.121   1.00 24.54 ? 60  LYS A O   1 
ATOM   444  C CB  . LYS A 1 56  ? -9.569  7.869   9.504   1.00 37.58 ? 60  LYS A CB  1 
ATOM   445  C CG  . LYS A 1 56  ? -10.372 8.873   10.303  1.00 42.18 ? 60  LYS A CG  1 
ATOM   446  C CD  . LYS A 1 56  ? -9.676  10.230  10.362  1.00 46.07 ? 60  LYS A CD  1 
ATOM   447  C CE  . LYS A 1 56  ? -8.440  10.205  11.254  1.00 48.17 ? 60  LYS A CE  1 
ATOM   448  N NZ  . LYS A 1 56  ? -7.367  9.307   10.746  1.00 48.59 ? 60  LYS A NZ  1 
ATOM   449  N N   . ALA A 1 57  ? -9.576  5.454   7.381   1.00 28.45 ? 61  ALA A N   1 
ATOM   450  C CA  . ALA A 1 57  ? -8.767  4.672   6.457   1.00 30.85 ? 61  ALA A CA  1 
ATOM   451  C C   . ALA A 1 57  ? -7.638  5.568   5.951   1.00 29.48 ? 61  ALA A C   1 
ATOM   452  O O   . ALA A 1 57  ? -7.795  6.282   4.962   1.00 35.99 ? 61  ALA A O   1 
ATOM   453  C CB  . ALA A 1 57  ? -9.619  4.176   5.293   1.00 31.43 ? 61  ALA A CB  1 
ATOM   454  N N   . ILE A 1 58  ? -6.509  5.541   6.652   1.00 27.24 ? 62  ILE A N   1 
ATOM   455  C CA  . ILE A 1 58  ? -5.348  6.337   6.281   1.00 24.73 ? 62  ILE A CA  1 
ATOM   456  C C   . ILE A 1 58  ? -4.902  5.925   4.874   1.00 28.47 ? 62  ILE A C   1 
ATOM   457  O O   . ILE A 1 58  ? -4.401  6.744   4.105   1.00 30.78 ? 62  ILE A O   1 
ATOM   458  C CB  . ILE A 1 58  ? -4.185  6.116   7.272   1.00 26.80 ? 62  ILE A CB  1 
ATOM   459  C CG1 . ILE A 1 58  ? -4.653  6.395   8.705   1.00 24.97 ? 62  ILE A CG1 1 
ATOM   460  C CG2 . ILE A 1 58  ? -3.021  7.026   6.918   1.00 30.67 ? 62  ILE A CG2 1 
ATOM   461  C CD1 . ILE A 1 58  ? -5.037  7.846   8.976   1.00 24.89 ? 62  ILE A CD1 1 
ATOM   462  N N   . ILE A 1 59  ? -5.096  4.648   4.543   1.00 20.82 ? 63  ILE A N   1 
ATOM   463  C CA  . ILE A 1 59  ? -4.732  4.136   3.229   1.00 21.67 ? 63  ILE A CA  1 
ATOM   464  C C   . ILE A 1 59  ? -5.820  3.210   2.686   1.00 24.43 ? 63  ILE A C   1 
ATOM   465  O O   . ILE A 1 59  ? -6.320  2.343   3.398   1.00 23.33 ? 63  ILE A O   1 
ATOM   466  C CB  . ILE A 1 59  ? -3.409  3.309   3.260   1.00 19.59 ? 63  ILE A CB  1 
ATOM   467  C CG1 . ILE A 1 59  ? -2.263  4.117   3.870   1.00 15.99 ? 63  ILE A CG1 1 
ATOM   468  C CG2 . ILE A 1 59  ? -3.028  2.900   1.844   1.00 18.38 ? 63  ILE A CG2 1 
ATOM   469  C CD1 . ILE A 1 59  ? -0.946  3.375   3.895   1.00 16.69 ? 63  ILE A CD1 1 
ATOM   470  N N   . ASN A 1 60  ? -6.197  3.414   1.429   1.00 22.46 ? 64  ASN A N   1 
ATOM   471  C CA  . ASN A 1 60  ? -7.179  2.565   0.761   1.00 25.14 ? 64  ASN A CA  1 
ATOM   472  C C   . ASN A 1 60  ? -6.871  2.726   -0.716  1.00 26.11 ? 64  ASN A C   1 
ATOM   473  O O   . ASN A 1 60  ? -7.628  3.331   -1.473  1.00 26.97 ? 64  ASN A O   1 
ATOM   474  C CB  . ASN A 1 60  ? -8.615  2.997   1.059   1.00 31.61 ? 64  ASN A CB  1 
ATOM   475  C CG  . ASN A 1 60  ? -9.639  2.001   0.532   1.00 39.14 ? 64  ASN A CG  1 
ATOM   476  O OD1 . ASN A 1 60  ? -9.492  0.787   0.701   1.00 44.08 ? 64  ASN A OD1 1 
ATOM   477  N ND2 . ASN A 1 60  ? -10.685 2.512   -0.103  1.00 46.51 ? 64  ASN A ND2 1 
ATOM   478  N N   . SER A 1 61  ? -5.733  2.167   -1.103  1.00 22.63 ? 65  SER A N   1 
ATOM   479  C CA  . SER A 1 61  ? -5.232  2.241   -2.461  1.00 19.40 ? 65  SER A CA  1 
ATOM   480  C C   . SER A 1 61  ? -5.511  0.970   -3.249  1.00 21.69 ? 65  SER A C   1 
ATOM   481  O O   . SER A 1 61  ? -5.174  -0.127  -2.811  1.00 24.05 ? 65  SER A O   1 
ATOM   482  C CB  . SER A 1 61  ? -3.722  2.498   -2.412  1.00 19.74 ? 65  SER A CB  1 
ATOM   483  O OG  . SER A 1 61  ? -3.156  2.579   -3.707  1.00 19.71 ? 65  SER A OG  1 
ATOM   484  N N   . THR A 1 62  ? -6.133  1.116   -4.414  1.00 20.05 ? 66  THR A N   1 
ATOM   485  C CA  . THR A 1 62  ? -6.420  -0.031  -5.260  1.00 22.70 ? 66  THR A CA  1 
ATOM   486  C C   . THR A 1 62  ? -5.175  -0.285  -6.105  1.00 21.94 ? 66  THR A C   1 
ATOM   487  O O   . THR A 1 62  ? -4.652  0.629   -6.736  1.00 23.28 ? 66  THR A O   1 
ATOM   488  C CB  . THR A 1 62  ? -7.604  0.245   -6.198  1.00 25.77 ? 66  THR A CB  1 
ATOM   489  O OG1 . THR A 1 62  ? -8.765  0.561   -5.422  1.00 27.04 ? 66  THR A OG1 1 
ATOM   490  C CG2 . THR A 1 62  ? -7.884  -0.968  -7.063  1.00 22.23 ? 66  THR A CG2 1 
ATOM   491  N N   . VAL A 1 63  ? -4.699  -1.523  -6.105  1.00 21.07 ? 67  VAL A N   1 
ATOM   492  C CA  . VAL A 1 63  ? -3.507  -1.874  -6.862  1.00 21.72 ? 67  VAL A CA  1 
ATOM   493  C C   . VAL A 1 63  ? -3.857  -2.107  -8.319  1.00 22.22 ? 67  VAL A C   1 
ATOM   494  O O   . VAL A 1 63  ? -4.551  -3.062  -8.656  1.00 26.08 ? 67  VAL A O   1 
ATOM   495  C CB  . VAL A 1 63  ? -2.832  -3.134  -6.284  1.00 21.51 ? 67  VAL A CB  1 
ATOM   496  C CG1 . VAL A 1 63  ? -1.529  -3.423  -7.026  1.00 20.06 ? 67  VAL A CG1 1 
ATOM   497  C CG2 . VAL A 1 63  ? -2.556  -2.935  -4.807  1.00 21.49 ? 67  VAL A CG2 1 
ATOM   498  N N   . THR A 1 64  ? -3.372  -1.222  -9.182  1.00 22.33 ? 68  THR A N   1 
ATOM   499  C CA  . THR A 1 64  ? -3.632  -1.326  -10.613 1.00 21.03 ? 68  THR A CA  1 
ATOM   500  C C   . THR A 1 64  ? -2.434  -1.941  -11.358 1.00 21.26 ? 68  THR A C   1 
ATOM   501  O O   . THR A 1 64  ? -1.316  -1.948  -10.855 1.00 19.93 ? 68  THR A O   1 
ATOM   502  C CB  . THR A 1 64  ? -3.983  0.058   -11.184 1.00 24.19 ? 68  THR A CB  1 
ATOM   503  O OG1 . THR A 1 64  ? -2.866  0.936   -11.036 1.00 18.94 ? 68  THR A OG1 1 
ATOM   504  C CG2 . THR A 1 64  ? -5.179  0.638   -10.438 1.00 19.18 ? 68  THR A CG2 1 
ATOM   505  N N   . PRO A 1 65  ? -2.666  -2.463  -12.572 1.00 24.55 ? 69  PRO A N   1 
ATOM   506  C CA  . PRO A 1 65  ? -1.653  -3.104  -13.420 1.00 26.30 ? 69  PRO A CA  1 
ATOM   507  C C   . PRO A 1 65  ? -0.294  -2.411  -13.592 1.00 27.70 ? 69  PRO A C   1 
ATOM   508  O O   . PRO A 1 65  ? 0.729   -3.084  -13.717 1.00 27.19 ? 69  PRO A O   1 
ATOM   509  C CB  . PRO A 1 65  ? -2.385  -3.283  -14.747 1.00 26.09 ? 69  PRO A CB  1 
ATOM   510  C CG  . PRO A 1 65  ? -3.813  -3.490  -14.309 1.00 25.84 ? 69  PRO A CG  1 
ATOM   511  C CD  . PRO A 1 65  ? -3.958  -2.390  -13.281 1.00 26.79 ? 69  PRO A CD  1 
ATOM   512  N N   . ASN A 1 66  ? -0.273  -1.082  -13.587 1.00 22.44 ? 70  ASN A N   1 
ATOM   513  C CA  . ASN A 1 66  ? 0.987   -0.366  -13.764 1.00 19.74 ? 70  ASN A CA  1 
ATOM   514  C C   . ASN A 1 66  ? 1.458   0.454   -12.561 1.00 23.43 ? 70  ASN A C   1 
ATOM   515  O O   . ASN A 1 66  ? 2.391   1.251   -12.664 1.00 19.84 ? 70  ASN A O   1 
ATOM   516  C CB  . ASN A 1 66  ? 0.886   0.505   -15.016 1.00 23.03 ? 70  ASN A CB  1 
ATOM   517  C CG  . ASN A 1 66  ? 0.739   -0.326  -16.278 1.00 22.56 ? 70  ASN A CG  1 
ATOM   518  O OD1 . ASN A 1 66  ? 1.608   -1.134  -16.608 1.00 33.56 ? 70  ASN A OD1 1 
ATOM   519  N ND2 . ASN A 1 66  ? -0.363  -0.141  -16.979 1.00 26.08 ? 70  ASN A ND2 1 
ATOM   520  N N   A MET A 1 67  ? 0.807   0.253   -11.424 0.50 20.65 ? 71  MET A N   1 
ATOM   521  N N   B MET A 1 67  ? 0.807   0.253   -11.424 0.50 22.26 ? 71  MET A N   1 
ATOM   522  C CA  A MET A 1 67  ? 1.180   0.949   -10.203 0.50 20.93 ? 71  MET A CA  1 
ATOM   523  C CA  B MET A 1 67  ? 1.180   0.949   -10.203 0.50 24.11 ? 71  MET A CA  1 
ATOM   524  C C   A MET A 1 67  ? 2.506   0.327   -9.786  0.50 23.88 ? 71  MET A C   1 
ATOM   525  C C   B MET A 1 67  ? 2.506   0.327   -9.786  0.50 25.44 ? 71  MET A C   1 
ATOM   526  O O   A MET A 1 67  ? 2.680   -0.885  -9.895  0.50 25.67 ? 71  MET A O   1 
ATOM   527  O O   B MET A 1 67  ? 2.680   -0.885  -9.895  0.50 26.57 ? 71  MET A O   1 
ATOM   528  C CB  A MET A 1 67  ? 0.110   0.716   -9.137  0.50 20.55 ? 71  MET A CB  1 
ATOM   529  C CB  B MET A 1 67  ? 0.038   0.897   -9.187  0.50 27.06 ? 71  MET A CB  1 
ATOM   530  C CG  A MET A 1 67  ? 0.414   1.302   -7.784  0.50 14.15 ? 71  MET A CG  1 
ATOM   531  C CG  B MET A 1 67  ? -0.737  2.198   -9.057  0.50 28.92 ? 71  MET A CG  1 
ATOM   532  S SD  A MET A 1 67  ? -0.916  0.931   -6.621  0.50 18.69 ? 71  MET A SD  1 
ATOM   533  S SD  B MET A 1 67  ? -2.279  2.002   -8.143  0.50 35.27 ? 71  MET A SD  1 
ATOM   534  C CE  A MET A 1 67  ? -1.878  2.420   -6.712  0.50 10.53 ? 71  MET A CE  1 
ATOM   535  C CE  B MET A 1 67  ? -1.656  1.712   -6.488  0.50 29.68 ? 71  MET A CE  1 
ATOM   536  N N   . THR A 1 68  ? 3.448   1.142   -9.324  1.00 23.91 ? 72  THR A N   1 
ATOM   537  C CA  . THR A 1 68  ? 4.743   0.608   -8.928  1.00 27.14 ? 72  THR A CA  1 
ATOM   538  C C   . THR A 1 68  ? 5.196   1.014   -7.535  1.00 23.81 ? 72  THR A C   1 
ATOM   539  O O   . THR A 1 68  ? 4.999   2.154   -7.113  1.00 17.93 ? 72  THR A O   1 
ATOM   540  C CB  . THR A 1 68  ? 5.844   1.034   -9.907  1.00 27.86 ? 72  THR A CB  1 
ATOM   541  O OG1 . THR A 1 68  ? 5.979   2.459   -9.879  1.00 32.86 ? 72  THR A OG1 1 
ATOM   542  C CG2 . THR A 1 68  ? 5.498   0.585   -11.316 1.00 36.03 ? 72  THR A CG2 1 
ATOM   543  N N   . PHE A 1 69  ? 5.812   0.060   -6.840  1.00 20.19 ? 73  PHE A N   1 
ATOM   544  C CA  . PHE A 1 69  ? 6.331   0.284   -5.505  1.00 13.90 ? 73  PHE A CA  1 
ATOM   545  C C   . PHE A 1 69  ? 7.844   0.346   -5.637  1.00 21.69 ? 73  PHE A C   1 
ATOM   546  O O   . PHE A 1 69  ? 8.465   -0.572  -6.173  1.00 21.40 ? 73  PHE A O   1 
ATOM   547  C CB  . PHE A 1 69  ? 5.955   -0.873  -4.579  1.00 16.75 ? 73  PHE A CB  1 
ATOM   548  C CG  . PHE A 1 69  ? 6.385   -0.668  -3.151  1.00 18.61 ? 73  PHE A CG  1 
ATOM   549  C CD1 . PHE A 1 69  ? 5.669   0.176   -2.308  1.00 15.16 ? 73  PHE A CD1 1 
ATOM   550  C CD2 . PHE A 1 69  ? 7.516   -1.302  -2.654  1.00 16.13 ? 73  PHE A CD2 1 
ATOM   551  C CE1 . PHE A 1 69  ? 6.077   0.383   -0.990  1.00 15.46 ? 73  PHE A CE1 1 
ATOM   552  C CE2 . PHE A 1 69  ? 7.932   -1.099  -1.337  1.00 18.80 ? 73  PHE A CE2 1 
ATOM   553  C CZ  . PHE A 1 69  ? 7.207   -0.252  -0.503  1.00 13.28 ? 73  PHE A CZ  1 
ATOM   554  N N   . THR A 1 70  ? 8.442   1.418   -5.140  1.00 16.46 ? 74  THR A N   1 
ATOM   555  C CA  . THR A 1 70  ? 9.886   1.564   -5.236  1.00 22.33 ? 74  THR A CA  1 
ATOM   556  C C   . THR A 1 70  ? 10.525  1.733   -3.871  1.00 19.50 ? 74  THR A C   1 
ATOM   557  O O   . THR A 1 70  ? 10.013  2.460   -3.023  1.00 19.59 ? 74  THR A O   1 
ATOM   558  C CB  . THR A 1 70  ? 10.249  2.780   -6.103  1.00 22.38 ? 74  THR A CB  1 
ATOM   559  O OG1 . THR A 1 70  ? 9.605   3.943   -5.577  1.00 21.99 ? 74  THR A OG1 1 
ATOM   560  C CG2 . THR A 1 70  ? 9.777   2.584   -7.538  1.00 21.80 ? 74  THR A CG2 1 
ATOM   561  N N   . LYS A 1 71  ? 11.643  1.045   -3.663  1.00 20.83 ? 75  LYS A N   1 
ATOM   562  C CA  . LYS A 1 71  ? 12.380  1.125   -2.410  1.00 17.60 ? 75  LYS A CA  1 
ATOM   563  C C   . LYS A 1 71  ? 13.281  2.344   -2.514  1.00 20.51 ? 75  LYS A C   1 
ATOM   564  O O   . LYS A 1 71  ? 14.043  2.469   -3.475  1.00 21.06 ? 75  LYS A O   1 
ATOM   565  C CB  . LYS A 1 71  ? 13.224  -0.139  -2.219  1.00 18.98 ? 75  LYS A CB  1 
ATOM   566  C CG  . LYS A 1 71  ? 12.423  -1.429  -2.290  1.00 15.38 ? 75  LYS A CG  1 
ATOM   567  C CD  . LYS A 1 71  ? 13.320  -2.656  -2.151  1.00 20.60 ? 75  LYS A CD  1 
ATOM   568  C CE  . LYS A 1 71  ? 12.526  -3.943  -2.347  1.00 22.82 ? 75  LYS A CE  1 
ATOM   569  N NZ  . LYS A 1 71  ? 13.355  -5.149  -2.078  1.00 23.35 ? 75  LYS A NZ  1 
ATOM   570  N N   . THR A 1 72  ? 13.196  3.243   -1.539  1.00 19.26 ? 76  THR A N   1 
ATOM   571  C CA  . THR A 1 72  ? 14.016  4.450   -1.567  1.00 20.87 ? 76  THR A CA  1 
ATOM   572  C C   . THR A 1 72  ? 15.042  4.560   -0.428  1.00 19.50 ? 76  THR A C   1 
ATOM   573  O O   . THR A 1 72  ? 15.677  5.600   -0.235  1.00 21.03 ? 76  THR A O   1 
ATOM   574  C CB  . THR A 1 72  ? 13.132  5.700   -1.599  1.00 20.35 ? 76  THR A CB  1 
ATOM   575  O OG1 . THR A 1 72  ? 12.250  5.685   -0.478  1.00 19.79 ? 76  THR A OG1 1 
ATOM   576  C CG2 . THR A 1 72  ? 12.309  5.727   -2.878  1.00 26.58 ? 76  THR A CG2 1 
ATOM   577  N N   . SER A 1 73  ? 15.170  3.485   0.340   1.00 16.61 ? 77  SER A N   1 
ATOM   578  C CA  . SER A 1 73  ? 16.169  3.375   1.395   1.00 14.21 ? 77  SER A CA  1 
ATOM   579  C C   . SER A 1 73  ? 16.196  1.876   1.663   1.00 15.62 ? 77  SER A C   1 
ATOM   580  O O   . SER A 1 73  ? 15.596  1.117   0.907   1.00 18.52 ? 77  SER A O   1 
ATOM   581  C CB  . SER A 1 73  ? 15.786  4.168   2.662   1.00 19.61 ? 77  SER A CB  1 
ATOM   582  O OG  . SER A 1 73  ? 14.987  3.420   3.571   1.00 18.32 ? 77  SER A OG  1 
ATOM   583  N N   . GLN A 1 74  ? 16.889  1.432   2.705   1.00 15.79 ? 78  GLN A N   1 
ATOM   584  C CA  . GLN A 1 74  ? 16.903  0.007   2.992   1.00 16.55 ? 78  GLN A CA  1 
ATOM   585  C C   . GLN A 1 74  ? 15.706  -0.404  3.847   1.00 15.02 ? 78  GLN A C   1 
ATOM   586  O O   . GLN A 1 74  ? 15.508  -1.587  4.106   1.00 19.09 ? 78  GLN A O   1 
ATOM   587  C CB  . GLN A 1 74  ? 18.217  -0.389  3.673   1.00 26.30 ? 78  GLN A CB  1 
ATOM   588  C CG  . GLN A 1 74  ? 19.394  -0.430  2.712   1.00 37.12 ? 78  GLN A CG  1 
ATOM   589  C CD  . GLN A 1 74  ? 20.640  -1.036  3.323   1.00 44.50 ? 78  GLN A CD  1 
ATOM   590  O OE1 . GLN A 1 74  ? 20.565  -1.986  4.104   1.00 48.87 ? 78  GLN A OE1 1 
ATOM   591  N NE2 . GLN A 1 74  ? 21.800  -0.502  2.951   1.00 52.17 ? 78  GLN A NE2 1 
ATOM   592  N N   . LYS A 1 75  ? 14.903  0.571   4.268   1.00 16.27 ? 79  LYS A N   1 
ATOM   593  C CA  . LYS A 1 75  ? 13.728  0.285   5.088   1.00 15.98 ? 79  LYS A CA  1 
ATOM   594  C C   . LYS A 1 75  ? 12.479  1.075   4.686   1.00 16.56 ? 79  LYS A C   1 
ATOM   595  O O   . LYS A 1 75  ? 11.409  0.882   5.268   1.00 17.56 ? 79  LYS A O   1 
ATOM   596  C CB  . LYS A 1 75  ? 14.041  0.564   6.559   1.00 20.63 ? 79  LYS A CB  1 
ATOM   597  C CG  . LYS A 1 75  ? 15.125  -0.338  7.140   1.00 24.38 ? 79  LYS A CG  1 
ATOM   598  C CD  . LYS A 1 75  ? 15.320  -0.091  8.632   1.00 31.40 ? 79  LYS A CD  1 
ATOM   599  C CE  . LYS A 1 75  ? 15.986  1.254   8.900   1.00 33.75 ? 79  LYS A CE  1 
ATOM   600  N NZ  . LYS A 1 75  ? 16.219  1.457   10.353  1.00 43.23 ? 79  LYS A NZ  1 
ATOM   601  N N   . PHE A 1 76  ? 12.606  1.946   3.690   1.00 11.11 ? 80  PHE A N   1 
ATOM   602  C CA  . PHE A 1 76  ? 11.487  2.775   3.249   1.00 12.93 ? 80  PHE A CA  1 
ATOM   603  C C   . PHE A 1 76  ? 11.121  2.540   1.784   1.00 11.23 ? 80  PHE A C   1 
ATOM   604  O O   . PHE A 1 76  ? 11.989  2.327   0.947   1.00 12.59 ? 80  PHE A O   1 
ATOM   605  C CB  . PHE A 1 76  ? 11.847  4.249   3.462   1.00 11.74 ? 80  PHE A CB  1 
ATOM   606  C CG  . PHE A 1 76  ? 10.718  5.203   3.198   1.00 17.07 ? 80  PHE A CG  1 
ATOM   607  C CD1 . PHE A 1 76  ? 9.751   5.444   4.172   1.00 14.25 ? 80  PHE A CD1 1 
ATOM   608  C CD2 . PHE A 1 76  ? 10.624  5.870   1.976   1.00 15.30 ? 80  PHE A CD2 1 
ATOM   609  C CE1 . PHE A 1 76  ? 8.709   6.337   3.932   1.00 12.97 ? 80  PHE A CE1 1 
ATOM   610  C CE2 . PHE A 1 76  ? 9.592   6.760   1.727   1.00 17.52 ? 80  PHE A CE2 1 
ATOM   611  C CZ  . PHE A 1 76  ? 8.630   6.997   2.708   1.00 19.41 ? 80  PHE A CZ  1 
ATOM   612  N N   . GLY A 1 77  ? 9.827   2.596   1.484   1.00 13.62 ? 81  GLY A N   1 
ATOM   613  C CA  . GLY A 1 77  ? 9.379   2.399   0.119   1.00 13.84 ? 81  GLY A CA  1 
ATOM   614  C C   . GLY A 1 77  ? 8.167   3.272   -0.146  1.00 15.13 ? 81  GLY A C   1 
ATOM   615  O O   . GLY A 1 77  ? 7.483   3.684   0.785   1.00 12.51 ? 81  GLY A O   1 
ATOM   616  N N   . GLN A 1 78  ? 7.891   3.550   -1.412  1.00 14.54 ? 82  GLN A N   1 
ATOM   617  C CA  . GLN A 1 78  ? 6.764   4.402   -1.756  1.00 16.76 ? 82  GLN A CA  1 
ATOM   618  C C   . GLN A 1 78  ? 6.069   3.967   -3.042  1.00 16.14 ? 82  GLN A C   1 
ATOM   619  O O   . GLN A 1 78  ? 6.586   3.153   -3.814  1.00 17.89 ? 82  GLN A O   1 
ATOM   620  C CB  . GLN A 1 78  ? 7.250   5.838   -1.945  1.00 18.40 ? 82  GLN A CB  1 
ATOM   621  C CG  . GLN A 1 78  ? 8.125   5.991   -3.178  1.00 24.92 ? 82  GLN A CG  1 
ATOM   622  C CD  . GLN A 1 78  ? 8.212   7.415   -3.673  1.00 28.26 ? 82  GLN A CD  1 
ATOM   623  O OE1 . GLN A 1 78  ? 8.711   8.297   -2.979  1.00 22.70 ? 82  GLN A OE1 1 
ATOM   624  N NE2 . GLN A 1 78  ? 7.722   7.649   -4.889  1.00 31.46 ? 82  GLN A NE2 1 
ATOM   625  N N   . TRP A 1 79  ? 4.878   4.512   -3.261  1.00 16.82 ? 83  TRP A N   1 
ATOM   626  C CA  . TRP A 1 79  ? 4.150   4.242   -4.488  1.00 16.39 ? 83  TRP A CA  1 
ATOM   627  C C   . TRP A 1 79  ? 3.186   5.382   -4.748  1.00 16.34 ? 83  TRP A C   1 
ATOM   628  O O   . TRP A 1 79  ? 2.621   5.971   -3.819  1.00 14.35 ? 83  TRP A O   1 
ATOM   629  C CB  . TRP A 1 79  ? 3.413   2.898   -4.434  1.00 16.50 ? 83  TRP A CB  1 
ATOM   630  C CG  . TRP A 1 79  ? 2.108   2.857   -3.682  1.00 16.20 ? 83  TRP A CG  1 
ATOM   631  C CD1 . TRP A 1 79  ? 0.854   3.049   -4.191  1.00 17.93 ? 83  TRP A CD1 1 
ATOM   632  C CD2 . TRP A 1 79  ? 1.935   2.518   -2.306  1.00 13.87 ? 83  TRP A CD2 1 
ATOM   633  N NE1 . TRP A 1 79  ? -0.093  2.840   -3.212  1.00 14.42 ? 83  TRP A NE1 1 
ATOM   634  C CE2 . TRP A 1 79  ? 0.546   2.519   -2.045  1.00 12.03 ? 83  TRP A CE2 1 
ATOM   635  C CE3 . TRP A 1 79  ? 2.820   2.219   -1.266  1.00 13.80 ? 83  TRP A CE3 1 
ATOM   636  C CZ2 . TRP A 1 79  ? 0.025   2.221   -0.787  1.00 10.42 ? 83  TRP A CZ2 1 
ATOM   637  C CZ3 . TRP A 1 79  ? 2.304   1.925   -0.014  1.00 16.52 ? 83  TRP A CZ3 1 
ATOM   638  C CH2 . TRP A 1 79  ? 0.914   1.933   0.217   1.00 13.59 ? 83  TRP A CH2 1 
ATOM   639  N N   . ALA A 1 80  ? 3.043   5.720   -6.023  1.00 14.19 ? 84  ALA A N   1 
ATOM   640  C CA  . ALA A 1 80  ? 2.131   6.774   -6.429  1.00 15.94 ? 84  ALA A CA  1 
ATOM   641  C C   . ALA A 1 80  ? 0.774   6.133   -6.697  1.00 14.36 ? 84  ALA A C   1 
ATOM   642  O O   . ALA A 1 80  ? 0.701   5.013   -7.212  1.00 15.95 ? 84  ALA A O   1 
ATOM   643  C CB  . ALA A 1 80  ? 2.646   7.452   -7.691  1.00 14.26 ? 84  ALA A CB  1 
ATOM   644  N N   . ASP A 1 81  ? -0.295  6.830   -6.317  1.00 13.75 ? 85  ASP A N   1 
ATOM   645  C CA  . ASP A 1 81  ? -1.656  6.348   -6.552  1.00 15.70 ? 85  ASP A CA  1 
ATOM   646  C C   . ASP A 1 81  ? -2.297  7.471   -7.354  1.00 16.06 ? 85  ASP A C   1 
ATOM   647  O O   . ASP A 1 81  ? -2.763  8.459   -6.790  1.00 13.65 ? 85  ASP A O   1 
ATOM   648  C CB  . ASP A 1 81  ? -2.427  6.149   -5.238  1.00 17.35 ? 85  ASP A CB  1 
ATOM   649  C CG  . ASP A 1 81  ? -3.813  5.533   -5.455  1.00 20.88 ? 85  ASP A CG  1 
ATOM   650  O OD1 . ASP A 1 81  ? -4.432  5.813   -6.503  1.00 17.23 ? 85  ASP A OD1 1 
ATOM   651  O OD2 . ASP A 1 81  ? -4.292  4.780   -4.573  1.00 18.95 ? 85  ASP A OD2 1 
ATOM   652  N N   . SER A 1 82  ? -2.287  7.326   -8.675  1.00 16.18 ? 86  SER A N   1 
ATOM   653  C CA  . SER A 1 82  ? -2.839  8.345   -9.558  1.00 19.62 ? 86  SER A CA  1 
ATOM   654  C C   . SER A 1 82  ? -4.340  8.506   -9.393  1.00 19.38 ? 86  SER A C   1 
ATOM   655  O O   . SER A 1 82  ? -4.883  9.580   -9.636  1.00 19.67 ? 86  SER A O   1 
ATOM   656  C CB  . SER A 1 82  ? -2.513  8.016   -11.016 1.00 19.79 ? 86  SER A CB  1 
ATOM   657  O OG  . SER A 1 82  ? -3.078  6.778   -11.401 1.00 24.18 ? 86  SER A OG  1 
ATOM   658  N N   . ARG A 1 83  ? -5.012  7.438   -8.975  1.00 17.68 ? 87  ARG A N   1 
ATOM   659  C CA  . ARG A 1 83  ? -6.457  7.494   -8.791  1.00 21.24 ? 87  ARG A CA  1 
ATOM   660  C C   . ARG A 1 83  ? -6.784  8.365   -7.588  1.00 22.18 ? 87  ARG A C   1 
ATOM   661  O O   . ARG A 1 83  ? -7.706  9.185   -7.634  1.00 22.01 ? 87  ARG A O   1 
ATOM   662  C CB  . ARG A 1 83  ? -7.035  6.092   -8.566  1.00 24.27 ? 87  ARG A CB  1 
ATOM   663  C CG  . ARG A 1 83  ? -6.845  5.107   -9.713  1.00 31.61 ? 87  ARG A CG  1 
ATOM   664  C CD  . ARG A 1 83  ? -7.609  5.520   -10.958 1.00 41.20 ? 87  ARG A CD  1 
ATOM   665  N NE  . ARG A 1 83  ? -7.964  4.370   -11.788 1.00 49.01 ? 87  ARG A NE  1 
ATOM   666  C CZ  . ARG A 1 83  ? -7.089  3.624   -12.455 1.00 54.98 ? 87  ARG A CZ  1 
ATOM   667  N NH1 . ARG A 1 83  ? -5.790  3.904   -12.399 1.00 55.48 ? 87  ARG A NH1 1 
ATOM   668  N NH2 . ARG A 1 83  ? -7.512  2.589   -13.173 1.00 55.16 ? 87  ARG A NH2 1 
ATOM   669  N N   . ALA A 1 84  ? -6.020  8.175   -6.515  1.00 16.66 ? 88  ALA A N   1 
ATOM   670  C CA  . ALA A 1 84  ? -6.207  8.921   -5.279  1.00 19.94 ? 88  ALA A CA  1 
ATOM   671  C C   . ALA A 1 84  ? -5.519  10.282  -5.329  1.00 19.20 ? 88  ALA A C   1 
ATOM   672  O O   . ALA A 1 84  ? -5.763  11.140  -4.481  1.00 24.02 ? 88  ALA A O   1 
ATOM   673  C CB  . ALA A 1 84  ? -5.683  8.106   -4.097  1.00 19.17 ? 88  ALA A CB  1 
ATOM   674  N N   . ASN A 1 85  ? -4.667  10.475  -6.328  1.00 18.40 ? 89  ASN A N   1 
ATOM   675  C CA  . ASN A 1 85  ? -3.949  11.728  -6.498  1.00 19.41 ? 89  ASN A CA  1 
ATOM   676  C C   . ASN A 1 85  ? -3.015  11.998  -5.319  1.00 20.75 ? 89  ASN A C   1 
ATOM   677  O O   . ASN A 1 85  ? -2.997  13.097  -4.770  1.00 20.02 ? 89  ASN A O   1 
ATOM   678  C CB  . ASN A 1 85  ? -4.947  12.887  -6.654  1.00 18.19 ? 89  ASN A CB  1 
ATOM   679  C CG  . ASN A 1 85  ? -4.296  14.156  -7.167  1.00 22.60 ? 89  ASN A CG  1 
ATOM   680  O OD1 . ASN A 1 85  ? -4.931  15.214  -7.228  1.00 28.03 ? 89  ASN A OD1 1 
ATOM   681  N ND2 . ASN A 1 85  ? -3.029  14.060  -7.549  1.00 15.35 ? 89  ASN A ND2 1 
ATOM   682  N N   . THR A 1 86  ? -2.250  10.985  -4.924  1.00 18.16 ? 90  THR A N   1 
ATOM   683  C CA  . THR A 1 86  ? -1.298  11.141  -3.831  1.00 21.87 ? 90  THR A CA  1 
ATOM   684  C C   . THR A 1 86  ? -0.172  10.117  -3.957  1.00 19.40 ? 90  THR A C   1 
ATOM   685  O O   . THR A 1 86  ? -0.140  9.329   -4.902  1.00 20.69 ? 90  THR A O   1 
ATOM   686  C CB  . THR A 1 86  ? -1.979  10.970  -2.456  1.00 24.43 ? 90  THR A CB  1 
ATOM   687  O OG1 . THR A 1 86  ? -1.069  11.356  -1.419  1.00 22.82 ? 90  THR A OG1 1 
ATOM   688  C CG2 . THR A 1 86  ? -2.391  9.523   -2.244  1.00 29.86 ? 90  THR A CG2 1 
ATOM   689  N N   . VAL A 1 87  ? 0.756   10.156  -3.009  1.00 17.22 ? 91  VAL A N   1 
ATOM   690  C CA  . VAL A 1 87  ? 1.881   9.236   -2.984  1.00 14.93 ? 91  VAL A CA  1 
ATOM   691  C C   . VAL A 1 87  ? 2.018   8.770   -1.546  1.00 16.97 ? 91  VAL A C   1 
ATOM   692  O O   . VAL A 1 87  ? 2.104   9.583   -0.627  1.00 21.57 ? 91  VAL A O   1 
ATOM   693  C CB  . VAL A 1 87  ? 3.204   9.926   -3.423  1.00 15.58 ? 91  VAL A CB  1 
ATOM   694  C CG1 . VAL A 1 87  ? 4.346   8.919   -3.401  1.00 18.23 ? 91  VAL A CG1 1 
ATOM   695  C CG2 . VAL A 1 87  ? 3.051   10.515  -4.815  1.00 15.94 ? 91  VAL A CG2 1 
ATOM   696  N N   . TYR A 1 88  ? 2.034   7.459   -1.355  1.00 11.75 ? 92  TYR A N   1 
ATOM   697  C CA  . TYR A 1 88  ? 2.157   6.882   -0.023  1.00 11.53 ? 92  TYR A CA  1 
ATOM   698  C C   . TYR A 1 88  ? 3.581   6.403   0.246   1.00 12.72 ? 92  TYR A C   1 
ATOM   699  O O   . TYR A 1 88  ? 4.257   5.892   -0.647  1.00 14.40 ? 92  TYR A O   1 
ATOM   700  C CB  . TYR A 1 88  ? 1.201   5.692   0.126   1.00 16.62 ? 92  TYR A CB  1 
ATOM   701  C CG  . TYR A 1 88  ? -0.270  6.042   0.006   1.00 14.29 ? 92  TYR A CG  1 
ATOM   702  C CD1 . TYR A 1 88  ? -0.992  5.734   -1.145  1.00 20.70 ? 92  TYR A CD1 1 
ATOM   703  C CD2 . TYR A 1 88  ? -0.943  6.662   1.057   1.00 20.35 ? 92  TYR A CD2 1 
ATOM   704  C CE1 . TYR A 1 88  ? -2.349  6.027   -1.243  1.00 17.95 ? 92  TYR A CE1 1 
ATOM   705  C CE2 . TYR A 1 88  ? -2.296  6.965   0.965   1.00 24.19 ? 92  TYR A CE2 1 
ATOM   706  C CZ  . TYR A 1 88  ? -2.993  6.643   -0.189  1.00 24.71 ? 92  TYR A CZ  1 
ATOM   707  O OH  . TYR A 1 88  ? -4.337  6.937   -0.281  1.00 32.21 ? 92  TYR A OH  1 
ATOM   708  N N   . GLY A 1 89  ? 4.016   6.568   1.490   1.00 14.28 ? 93  GLY A N   1 
ATOM   709  C CA  . GLY A 1 89  ? 5.338   6.130   1.894   1.00 16.21 ? 93  GLY A CA  1 
ATOM   710  C C   . GLY A 1 89  ? 5.242   5.290   3.156   1.00 16.30 ? 93  GLY A C   1 
ATOM   711  O O   . GLY A 1 89  ? 4.443   5.598   4.054   1.00 15.66 ? 93  GLY A O   1 
ATOM   712  N N   . LEU A 1 90  ? 6.049   4.234   3.233   1.00 14.77 ? 94  LEU A N   1 
ATOM   713  C CA  . LEU A 1 90  ? 6.030   3.357   4.397   1.00 14.48 ? 94  LEU A CA  1 
ATOM   714  C C   . LEU A 1 90  ? 7.422   3.108   4.969   1.00 17.36 ? 94  LEU A C   1 
ATOM   715  O O   . LEU A 1 90  ? 8.354   2.768   4.237   1.00 15.93 ? 94  LEU A O   1 
ATOM   716  C CB  . LEU A 1 90  ? 5.395   2.009   4.035   1.00 14.94 ? 94  LEU A CB  1 
ATOM   717  C CG  . LEU A 1 90  ? 3.951   2.011   3.532   1.00 14.79 ? 94  LEU A CG  1 
ATOM   718  C CD1 . LEU A 1 90  ? 3.591   0.625   2.993   1.00 15.65 ? 94  LEU A CD1 1 
ATOM   719  C CD2 . LEU A 1 90  ? 3.010   2.418   4.671   1.00 17.81 ? 94  LEU A CD2 1 
ATOM   720  N N   . GLY A 1 91  ? 7.555   3.284   6.279   1.00 16.92 ? 95  GLY A N   1 
ATOM   721  C CA  . GLY A 1 91  ? 8.830   3.044   6.931   1.00 12.68 ? 95  GLY A CA  1 
ATOM   722  C C   . GLY A 1 91  ? 8.699   1.774   7.750   1.00 15.89 ? 95  GLY A C   1 
ATOM   723  O O   . GLY A 1 91  ? 7.906   1.720   8.687   1.00 13.35 ? 95  GLY A O   1 
ATOM   724  N N   . PHE A 1 92  ? 9.465   0.750   7.395   1.00 11.53 ? 96  PHE A N   1 
ATOM   725  C CA  . PHE A 1 92  ? 9.408   -0.517  8.101   1.00 16.06 ? 96  PHE A CA  1 
ATOM   726  C C   . PHE A 1 92  ? 10.480  -0.631  9.183   1.00 17.73 ? 96  PHE A C   1 
ATOM   727  O O   . PHE A 1 92  ? 11.429  0.152   9.223   1.00 19.98 ? 96  PHE A O   1 
ATOM   728  C CB  . PHE A 1 92  ? 9.537   -1.678  7.107   1.00 14.24 ? 96  PHE A CB  1 
ATOM   729  C CG  . PHE A 1 92  ? 8.457   -1.700  6.061   1.00 16.16 ? 96  PHE A CG  1 
ATOM   730  C CD1 . PHE A 1 92  ? 8.636   -1.061  4.836   1.00 15.14 ? 96  PHE A CD1 1 
ATOM   731  C CD2 . PHE A 1 92  ? 7.248   -2.343  6.310   1.00 16.67 ? 96  PHE A CD2 1 
ATOM   732  C CE1 . PHE A 1 92  ? 7.623   -1.063  3.871   1.00 16.80 ? 96  PHE A CE1 1 
ATOM   733  C CE2 . PHE A 1 92  ? 6.224   -2.349  5.346   1.00 15.08 ? 96  PHE A CE2 1 
ATOM   734  C CZ  . PHE A 1 92  ? 6.415   -1.711  4.132   1.00 14.18 ? 96  PHE A CZ  1 
ATOM   735  N N   . ALA A 1 93  ? 10.319  -1.618  10.056  1.00 19.45 ? 97  ALA A N   1 
ATOM   736  C CA  . ALA A 1 93  ? 11.267  -1.831  11.140  1.00 21.65 ? 97  ALA A CA  1 
ATOM   737  C C   . ALA A 1 93  ? 12.580  -2.432  10.654  1.00 18.52 ? 97  ALA A C   1 
ATOM   738  O O   . ALA A 1 93  ? 13.589  -2.351  11.345  1.00 17.42 ? 97  ALA A O   1 
ATOM   739  C CB  . ALA A 1 93  ? 10.643  -2.732  12.202  1.00 19.66 ? 97  ALA A CB  1 
ATOM   740  N N   . SER A 1 94  ? 12.572  -3.033  9.469   1.00 18.28 ? 98  SER A N   1 
ATOM   741  C CA  . SER A 1 94  ? 13.782  -3.661  8.946   1.00 16.61 ? 98  SER A CA  1 
ATOM   742  C C   . SER A 1 94  ? 13.749  -3.837  7.430   1.00 14.43 ? 98  SER A C   1 
ATOM   743  O O   . SER A 1 94  ? 12.712  -3.711  6.793   1.00 14.27 ? 98  SER A O   1 
ATOM   744  C CB  . SER A 1 94  ? 13.969  -5.039  9.584   1.00 22.09 ? 98  SER A CB  1 
ATOM   745  O OG  . SER A 1 94  ? 13.062  -5.959  9.014   1.00 14.47 ? 98  SER A OG  1 
ATOM   746  N N   . GLU A 1 95  ? 14.905  -4.146  6.864   1.00 13.00 ? 99  GLU A N   1 
ATOM   747  C CA  . GLU A 1 95  ? 15.021  -4.363  5.438   1.00 17.79 ? 99  GLU A CA  1 
ATOM   748  C C   . GLU A 1 95  ? 14.200  -5.591  5.051   1.00 17.68 ? 99  GLU A C   1 
ATOM   749  O O   . GLU A 1 95  ? 13.611  -5.636  3.978   1.00 16.88 ? 99  GLU A O   1 
ATOM   750  C CB  . GLU A 1 95  ? 16.491  -4.545  5.062   1.00 21.99 ? 99  GLU A CB  1 
ATOM   751  C CG  . GLU A 1 95  ? 16.722  -4.960  3.617   1.00 32.06 ? 99  GLU A CG  1 
ATOM   752  C CD  . GLU A 1 95  ? 18.181  -4.855  3.218   1.00 34.85 ? 99  GLU A CD  1 
ATOM   753  O OE1 . GLU A 1 95  ? 19.051  -5.317  3.997   1.00 31.61 ? 99  GLU A OE1 1 
ATOM   754  O OE2 . GLU A 1 95  ? 18.457  -4.313  2.124   1.00 33.07 ? 99  GLU A OE2 1 
ATOM   755  N N   . GLN A 1 96  ? 14.148  -6.583  5.936   1.00 16.44 ? 100 GLN A N   1 
ATOM   756  C CA  . GLN A 1 96  ? 13.386  -7.791  5.654   1.00 18.96 ? 100 GLN A CA  1 
ATOM   757  C C   . GLN A 1 96  ? 11.891  -7.463  5.504   1.00 16.72 ? 100 GLN A C   1 
ATOM   758  O O   . GLN A 1 96  ? 11.209  -8.020  4.642   1.00 16.25 ? 100 GLN A O   1 
ATOM   759  C CB  . GLN A 1 96  ? 13.598  -8.826  6.771   1.00 21.20 ? 100 GLN A CB  1 
ATOM   760  C CG  . GLN A 1 96  ? 12.782  -10.105 6.591   1.00 36.12 ? 100 GLN A CG  1 
ATOM   761  C CD  . GLN A 1 96  ? 13.170  -11.201 7.572   1.00 41.39 ? 100 GLN A CD  1 
ATOM   762  O OE1 . GLN A 1 96  ? 14.286  -11.726 7.527   1.00 43.92 ? 100 GLN A OE1 1 
ATOM   763  N NE2 . GLN A 1 96  ? 12.248  -11.550 8.469   1.00 40.11 ? 100 GLN A NE2 1 
ATOM   764  N N   . HIS A 1 97  ? 11.384  -6.556  6.336   1.00 13.76 ? 101 HIS A N   1 
ATOM   765  C CA  . HIS A 1 97  ? 9.979   -6.178  6.258   1.00 17.03 ? 101 HIS A CA  1 
ATOM   766  C C   . HIS A 1 97  ? 9.677   -5.425  4.969   1.00 16.65 ? 101 HIS A C   1 
ATOM   767  O O   . HIS A 1 97  ? 8.628   -5.637  4.365   1.00 15.05 ? 101 HIS A O   1 
ATOM   768  C CB  . HIS A 1 97  ? 9.564   -5.339  7.468   1.00 20.06 ? 101 HIS A CB  1 
ATOM   769  C CG  . HIS A 1 97  ? 9.372   -6.145  8.716   1.00 23.73 ? 101 HIS A CG  1 
ATOM   770  N ND1 . HIS A 1 97  ? 10.421  -6.546  9.514   1.00 29.82 ? 101 HIS A ND1 1 
ATOM   771  C CD2 . HIS A 1 97  ? 8.254   -6.668  9.278   1.00 27.95 ? 101 HIS A CD2 1 
ATOM   772  C CE1 . HIS A 1 97  ? 9.961   -7.282  10.510  1.00 26.86 ? 101 HIS A CE1 1 
ATOM   773  N NE2 . HIS A 1 97  ? 8.649   -7.372  10.390  1.00 21.63 ? 101 HIS A NE2 1 
ATOM   774  N N   . LEU A 1 98  ? 10.592  -4.556  4.543   1.00 15.00 ? 102 LEU A N   1 
ATOM   775  C CA  . LEU A 1 98  ? 10.390  -3.822  3.294   1.00 16.92 ? 102 LEU A CA  1 
ATOM   776  C C   . LEU A 1 98  ? 10.312  -4.843  2.156   1.00 15.84 ? 102 LEU A C   1 
ATOM   777  O O   . LEU A 1 98  ? 9.429   -4.768  1.297   1.00 20.94 ? 102 LEU A O   1 
ATOM   778  C CB  . LEU A 1 98  ? 11.542  -2.841  3.043   1.00 12.55 ? 102 LEU A CB  1 
ATOM   779  C CG  . LEU A 1 98  ? 11.619  -2.221  1.640   1.00 17.36 ? 102 LEU A CG  1 
ATOM   780  C CD1 . LEU A 1 98  ? 10.371  -1.386  1.370   1.00 13.20 ? 102 LEU A CD1 1 
ATOM   781  C CD2 . LEU A 1 98  ? 12.856  -1.353  1.531   1.00 15.29 ? 102 LEU A CD2 1 
ATOM   782  N N   . THR A 1 99  ? 11.225  -5.811  2.178   1.00 15.57 ? 103 THR A N   1 
ATOM   783  C CA  . THR A 1 99  ? 11.289  -6.874  1.167   1.00 15.86 ? 103 THR A CA  1 
ATOM   784  C C   . THR A 1 99  ? 9.966   -7.643  1.114   1.00 17.63 ? 103 THR A C   1 
ATOM   785  O O   . THR A 1 99  ? 9.429   -7.897  0.035   1.00 21.33 ? 103 THR A O   1 
ATOM   786  C CB  . THR A 1 99  ? 12.449  -7.872  1.479   1.00 18.91 ? 103 THR A CB  1 
ATOM   787  O OG1 . THR A 1 99  ? 13.713  -7.197  1.366   1.00 17.95 ? 103 THR A OG1 1 
ATOM   788  C CG2 . THR A 1 99  ? 12.415  -9.061  0.521   1.00 20.36 ? 103 THR A CG2 1 
ATOM   789  N N   . GLN A 1 100 ? 9.446   -8.005  2.284   1.00 18.88 ? 104 GLN A N   1 
ATOM   790  C CA  . GLN A 1 100 ? 8.180   -8.732  2.371   1.00 18.36 ? 104 GLN A CA  1 
ATOM   791  C C   . GLN A 1 100 ? 7.053   -7.951  1.704   1.00 19.49 ? 104 GLN A C   1 
ATOM   792  O O   . GLN A 1 100 ? 6.287   -8.501  0.912   1.00 19.02 ? 104 GLN A O   1 
ATOM   793  C CB  . GLN A 1 100 ? 7.817   -8.993  3.837   1.00 21.52 ? 104 GLN A CB  1 
ATOM   794  C CG  . GLN A 1 100 ? 8.493   -10.214 4.458   1.00 21.93 ? 104 GLN A CG  1 
ATOM   795  C CD  . GLN A 1 100 ? 8.290   -10.296 5.970   1.00 25.92 ? 104 GLN A CD  1 
ATOM   796  O OE1 . GLN A 1 100 ? 8.630   -11.301 6.599   1.00 30.57 ? 104 GLN A OE1 1 
ATOM   797  N NE2 . GLN A 1 100 ? 7.747   -9.236  6.561   1.00 22.92 ? 104 GLN A NE2 1 
ATOM   798  N N   . PHE A 1 101 ? 6.956   -6.662  2.020   1.00 17.50 ? 105 PHE A N   1 
ATOM   799  C CA  . PHE A 1 101 ? 5.903   -5.844  1.441   1.00 16.99 ? 105 PHE A CA  1 
ATOM   800  C C   . PHE A 1 101 ? 6.065   -5.706  -0.071  1.00 13.96 ? 105 PHE A C   1 
ATOM   801  O O   . PHE A 1 101 ? 5.094   -5.827  -0.808  1.00 15.59 ? 105 PHE A O   1 
ATOM   802  C CB  . PHE A 1 101 ? 5.886   -4.454  2.070   1.00 16.06 ? 105 PHE A CB  1 
ATOM   803  C CG  . PHE A 1 101 ? 4.668   -3.650  1.709   1.00 16.66 ? 105 PHE A CG  1 
ATOM   804  C CD1 . PHE A 1 101 ? 3.460   -3.871  2.363   1.00 17.62 ? 105 PHE A CD1 1 
ATOM   805  C CD2 . PHE A 1 101 ? 4.720   -2.698  0.697   1.00 15.93 ? 105 PHE A CD2 1 
ATOM   806  C CE1 . PHE A 1 101 ? 2.308   -3.150  2.017   1.00 20.34 ? 105 PHE A CE1 1 
ATOM   807  C CE2 . PHE A 1 101 ? 3.582   -1.973  0.337   1.00 18.30 ? 105 PHE A CE2 1 
ATOM   808  C CZ  . PHE A 1 101 ? 2.372   -2.199  1.001   1.00 17.65 ? 105 PHE A CZ  1 
ATOM   809  N N   . ALA A 1 102 ? 7.289   -5.450  -0.522  1.00 15.61 ? 106 ALA A N   1 
ATOM   810  C CA  . ALA A 1 102 ? 7.557   -5.279  -1.947  1.00 19.42 ? 106 ALA A CA  1 
ATOM   811  C C   . ALA A 1 102 ? 7.283   -6.538  -2.760  1.00 17.92 ? 106 ALA A C   1 
ATOM   812  O O   . ALA A 1 102 ? 6.718   -6.468  -3.847  1.00 15.46 ? 106 ALA A O   1 
ATOM   813  C CB  . ALA A 1 102 ? 8.998   -4.813  -2.166  1.00 17.32 ? 106 ALA A CB  1 
ATOM   814  N N   . GLU A 1 103 ? 7.677   -7.694  -2.240  1.00 18.21 ? 107 GLU A N   1 
ATOM   815  C CA  . GLU A 1 103 ? 7.436   -8.932  -2.969  1.00 21.44 ? 107 GLU A CA  1 
ATOM   816  C C   . GLU A 1 103 ? 5.943   -9.196  -3.095  1.00 22.59 ? 107 GLU A C   1 
ATOM   817  O O   . GLU A 1 103 ? 5.484   -9.645  -4.142  1.00 21.70 ? 107 GLU A O   1 
ATOM   818  C CB  . GLU A 1 103 ? 8.128   -10.112 -2.281  1.00 23.99 ? 107 GLU A CB  1 
ATOM   819  C CG  . GLU A 1 103 ? 9.634   -9.949  -2.211  1.00 31.83 ? 107 GLU A CG  1 
ATOM   820  C CD  . GLU A 1 103 ? 10.350  -11.231 -1.827  1.00 37.70 ? 107 GLU A CD  1 
ATOM   821  O OE1 . GLU A 1 103 ? 9.827   -11.974 -0.970  1.00 41.99 ? 107 GLU A OE1 1 
ATOM   822  O OE2 . GLU A 1 103 ? 11.444  -11.488 -2.372  1.00 37.68 ? 107 GLU A OE2 1 
ATOM   823  N N   . LYS A 1 104 ? 5.192   -8.903  -2.035  1.00 20.53 ? 108 LYS A N   1 
ATOM   824  C CA  . LYS A 1 104 ? 3.748   -9.106  -2.060  1.00 20.50 ? 108 LYS A CA  1 
ATOM   825  C C   . LYS A 1 104 ? 3.103   -8.135  -3.046  1.00 18.75 ? 108 LYS A C   1 
ATOM   826  O O   . LYS A 1 104 ? 2.128   -8.480  -3.708  1.00 18.02 ? 108 LYS A O   1 
ATOM   827  C CB  . LYS A 1 104 ? 3.146   -8.922  -0.662  1.00 20.04 ? 108 LYS A CB  1 
ATOM   828  C CG  . LYS A 1 104 ? 1.646   -9.225  -0.579  1.00 23.36 ? 108 LYS A CG  1 
ATOM   829  C CD  . LYS A 1 104 ? 1.318   -10.648 -1.040  1.00 24.44 ? 108 LYS A CD  1 
ATOM   830  C CE  . LYS A 1 104 ? 1.971   -11.702 -0.156  1.00 33.90 ? 108 LYS A CE  1 
ATOM   831  N NZ  . LYS A 1 104 ? 1.624   -13.099 -0.569  1.00 33.66 ? 108 LYS A NZ  1 
ATOM   832  N N   . PHE A 1 105 ? 3.652   -6.925  -3.147  1.00 18.60 ? 109 PHE A N   1 
ATOM   833  C CA  . PHE A 1 105 ? 3.129   -5.923  -4.076  1.00 17.93 ? 109 PHE A CA  1 
ATOM   834  C C   . PHE A 1 105 ? 3.192   -6.516  -5.487  1.00 21.17 ? 109 PHE A C   1 
ATOM   835  O O   . PHE A 1 105 ? 2.214   -6.476  -6.234  1.00 20.29 ? 109 PHE A O   1 
ATOM   836  C CB  . PHE A 1 105 ? 3.979   -4.651  -4.020  1.00 14.96 ? 109 PHE A CB  1 
ATOM   837  C CG  . PHE A 1 105 ? 3.324   -3.436  -4.647  1.00 19.10 ? 109 PHE A CG  1 
ATOM   838  C CD1 . PHE A 1 105 ? 2.616   -2.529  -3.860  1.00 22.61 ? 109 PHE A CD1 1 
ATOM   839  C CD2 . PHE A 1 105 ? 3.436   -3.186  -6.017  1.00 20.89 ? 109 PHE A CD2 1 
ATOM   840  C CE1 . PHE A 1 105 ? 2.034   -1.388  -4.412  1.00 22.02 ? 109 PHE A CE1 1 
ATOM   841  C CE2 . PHE A 1 105 ? 2.853   -2.041  -6.586  1.00 21.67 ? 109 PHE A CE2 1 
ATOM   842  C CZ  . PHE A 1 105 ? 2.153   -1.141  -5.778  1.00 25.88 ? 109 PHE A CZ  1 
ATOM   843  N N   . GLN A 1 106 ? 4.353   -7.071  -5.841  1.00 23.99 ? 110 GLN A N   1 
ATOM   844  C CA  . GLN A 1 106 ? 4.551   -7.670  -7.163  1.00 27.48 ? 110 GLN A CA  1 
ATOM   845  C C   . GLN A 1 106 ? 3.616   -8.853  -7.403  1.00 26.39 ? 110 GLN A C   1 
ATOM   846  O O   . GLN A 1 106 ? 2.996   -8.960  -8.463  1.00 26.99 ? 110 GLN A O   1 
ATOM   847  C CB  . GLN A 1 106 ? 6.007   -8.117  -7.330  1.00 29.23 ? 110 GLN A CB  1 
ATOM   848  C CG  . GLN A 1 106 ? 7.026   -6.984  -7.259  1.00 43.05 ? 110 GLN A CG  1 
ATOM   849  C CD  . GLN A 1 106 ? 6.829   -5.957  -8.355  1.00 51.09 ? 110 GLN A CD  1 
ATOM   850  O OE1 . GLN A 1 106 ? 5.987   -6.130  -9.230  1.00 59.08 ? 110 GLN A OE1 1 
ATOM   851  N NE2 . GLN A 1 106 ? 7.612   -4.885  -8.319  1.00 58.70 ? 110 GLN A NE2 1 
ATOM   852  N N   . GLU A 1 107 ? 3.510   -9.739  -6.422  1.00 28.94 ? 111 GLU A N   1 
ATOM   853  C CA  . GLU A 1 107 ? 2.638   -10.900 -6.564  1.00 30.60 ? 111 GLU A CA  1 
ATOM   854  C C   . GLU A 1 107 ? 1.204   -10.449 -6.813  1.00 32.70 ? 111 GLU A C   1 
ATOM   855  O O   . GLU A 1 107 ? 0.498   -11.003 -7.656  1.00 31.03 ? 111 GLU A O   1 
ATOM   856  C CB  . GLU A 1 107 ? 2.684   -11.756 -5.300  1.00 32.36 ? 111 GLU A CB  1 
ATOM   857  C CG  . GLU A 1 107 ? 3.974   -12.529 -5.112  1.00 36.69 ? 111 GLU A CG  1 
ATOM   858  C CD  . GLU A 1 107 ? 4.042   -13.207 -3.763  1.00 41.73 ? 111 GLU A CD  1 
ATOM   859  O OE1 . GLU A 1 107 ? 3.010   -13.751 -3.323  1.00 44.92 ? 111 GLU A OE1 1 
ATOM   860  O OE2 . GLU A 1 107 ? 5.129   -13.200 -3.147  1.00 50.65 ? 111 GLU A OE2 1 
ATOM   861  N N   . VAL A 1 108 ? 0.787   -9.421  -6.083  1.00 31.95 ? 112 VAL A N   1 
ATOM   862  C CA  . VAL A 1 108 ? -0.565  -8.888  -6.201  1.00 33.62 ? 112 VAL A CA  1 
ATOM   863  C C   . VAL A 1 108 ? -0.796  -8.102  -7.502  1.00 37.93 ? 112 VAL A C   1 
ATOM   864  O O   . VAL A 1 108 ? -1.917  -8.092  -8.016  1.00 41.46 ? 112 VAL A O   1 
ATOM   865  C CB  . VAL A 1 108 ? -0.896  -8.017  -4.974  1.00 29.58 ? 112 VAL A CB  1 
ATOM   866  C CG1 . VAL A 1 108 ? -1.911  -6.950  -5.331  1.00 28.73 ? 112 VAL A CG1 1 
ATOM   867  C CG2 . VAL A 1 108 ? -1.432  -8.904  -3.851  1.00 26.61 ? 112 VAL A CG2 1 
ATOM   868  N N   . LYS A 1 109 ? 0.234   -7.445  -8.035  1.00 39.38 ? 113 LYS A N   1 
ATOM   869  C CA  . LYS A 1 109 ? 0.065   -6.710  -9.283  1.00 43.00 ? 113 LYS A CA  1 
ATOM   870  C C   . LYS A 1 109 ? -0.199  -7.680  -10.417 1.00 43.97 ? 113 LYS A C   1 
ATOM   871  O O   . LYS A 1 109 ? -0.919  -7.358  -11.358 1.00 47.32 ? 113 LYS A O   1 
ATOM   872  C CB  . LYS A 1 109 ? 1.311   -5.892  -9.615  1.00 40.40 ? 113 LYS A CB  1 
ATOM   873  C CG  . LYS A 1 109 ? 1.474   -4.587  -8.887  1.00 45.24 ? 113 LYS A CG  1 
ATOM   874  C CD  . LYS A 1 109 ? 2.681   -3.836  -9.442  1.00 51.08 ? 113 LYS A CD  1 
ATOM   875  C CE  . LYS A 1 109 ? 3.751   -4.796  -9.924  1.00 56.59 ? 113 LYS A CE  1 
ATOM   876  N NZ  . LYS A 1 109 ? 4.826   -4.151  -10.732 1.00 54.18 ? 113 LYS A NZ  1 
ATOM   877  N N   . GLU A 1 110 ? 0.406   -8.859  -10.318 1.00 43.37 ? 114 GLU A N   1 
ATOM   878  C CA  . GLU A 1 110 ? 0.250   -9.907  -11.319 1.00 45.45 ? 114 GLU A CA  1 
ATOM   879  C C   . GLU A 1 110 ? -1.222  -10.303 -11.379 1.00 44.71 ? 114 GLU A C   1 
ATOM   880  O O   . GLU A 1 110 ? -1.785  -10.519 -12.459 1.00 45.79 ? 114 GLU A O   1 
ATOM   881  C CB  . GLU A 1 110 ? 1.087   -11.125 -10.927 1.00 46.71 ? 114 GLU A CB  1 
ATOM   882  C CG  . GLU A 1 110 ? 0.849   -12.372 -11.765 1.00 55.86 ? 114 GLU A CG  1 
ATOM   883  C CD  . GLU A 1 110 ? 1.484   -12.302 -13.141 1.00 59.93 ? 114 GLU A CD  1 
ATOM   884  O OE1 . GLU A 1 110 ? 2.021   -11.233 -13.510 1.00 61.49 ? 114 GLU A OE1 1 
ATOM   885  O OE2 . GLU A 1 110 ? 1.444   -13.325 -13.862 1.00 60.15 ? 114 GLU A OE2 1 
ATOM   886  N N   . ALA A 1 111 ? -1.841  -10.398 -10.208 1.00 40.78 ? 115 ALA A N   1 
ATOM   887  C CA  . ALA A 1 111 ? -3.246  -10.758 -10.113 1.00 36.55 ? 115 ALA A CA  1 
ATOM   888  C C   . ALA A 1 111 ? -4.074  -9.684  -10.815 1.00 35.92 ? 115 ALA A C   1 
ATOM   889  O O   . ALA A 1 111 ? -4.954  -9.997  -11.613 1.00 34.38 ? 115 ALA A O   1 
ATOM   890  C CB  . ALA A 1 111 ? -3.648  -10.870 -8.654  1.00 39.11 ? 115 ALA A CB  1 
ATOM   891  N N   . ALA A 1 112 ? -3.772  -8.421  -10.519 1.00 35.19 ? 116 ALA A N   1 
ATOM   892  C CA  . ALA A 1 112 ? -4.479  -7.293  -11.115 1.00 36.90 ? 116 ALA A CA  1 
ATOM   893  C C   . ALA A 1 112 ? -4.352  -7.304  -12.636 1.00 40.37 ? 116 ALA A C   1 
ATOM   894  O O   . ALA A 1 112 ? -5.304  -6.979  -13.346 1.00 37.55 ? 116 ALA A O   1 
ATOM   895  C CB  . ALA A 1 112 ? -3.935  -5.975  -10.556 1.00 34.85 ? 116 ALA A CB  1 
ATOM   896  N N   . ARG A 1 113 ? -3.168  -7.669  -13.128 1.00 41.25 ? 117 ARG A N   1 
ATOM   897  C CA  . ARG A 1 113 ? -2.916  -7.722  -14.565 1.00 41.95 ? 117 ARG A CA  1 
ATOM   898  C C   . ARG A 1 113 ? -3.849  -8.743  -15.198 1.00 44.54 ? 117 ARG A C   1 
ATOM   899  O O   . ARG A 1 113 ? -4.497  -8.464  -16.210 1.00 44.06 ? 117 ARG A O   1 
ATOM   900  C CB  . ARG A 1 113 ? -1.462  -8.117  -14.847 1.00 44.47 ? 117 ARG A CB  1 
ATOM   901  C CG  . ARG A 1 113 ? -1.109  -8.127  -16.325 1.00 45.96 ? 117 ARG A CG  1 
ATOM   902  C CD  . ARG A 1 113 ? 0.369   -8.417  -16.558 1.00 47.30 ? 117 ARG A CD  1 
ATOM   903  N NE  . ARG A 1 113 ? 0.743   -9.776  -16.174 1.00 51.88 ? 117 ARG A NE  1 
ATOM   904  C CZ  . ARG A 1 113 ? 0.251   -10.878 -16.734 1.00 55.00 ? 117 ARG A CZ  1 
ATOM   905  N NH1 . ARG A 1 113 ? -0.644  -10.792 -17.711 1.00 54.69 ? 117 ARG A NH1 1 
ATOM   906  N NH2 . ARG A 1 113 ? 0.658   -12.071 -16.319 1.00 52.86 ? 117 ARG A NH2 1 
ATOM   907  N N   . LEU A 1 114 ? -3.910  -9.930  -14.600 1.00 42.62 ? 118 LEU A N   1 
ATOM   908  C CA  . LEU A 1 114 ? -4.785  -10.978 -15.107 1.00 42.69 ? 118 LEU A CA  1 
ATOM   909  C C   . LEU A 1 114 ? -6.232  -10.572 -14.843 1.00 40.96 ? 118 LEU A C   1 
ATOM   910  O O   . LEU A 1 114 ? -7.125  -10.854 -15.643 1.00 36.86 ? 118 LEU A O   1 
ATOM   911  C CB  . LEU A 1 114 ? -4.474  -12.310 -14.421 1.00 45.54 ? 118 LEU A CB  1 
ATOM   912  C CG  . LEU A 1 114 ? -3.061  -12.853 -14.649 1.00 46.04 ? 118 LEU A CG  1 
ATOM   913  C CD1 . LEU A 1 114 ? -2.907  -14.182 -13.932 1.00 46.36 ? 118 LEU A CD1 1 
ATOM   914  C CD2 . LEU A 1 114 ? -2.809  -13.029 -16.141 1.00 50.68 ? 118 LEU A CD2 1 
ATOM   915  N N   . ALA A 1 115 ? -6.454  -9.899  -13.715 1.00 40.47 ? 119 ALA A N   1 
ATOM   916  C CA  . ALA A 1 115 ? -7.788  -9.440  -13.357 1.00 43.22 ? 119 ALA A CA  1 
ATOM   917  C C   . ALA A 1 115 ? -8.289  -8.482  -14.427 1.00 45.86 ? 119 ALA A C   1 
ATOM   918  O O   . ALA A 1 115 ? -9.468  -8.499  -14.781 1.00 47.13 ? 119 ALA A O   1 
ATOM   919  C CB  . ALA A 1 115 ? -7.762  -8.742  -12.005 1.00 38.59 ? 119 ALA A CB  1 
ATOM   920  N N   . ARG A 1 116 ? -7.390  -7.648  -14.943 1.00 45.43 ? 120 ARG A N   1 
ATOM   921  C CA  . ARG A 1 116 ? -7.769  -6.689  -15.975 1.00 49.14 ? 120 ARG A CA  1 
ATOM   922  C C   . ARG A 1 116 ? -7.979  -7.425  -17.295 1.00 51.77 ? 120 ARG A C   1 
ATOM   923  O O   . ARG A 1 116 ? -8.827  -7.045  -18.100 1.00 52.19 ? 120 ARG A O   1 
ATOM   924  C CB  . ARG A 1 116 ? -6.691  -5.614  -16.141 1.00 48.10 ? 120 ARG A CB  1 
ATOM   925  C CG  . ARG A 1 116 ? -7.107  -4.471  -17.068 1.00 47.95 ? 120 ARG A CG  1 
ATOM   926  C CD  . ARG A 1 116 ? -6.089  -3.332  -17.109 1.00 45.78 ? 120 ARG A CD  1 
ATOM   927  N NE  . ARG A 1 116 ? -6.285  -2.340  -16.052 1.00 44.70 ? 120 ARG A NE  1 
ATOM   928  C CZ  . ARG A 1 116 ? -5.525  -1.258  -15.902 1.00 45.80 ? 120 ARG A CZ  1 
ATOM   929  N NH1 . ARG A 1 116 ? -4.517  -1.034  -16.740 1.00 43.58 ? 120 ARG A NH1 1 
ATOM   930  N NH2 . ARG A 1 116 ? -5.769  -0.400  -14.915 1.00 45.20 ? 120 ARG A NH2 1 
ATOM   931  N N   . GLU A 1 117 ? -7.209  -8.494  -17.485 1.00 55.37 ? 121 GLU A N   1 
ATOM   932  C CA  . GLU A 1 117 ? -7.270  -9.336  -18.677 1.00 59.78 ? 121 GLU A CA  1 
ATOM   933  C C   . GLU A 1 117 ? -6.719  -8.712  -19.959 1.00 63.64 ? 121 GLU A C   1 
ATOM   934  O O   . GLU A 1 117 ? -5.715  -9.265  -20.452 1.00 65.49 ? 121 GLU A O   1 
ATOM   935  C CB  . GLU A 1 117 ? -8.706  -9.804  -18.919 1.00 58.42 ? 121 GLU A CB  1 
ATOM   936  C CG  . GLU A 1 117 ? -9.144  -10.979 -18.060 1.00 59.45 ? 121 GLU A CG  1 
ATOM   937  C CD  . GLU A 1 117 ? -10.594 -11.357 -18.302 1.00 59.38 ? 121 GLU A CD  1 
ATOM   938  O OE1 . GLU A 1 117 ? -11.288 -10.603 -19.010 1.00 59.14 ? 121 GLU A OE1 1 
ATOM   939  O OE2 . GLU A 1 117 ? -11.033 -12.404 -17.788 1.00 62.94 ? 121 GLU A OE2 1 
ATOM   940  O OXT . GLU A 1 117 ? -7.289  -7.711  -20.455 1.00 65.14 ? 121 GLU A OXT 1 
HETATM 941  S S   . SO4 B 2 .   ? -2.627  1.508   -14.738 1.00 43.21 ? 122 SO4 A S   1 
HETATM 942  O O1  . SO4 B 2 .   ? -4.168  1.924   -14.441 1.00 34.51 ? 122 SO4 A O1  1 
HETATM 943  O O2  . SO4 B 2 .   ? -1.974  2.733   -15.151 1.00 40.26 ? 122 SO4 A O2  1 
HETATM 944  O O3  . SO4 B 2 .   ? -2.094  0.984   -13.665 1.00 40.94 ? 122 SO4 A O3  1 
HETATM 945  O O4  . SO4 B 2 .   ? -2.737  0.633   -15.878 1.00 42.20 ? 122 SO4 A O4  1 
HETATM 946  O O   . HOH C 3 .   ? 6.497   -6.664  6.115   1.00 21.29 ? 123 HOH A O   1 
HETATM 947  O O   . HOH C 3 .   ? 2.428   3.671   -9.055  1.00 17.68 ? 124 HOH A O   1 
HETATM 948  O O   . HOH C 3 .   ? -12.950 -8.991  5.442   1.00 19.38 ? 125 HOH A O   1 
HETATM 949  O O   . HOH C 3 .   ? 7.907   -3.187  10.042  1.00 19.74 ? 126 HOH A O   1 
HETATM 950  O O   . HOH C 3 .   ? 8.034   1.365   11.636  1.00 19.24 ? 127 HOH A O   1 
HETATM 951  O O   . HOH C 3 .   ? -3.697  0.087   12.038  1.00 20.60 ? 128 HOH A O   1 
HETATM 952  O O   . HOH C 3 .   ? -1.244  4.908   -9.634  1.00 22.15 ? 129 HOH A O   1 
HETATM 953  O O   . HOH C 3 .   ? -12.278 -3.988  0.081   1.00 40.76 ? 130 HOH A O   1 
HETATM 954  O O   . HOH C 3 .   ? 17.904  2.710   5.027   1.00 24.04 ? 131 HOH A O   1 
HETATM 955  O O   . HOH C 3 .   ? 0.063   16.598  -5.619  1.00 42.39 ? 132 HOH A O   1 
HETATM 956  O O   . HOH C 3 .   ? -6.839  -4.258  -8.383  1.00 38.36 ? 133 HOH A O   1 
HETATM 957  O O   . HOH C 3 .   ? -5.059  -1.276  9.658   1.00 16.99 ? 134 HOH A O   1 
HETATM 958  O O   . HOH C 3 .   ? 15.910  7.759   -1.724  1.00 15.82 ? 135 HOH A O   1 
HETATM 959  O O   . HOH C 3 .   ? 2.025   6.276   10.748  1.00 18.09 ? 136 HOH A O   1 
HETATM 960  O O   . HOH C 3 .   ? 7.758   20.895  -6.499  1.00 26.96 ? 137 HOH A O   1 
HETATM 961  O O   . HOH C 3 .   ? 12.632  -0.513  -5.815  1.00 21.58 ? 138 HOH A O   1 
HETATM 962  O O   . HOH C 3 .   ? 5.215   4.673   -7.823  1.00 18.88 ? 139 HOH A O   1 
HETATM 963  O O   . HOH C 3 .   ? 7.665   -4.878  12.316  1.00 29.22 ? 140 HOH A O   1 
HETATM 964  O O   . HOH C 3 .   ? 16.744  -1.305  -0.795  1.00 23.01 ? 141 HOH A O   1 
HETATM 965  O O   . HOH C 3 .   ? 6.411   -2.633  -8.094  1.00 24.29 ? 142 HOH A O   1 
HETATM 966  O O   . HOH C 3 .   ? 0.067   10.369  -7.709  1.00 25.49 ? 143 HOH A O   1 
HETATM 967  O O   . HOH C 3 .   ? 4.257   3.145   -12.166 1.00 25.25 ? 144 HOH A O   1 
HETATM 968  O O   . HOH C 3 .   ? -5.444  2.997   -8.016  1.00 31.69 ? 145 HOH A O   1 
HETATM 969  O O   . HOH C 3 .   ? -15.330 -9.937  4.712   1.00 25.38 ? 146 HOH A O   1 
HETATM 970  O O   . HOH C 3 .   ? 10.658  1.908   12.436  1.00 25.70 ? 147 HOH A O   1 
HETATM 971  O O   . HOH C 3 .   ? 16.254  -3.276  0.881   1.00 34.84 ? 148 HOH A O   1 
HETATM 972  O O   . HOH C 3 .   ? 5.871   -11.399 0.783   1.00 24.39 ? 149 HOH A O   1 
HETATM 973  O O   . HOH C 3 .   ? -7.163  -5.305  -12.411 1.00 32.22 ? 150 HOH A O   1 
HETATM 974  O O   . HOH C 3 .   ? 11.704  -7.160  -2.382  1.00 26.11 ? 151 HOH A O   1 
HETATM 975  O O   . HOH C 3 .   ? -6.544  -15.336 2.960   1.00 28.89 ? 152 HOH A O   1 
HETATM 976  O O   . HOH C 3 .   ? -0.575  14.464  -4.256  1.00 29.61 ? 153 HOH A O   1 
HETATM 977  O O   . HOH C 3 .   ? 7.617   4.996   -6.724  1.00 27.46 ? 154 HOH A O   1 
HETATM 978  O O   . HOH C 3 .   ? 16.673  -2.213  -3.202  1.00 21.00 ? 155 HOH A O   1 
HETATM 979  O O   . HOH C 3 .   ? -0.191  14.163  -1.642  1.00 27.20 ? 156 HOH A O   1 
HETATM 980  O O   . HOH C 3 .   ? 10.082  -7.230  -4.916  1.00 25.02 ? 157 HOH A O   1 
HETATM 981  O O   . HOH C 3 .   ? 0.760   9.569   -10.124 1.00 32.75 ? 158 HOH A O   1 
HETATM 982  O O   . HOH C 3 .   ? -6.900  12.114  -2.371  1.00 31.49 ? 159 HOH A O   1 
HETATM 983  O O   . HOH C 3 .   ? 13.993  -4.807  0.599   1.00 31.75 ? 160 HOH A O   1 
HETATM 984  O O   . HOH C 3 .   ? 16.373  -7.379  7.616   1.00 23.74 ? 161 HOH A O   1 
HETATM 985  O O   . HOH C 3 .   ? 8.375   12.891  -4.651  1.00 29.15 ? 162 HOH A O   1 
HETATM 986  O O   . HOH C 3 .   ? 7.312   -13.712 -5.135  1.00 37.29 ? 163 HOH A O   1 
HETATM 987  O O   . HOH C 3 .   ? 9.005   -9.580  -6.743  1.00 41.49 ? 164 HOH A O   1 
HETATM 988  O O   . HOH C 3 .   ? 9.764   -3.025  -5.189  1.00 34.85 ? 165 HOH A O   1 
HETATM 989  O O   . HOH C 3 .   ? 3.557   21.937  0.888   1.00 38.99 ? 166 HOH A O   1 
HETATM 990  O O   . HOH C 3 .   ? 4.444   -12.769 3.221   1.00 30.03 ? 167 HOH A O   1 
HETATM 991  O O   . HOH C 3 .   ? -2.392  0.209   14.995  1.00 34.99 ? 168 HOH A O   1 
HETATM 992  O O   . HOH C 3 .   ? -0.592  -14.249 0.994   1.00 39.38 ? 169 HOH A O   1 
HETATM 993  O O   . HOH C 3 .   ? -6.930  -2.668  -11.900 1.00 35.92 ? 170 HOH A O   1 
HETATM 994  O O   . HOH C 3 .   ? -12.189 -18.120 5.491   1.00 26.35 ? 171 HOH A O   1 
HETATM 995  O O   . HOH C 3 .   ? 0.691   21.001  0.483   1.00 31.85 ? 172 HOH A O   1 
HETATM 996  O O   . HOH C 3 .   ? -8.313  3.097   14.478  1.00 26.16 ? 173 HOH A O   1 
HETATM 997  O O   . HOH C 3 .   ? 16.322  -2.182  11.505  1.00 30.51 ? 174 HOH A O   1 
HETATM 998  O O   . HOH C 3 .   ? -1.764  4.504   16.743  1.00 37.78 ? 175 HOH A O   1 
HETATM 999  O O   . HOH C 3 .   ? -7.815  -6.191  -9.943  1.00 30.40 ? 176 HOH A O   1 
HETATM 1000 O O   . HOH C 3 .   ? 15.192  -7.532  -1.413  1.00 34.77 ? 177 HOH A O   1 
HETATM 1001 O O   . HOH C 3 .   ? 6.770   9.696   -6.873  1.00 41.07 ? 178 HOH A O   1 
HETATM 1002 O O   . HOH C 3 .   ? -0.259  -6.001  12.325  1.00 31.95 ? 179 HOH A O   1 
HETATM 1003 O O   . HOH C 3 .   ? -6.876  4.094   -5.296  1.00 36.47 ? 180 HOH A O   1 
HETATM 1004 O O   . HOH C 3 .   ? -12.110 -1.271  0.827   1.00 38.20 ? 181 HOH A O   1 
HETATM 1005 O O   . HOH C 3 .   ? 7.319   -4.346  -5.746  1.00 39.36 ? 182 HOH A O   1 
HETATM 1006 O O   . HOH C 3 .   ? -4.696  4.624   15.321  1.00 42.41 ? 183 HOH A O   1 
HETATM 1007 O O   . HOH C 3 .   ? 17.398  -9.874  7.922   1.00 35.39 ? 184 HOH A O   1 
HETATM 1008 O O   . HOH C 3 .   ? 10.804  8.000   -1.359  1.00 28.21 ? 185 HOH A O   1 
HETATM 1009 O O   . HOH C 3 .   ? 16.336  -9.988  -0.405  1.00 39.69 ? 186 HOH A O   1 
HETATM 1010 O O   . HOH C 3 .   ? -3.464  6.979   13.583  1.00 33.66 ? 187 HOH A O   1 
HETATM 1011 O O   . HOH C 3 .   ? 17.338  -3.949  8.710   1.00 28.51 ? 188 HOH A O   1 
HETATM 1012 O O   . HOH C 3 .   ? -8.799  1.782   -10.813 1.00 46.45 ? 189 HOH A O   1 
HETATM 1013 O O   . HOH C 3 .   ? 4.156   -8.242  -10.771 1.00 31.62 ? 190 HOH A O   1 
HETATM 1014 O O   . HOH C 3 .   ? -5.386  8.897   1.203   1.00 33.90 ? 191 HOH A O   1 
HETATM 1015 O O   . HOH C 3 .   ? 3.304   5.697   -11.305 1.00 41.81 ? 192 HOH A O   1 
HETATM 1016 O O   . HOH C 3 .   ? 8.830   -13.558 4.826   1.00 42.81 ? 193 HOH A O   1 
HETATM 1017 O O   . HOH C 3 .   ? -3.098  -3.311  -17.847 1.00 51.46 ? 194 HOH A O   1 
HETATM 1018 O O   . HOH C 3 .   ? -14.736 -5.205  -0.022  1.00 47.94 ? 195 HOH A O   1 
HETATM 1019 O O   . HOH C 3 .   ? 3.784   20.010  -7.505  1.00 49.08 ? 196 HOH A O   1 
# 
loop_
_pdbx_poly_seq_scheme.asym_id 
_pdbx_poly_seq_scheme.entity_id 
_pdbx_poly_seq_scheme.seq_id 
_pdbx_poly_seq_scheme.mon_id 
_pdbx_poly_seq_scheme.ndb_seq_num 
_pdbx_poly_seq_scheme.pdb_seq_num 
_pdbx_poly_seq_scheme.auth_seq_num 
_pdbx_poly_seq_scheme.pdb_mon_id 
_pdbx_poly_seq_scheme.auth_mon_id 
_pdbx_poly_seq_scheme.pdb_strand_id 
_pdbx_poly_seq_scheme.pdb_ins_code 
_pdbx_poly_seq_scheme.hetero 
A 1 1   SER 1   5   5   SER SER A . n 
A 1 2   THR 2   6   6   THR THR A . n 
A 1 3   ALA 3   7   7   ALA ALA A . n 
A 1 4   ARG 4   8   8   ARG ARG A . n 
A 1 5   GLU 5   9   9   GLU GLU A . n 
A 1 6   GLN 6   10  10  GLN GLN A . n 
A 1 7   PRO 7   11  11  PRO PRO A . n 
A 1 8   ILE 8   12  12  ILE ILE A . n 
A 1 9   PHE 9   13  13  PHE PHE A . n 
A 1 10  SER 10  14  14  SER SER A . n 
A 1 11  THR 11  15  15  THR THR A . n 
A 1 12  ARG 12  16  16  ARG ARG A . n 
A 1 13  ALA 13  17  17  ALA ALA A . n 
A 1 14  HIS 14  18  18  HIS HIS A . n 
A 1 15  VAL 15  19  19  VAL VAL A . n 
A 1 16  PHE 16  20  20  PHE PHE A . n 
A 1 17  GLN 17  21  21  GLN GLN A . n 
A 1 18  ILE 18  22  22  ILE ILE A . n 
A 1 19  ASP 19  23  23  ASP ASP A . n 
A 1 20  PRO 20  24  24  PRO PRO A . n 
A 1 21  ALA 21  25  25  ALA ALA A . n 
A 1 22  THR 22  26  26  THR THR A . n 
A 1 23  LYS 23  27  27  LYS LYS A . n 
A 1 24  ARG 24  28  28  ARG ARG A . n 
A 1 25  ASN 25  29  29  ASN ASN A . n 
A 1 26  TRP 26  30  30  TRP TRP A . n 
A 1 27  ILE 27  31  31  ILE ILE A . n 
A 1 28  PRO 28  32  32  PRO PRO A . n 
A 1 29  ALA 29  33  33  ALA ALA A . n 
A 1 30  GLY 30  34  34  GLY GLY A . n 
A 1 31  LYS 31  35  35  LYS LYS A . n 
A 1 32  HIS 32  36  36  HIS HIS A . n 
A 1 33  ALA 33  37  37  ALA ALA A . n 
A 1 34  LEU 34  38  38  LEU LEU A . n 
A 1 35  THR 35  39  39  THR THR A . n 
A 1 36  VAL 36  40  40  VAL VAL A . n 
A 1 37  SER 37  41  41  SER SER A . n 
A 1 38  TYR 38  42  42  TYR TYR A . n 
A 1 39  PHE 39  43  43  PHE PHE A . n 
A 1 40  TYR 40  44  44  TYR TYR A . n 
A 1 41  ASP 41  45  45  ASP ASP A . n 
A 1 42  ALA 42  46  46  ALA ALA A . n 
A 1 43  THR 43  47  47  THR THR A . n 
A 1 44  ARG 44  48  48  ARG ARG A . n 
A 1 45  ASN 45  49  49  ASN ASN A . n 
A 1 46  VAL 46  50  50  VAL VAL A . n 
A 1 47  TYR 47  51  51  TYR TYR A . n 
A 1 48  ARG 48  52  52  ARG ARG A . n 
A 1 49  ILE 49  53  53  ILE ILE A . n 
A 1 50  ILE 50  54  54  ILE ILE A . n 
A 1 51  SER 51  55  55  SER SER A . n 
A 1 52  ILE 52  56  56  ILE ILE A . n 
A 1 53  GLY 53  57  57  GLY GLY A . n 
A 1 54  GLY 54  58  58  GLY GLY A . n 
A 1 55  ALA 55  59  59  ALA ALA A . n 
A 1 56  LYS 56  60  60  LYS LYS A . n 
A 1 57  ALA 57  61  61  ALA ALA A . n 
A 1 58  ILE 58  62  62  ILE ILE A . n 
A 1 59  ILE 59  63  63  ILE ILE A . n 
A 1 60  ASN 60  64  64  ASN ASN A . n 
A 1 61  SER 61  65  65  SER SER A . n 
A 1 62  THR 62  66  66  THR THR A . n 
A 1 63  VAL 63  67  67  VAL VAL A . n 
A 1 64  THR 64  68  68  THR THR A . n 
A 1 65  PRO 65  69  69  PRO PRO A . n 
A 1 66  ASN 66  70  70  ASN ASN A . n 
A 1 67  MET 67  71  71  MET MET A . n 
A 1 68  THR 68  72  72  THR THR A . n 
A 1 69  PHE 69  73  73  PHE PHE A . n 
A 1 70  THR 70  74  74  THR THR A . n 
A 1 71  LYS 71  75  75  LYS LYS A . n 
A 1 72  THR 72  76  76  THR THR A . n 
A 1 73  SER 73  77  77  SER SER A . n 
A 1 74  GLN 74  78  78  GLN GLN A . n 
A 1 75  LYS 75  79  79  LYS LYS A . n 
A 1 76  PHE 76  80  80  PHE PHE A . n 
A 1 77  GLY 77  81  81  GLY GLY A . n 
A 1 78  GLN 78  82  82  GLN GLN A . n 
A 1 79  TRP 79  83  83  TRP TRP A . n 
A 1 80  ALA 80  84  84  ALA ALA A . n 
A 1 81  ASP 81  85  85  ASP ASP A . n 
A 1 82  SER 82  86  86  SER SER A . n 
A 1 83  ARG 83  87  87  ARG ARG A . n 
A 1 84  ALA 84  88  88  ALA ALA A . n 
A 1 85  ASN 85  89  89  ASN ASN A . n 
A 1 86  THR 86  90  90  THR THR A . n 
A 1 87  VAL 87  91  91  VAL VAL A . n 
A 1 88  TYR 88  92  92  TYR TYR A . n 
A 1 89  GLY 89  93  93  GLY GLY A . n 
A 1 90  LEU 90  94  94  LEU LEU A . n 
A 1 91  GLY 91  95  95  GLY GLY A . n 
A 1 92  PHE 92  96  96  PHE PHE A . n 
A 1 93  ALA 93  97  97  ALA ALA A . n 
A 1 94  SER 94  98  98  SER SER A . n 
A 1 95  GLU 95  99  99  GLU GLU A . n 
A 1 96  GLN 96  100 100 GLN GLN A . n 
A 1 97  HIS 97  101 101 HIS HIS A . n 
A 1 98  LEU 98  102 102 LEU LEU A . n 
A 1 99  THR 99  103 103 THR THR A . n 
A 1 100 GLN 100 104 104 GLN GLN A . n 
A 1 101 PHE 101 105 105 PHE PHE A . n 
A 1 102 ALA 102 106 106 ALA ALA A . n 
A 1 103 GLU 103 107 107 GLU GLU A . n 
A 1 104 LYS 104 108 108 LYS LYS A . n 
A 1 105 PHE 105 109 109 PHE PHE A . n 
A 1 106 GLN 106 110 110 GLN GLN A . n 
A 1 107 GLU 107 111 111 GLU GLU A . n 
A 1 108 VAL 108 112 112 VAL VAL A . n 
A 1 109 LYS 109 113 113 LYS LYS A . n 
A 1 110 GLU 110 114 114 GLU GLU A . n 
A 1 111 ALA 111 115 115 ALA ALA A . n 
A 1 112 ALA 112 116 116 ALA ALA A . n 
A 1 113 ARG 113 117 117 ARG ARG A . n 
A 1 114 LEU 114 118 118 LEU LEU A . n 
A 1 115 ALA 115 119 119 ALA ALA A . n 
A 1 116 ARG 116 120 120 ARG ARG A . n 
A 1 117 GLU 117 121 121 GLU GLU A . n 
# 
loop_
_pdbx_nonpoly_scheme.asym_id 
_pdbx_nonpoly_scheme.entity_id 
_pdbx_nonpoly_scheme.mon_id 
_pdbx_nonpoly_scheme.ndb_seq_num 
_pdbx_nonpoly_scheme.pdb_seq_num 
_pdbx_nonpoly_scheme.auth_seq_num 
_pdbx_nonpoly_scheme.pdb_mon_id 
_pdbx_nonpoly_scheme.auth_mon_id 
_pdbx_nonpoly_scheme.pdb_strand_id 
_pdbx_nonpoly_scheme.pdb_ins_code 
B 2 SO4 1  122 101 SO4 SO4 A . 
C 3 HOH 1  123 1   HOH HOH A . 
C 3 HOH 2  124 2   HOH HOH A . 
C 3 HOH 3  125 3   HOH HOH A . 
C 3 HOH 4  126 4   HOH HOH A . 
C 3 HOH 5  127 5   HOH HOH A . 
C 3 HOH 6  128 6   HOH HOH A . 
C 3 HOH 7  129 7   HOH HOH A . 
C 3 HOH 8  130 8   HOH HOH A . 
C 3 HOH 9  131 9   HOH HOH A . 
C 3 HOH 10 132 10  HOH HOH A . 
C 3 HOH 11 133 11  HOH HOH A . 
C 3 HOH 12 134 12  HOH HOH A . 
C 3 HOH 13 135 13  HOH HOH A . 
C 3 HOH 14 136 14  HOH HOH A . 
C 3 HOH 15 137 15  HOH HOH A . 
C 3 HOH 16 138 16  HOH HOH A . 
C 3 HOH 17 139 17  HOH HOH A . 
C 3 HOH 18 140 18  HOH HOH A . 
C 3 HOH 19 141 19  HOH HOH A . 
C 3 HOH 20 142 20  HOH HOH A . 
C 3 HOH 21 143 21  HOH HOH A . 
C 3 HOH 22 144 22  HOH HOH A . 
C 3 HOH 23 145 23  HOH HOH A . 
C 3 HOH 24 146 24  HOH HOH A . 
C 3 HOH 25 147 25  HOH HOH A . 
C 3 HOH 26 148 26  HOH HOH A . 
C 3 HOH 27 149 27  HOH HOH A . 
C 3 HOH 28 150 28  HOH HOH A . 
C 3 HOH 29 151 29  HOH HOH A . 
C 3 HOH 30 152 30  HOH HOH A . 
C 3 HOH 31 153 31  HOH HOH A . 
C 3 HOH 32 154 32  HOH HOH A . 
C 3 HOH 33 155 33  HOH HOH A . 
C 3 HOH 34 156 34  HOH HOH A . 
C 3 HOH 35 157 35  HOH HOH A . 
C 3 HOH 36 158 36  HOH HOH A . 
C 3 HOH 37 159 37  HOH HOH A . 
C 3 HOH 38 160 38  HOH HOH A . 
C 3 HOH 39 161 39  HOH HOH A . 
C 3 HOH 40 162 40  HOH HOH A . 
C 3 HOH 41 163 41  HOH HOH A . 
C 3 HOH 42 164 42  HOH HOH A . 
C 3 HOH 43 165 43  HOH HOH A . 
C 3 HOH 44 166 44  HOH HOH A . 
C 3 HOH 45 167 45  HOH HOH A . 
C 3 HOH 46 168 46  HOH HOH A . 
C 3 HOH 47 169 47  HOH HOH A . 
C 3 HOH 48 170 48  HOH HOH A . 
C 3 HOH 49 171 49  HOH HOH A . 
C 3 HOH 50 172 50  HOH HOH A . 
C 3 HOH 51 173 51  HOH HOH A . 
C 3 HOH 52 174 52  HOH HOH A . 
C 3 HOH 53 175 53  HOH HOH A . 
C 3 HOH 54 176 54  HOH HOH A . 
C 3 HOH 55 177 55  HOH HOH A . 
C 3 HOH 56 178 56  HOH HOH A . 
C 3 HOH 57 179 57  HOH HOH A . 
C 3 HOH 58 180 58  HOH HOH A . 
C 3 HOH 59 181 59  HOH HOH A . 
C 3 HOH 60 182 60  HOH HOH A . 
C 3 HOH 61 183 61  HOH HOH A . 
C 3 HOH 62 184 62  HOH HOH A . 
C 3 HOH 63 185 63  HOH HOH A . 
C 3 HOH 64 186 64  HOH HOH A . 
C 3 HOH 65 187 65  HOH HOH A . 
C 3 HOH 66 188 67  HOH HOH A . 
C 3 HOH 67 189 68  HOH HOH A . 
C 3 HOH 68 190 69  HOH HOH A . 
C 3 HOH 69 191 70  HOH HOH A . 
C 3 HOH 70 192 71  HOH HOH A . 
C 3 HOH 71 193 72  HOH HOH A . 
C 3 HOH 72 194 73  HOH HOH A . 
C 3 HOH 73 195 74  HOH HOH A . 
C 3 HOH 74 196 75  HOH HOH A . 
# 
_pdbx_struct_assembly.id                   1 
_pdbx_struct_assembly.details              author_defined_assembly 
_pdbx_struct_assembly.method_details       ? 
_pdbx_struct_assembly.oligomeric_details   monomeric 
_pdbx_struct_assembly.oligomeric_count     1 
# 
_pdbx_struct_assembly_gen.assembly_id       1 
_pdbx_struct_assembly_gen.oper_expression   1 
_pdbx_struct_assembly_gen.asym_id_list      A,B,C 
# 
_pdbx_struct_oper_list.id                   1 
_pdbx_struct_oper_list.type                 'identity operation' 
_pdbx_struct_oper_list.name                 1_555 
_pdbx_struct_oper_list.symmetry_operation   x,y,z 
_pdbx_struct_oper_list.matrix[1][1]         1.0000000000 
_pdbx_struct_oper_list.matrix[1][2]         0.0000000000 
_pdbx_struct_oper_list.matrix[1][3]         0.0000000000 
_pdbx_struct_oper_list.vector[1]            0.0000000000 
_pdbx_struct_oper_list.matrix[2][1]         0.0000000000 
_pdbx_struct_oper_list.matrix[2][2]         1.0000000000 
_pdbx_struct_oper_list.matrix[2][3]         0.0000000000 
_pdbx_struct_oper_list.vector[2]            0.0000000000 
_pdbx_struct_oper_list.matrix[3][1]         0.0000000000 
_pdbx_struct_oper_list.matrix[3][2]         0.0000000000 
_pdbx_struct_oper_list.matrix[3][3]         1.0000000000 
_pdbx_struct_oper_list.vector[3]            0.0000000000 
# 
loop_
_pdbx_audit_revision_history.ordinal 
_pdbx_audit_revision_history.data_content_type 
_pdbx_audit_revision_history.major_revision 
_pdbx_audit_revision_history.minor_revision 
_pdbx_audit_revision_history.revision_date 
1 'Structure model' 1 0 2007-11-20 
2 'Structure model' 1 1 2011-07-13 
3 'Structure model' 1 2 2017-10-18 
4 'Structure model' 1 3 2023-08-30 
# 
_pdbx_audit_revision_details.ordinal             1 
_pdbx_audit_revision_details.revision_ordinal    1 
_pdbx_audit_revision_details.data_content_type   'Structure model' 
_pdbx_audit_revision_details.provider            repository 
_pdbx_audit_revision_details.type                'Initial release' 
_pdbx_audit_revision_details.description         ? 
_pdbx_audit_revision_details.details             ? 
# 
loop_
_pdbx_audit_revision_group.ordinal 
_pdbx_audit_revision_group.revision_ordinal 
_pdbx_audit_revision_group.data_content_type 
_pdbx_audit_revision_group.group 
1 2 'Structure model' 'Version format compliance' 
2 3 'Structure model' 'Refinement description'    
3 4 'Structure model' 'Data collection'           
4 4 'Structure model' 'Database references'       
5 4 'Structure model' 'Derived calculations'      
6 4 'Structure model' 'Refinement description'    
# 
loop_
_pdbx_audit_revision_category.ordinal 
_pdbx_audit_revision_category.revision_ordinal 
_pdbx_audit_revision_category.data_content_type 
_pdbx_audit_revision_category.category 
1 3 'Structure model' software                      
2 4 'Structure model' chem_comp_atom                
3 4 'Structure model' chem_comp_bond                
4 4 'Structure model' database_2                    
5 4 'Structure model' pdbx_initial_refinement_model 
6 4 'Structure model' struct_site                   
# 
loop_
_pdbx_audit_revision_item.ordinal 
_pdbx_audit_revision_item.revision_ordinal 
_pdbx_audit_revision_item.data_content_type 
_pdbx_audit_revision_item.item 
1 4 'Structure model' '_database_2.pdbx_DOI'                
2 4 'Structure model' '_database_2.pdbx_database_accession' 
3 4 'Structure model' '_struct_site.pdbx_auth_asym_id'      
4 4 'Structure model' '_struct_site.pdbx_auth_comp_id'      
5 4 'Structure model' '_struct_site.pdbx_auth_seq_id'       
# 
_pdbx_phasing_MR.entry_id                     2P8V 
_pdbx_phasing_MR.method_rotation              ? 
_pdbx_phasing_MR.method_translation           ? 
_pdbx_phasing_MR.model_details                ? 
_pdbx_phasing_MR.R_factor                     0.420 
_pdbx_phasing_MR.R_rigid_body                 ? 
_pdbx_phasing_MR.correlation_coeff_Fo_to_Fc   0.601 
_pdbx_phasing_MR.correlation_coeff_Io_to_Ic   ? 
_pdbx_phasing_MR.d_res_high_rotation          3.000 
_pdbx_phasing_MR.d_res_low_rotation           29.350 
_pdbx_phasing_MR.d_res_high_translation       3.000 
_pdbx_phasing_MR.d_res_low_translation        29.350 
_pdbx_phasing_MR.packing                      ? 
_pdbx_phasing_MR.reflns_percent_rotation      ? 
_pdbx_phasing_MR.reflns_percent_translation   ? 
_pdbx_phasing_MR.sigma_F_rotation             ? 
_pdbx_phasing_MR.sigma_F_translation          ? 
_pdbx_phasing_MR.sigma_I_rotation             ? 
_pdbx_phasing_MR.sigma_I_translation          ? 
# 
loop_
_software.name 
_software.version 
_software.date 
_software.type 
_software.contact_author 
_software.contact_author_email 
_software.classification 
_software.location 
_software.language 
_software.citation_id 
_software.pdbx_ordinal 
DENZO       .       ?                package 'Zbyszek Otwinowski' zbyszek@mix.swmed.edu    'data reduction'  
http://www.lnls.br/infra/linhasluz/denzo-hkl.htm ?          ? 1 
SCALEPACK   .       ?                package 'Zbyszek Otwinowski' zbyszek@mix.swmed.edu    'data scaling'    
http://www.lnls.br/infra/linhasluz/denzo-hkl.htm ?          ? 2 
MOLREP      .       ?                other   'A. Vagin'           alexei@ysbl.york.ac.uk   phasing           
http://www.ccp4.ac.uk/dist/html/molrep.html      Fortran_77 ? 3 
CNS         .       ?                package 'Axel T. Brunger'    axel.brunger@yale.edu    refinement        
http://cns.csb.yale.edu/v1.1/                    Fortran_77 ? 4 
PDB_EXTRACT 2.000   'April. 3, 2006' package PDB                  sw-help@rcsb.rutgers.edu 'data extraction' 
http://pdb.rutgers.edu/software/                 C++        ? 5 
ADSC        Quantum ?                ?       ?                    ?                        'data collection' ? ?          ? 6 
# 
loop_
_pdbx_validate_torsion.id 
_pdbx_validate_torsion.PDB_model_num 
_pdbx_validate_torsion.auth_comp_id 
_pdbx_validate_torsion.auth_asym_id 
_pdbx_validate_torsion.auth_seq_id 
_pdbx_validate_torsion.PDB_ins_code 
_pdbx_validate_torsion.label_alt_id 
_pdbx_validate_torsion.phi 
_pdbx_validate_torsion.psi 
1 1 LYS A 35 ? ? 9.87    -49.43 
2 1 ASN A 64 ? ? -155.97 70.00  
# 
loop_
_chem_comp_atom.comp_id 
_chem_comp_atom.atom_id 
_chem_comp_atom.type_symbol 
_chem_comp_atom.pdbx_aromatic_flag 
_chem_comp_atom.pdbx_stereo_config 
_chem_comp_atom.pdbx_ordinal 
ALA N    N N N 1   
ALA CA   C N S 2   
ALA C    C N N 3   
ALA O    O N N 4   
ALA CB   C N N 5   
ALA OXT  O N N 6   
ALA H    H N N 7   
ALA H2   H N N 8   
ALA HA   H N N 9   
ALA HB1  H N N 10  
ALA HB2  H N N 11  
ALA HB3  H N N 12  
ALA HXT  H N N 13  
ARG N    N N N 14  
ARG CA   C N S 15  
ARG C    C N N 16  
ARG O    O N N 17  
ARG CB   C N N 18  
ARG CG   C N N 19  
ARG CD   C N N 20  
ARG NE   N N N 21  
ARG CZ   C N N 22  
ARG NH1  N N N 23  
ARG NH2  N N N 24  
ARG OXT  O N N 25  
ARG H    H N N 26  
ARG H2   H N N 27  
ARG HA   H N N 28  
ARG HB2  H N N 29  
ARG HB3  H N N 30  
ARG HG2  H N N 31  
ARG HG3  H N N 32  
ARG HD2  H N N 33  
ARG HD3  H N N 34  
ARG HE   H N N 35  
ARG HH11 H N N 36  
ARG HH12 H N N 37  
ARG HH21 H N N 38  
ARG HH22 H N N 39  
ARG HXT  H N N 40  
ASN N    N N N 41  
ASN CA   C N S 42  
ASN C    C N N 43  
ASN O    O N N 44  
ASN CB   C N N 45  
ASN CG   C N N 46  
ASN OD1  O N N 47  
ASN ND2  N N N 48  
ASN OXT  O N N 49  
ASN H    H N N 50  
ASN H2   H N N 51  
ASN HA   H N N 52  
ASN HB2  H N N 53  
ASN HB3  H N N 54  
ASN HD21 H N N 55  
ASN HD22 H N N 56  
ASN HXT  H N N 57  
ASP N    N N N 58  
ASP CA   C N S 59  
ASP C    C N N 60  
ASP O    O N N 61  
ASP CB   C N N 62  
ASP CG   C N N 63  
ASP OD1  O N N 64  
ASP OD2  O N N 65  
ASP OXT  O N N 66  
ASP H    H N N 67  
ASP H2   H N N 68  
ASP HA   H N N 69  
ASP HB2  H N N 70  
ASP HB3  H N N 71  
ASP HD2  H N N 72  
ASP HXT  H N N 73  
GLN N    N N N 74  
GLN CA   C N S 75  
GLN C    C N N 76  
GLN O    O N N 77  
GLN CB   C N N 78  
GLN CG   C N N 79  
GLN CD   C N N 80  
GLN OE1  O N N 81  
GLN NE2  N N N 82  
GLN OXT  O N N 83  
GLN H    H N N 84  
GLN H2   H N N 85  
GLN HA   H N N 86  
GLN HB2  H N N 87  
GLN HB3  H N N 88  
GLN HG2  H N N 89  
GLN HG3  H N N 90  
GLN HE21 H N N 91  
GLN HE22 H N N 92  
GLN HXT  H N N 93  
GLU N    N N N 94  
GLU CA   C N S 95  
GLU C    C N N 96  
GLU O    O N N 97  
GLU CB   C N N 98  
GLU CG   C N N 99  
GLU CD   C N N 100 
GLU OE1  O N N 101 
GLU OE2  O N N 102 
GLU OXT  O N N 103 
GLU H    H N N 104 
GLU H2   H N N 105 
GLU HA   H N N 106 
GLU HB2  H N N 107 
GLU HB3  H N N 108 
GLU HG2  H N N 109 
GLU HG3  H N N 110 
GLU HE2  H N N 111 
GLU HXT  H N N 112 
GLY N    N N N 113 
GLY CA   C N N 114 
GLY C    C N N 115 
GLY O    O N N 116 
GLY OXT  O N N 117 
GLY H    H N N 118 
GLY H2   H N N 119 
GLY HA2  H N N 120 
GLY HA3  H N N 121 
GLY HXT  H N N 122 
HIS N    N N N 123 
HIS CA   C N S 124 
HIS C    C N N 125 
HIS O    O N N 126 
HIS CB   C N N 127 
HIS CG   C Y N 128 
HIS ND1  N Y N 129 
HIS CD2  C Y N 130 
HIS CE1  C Y N 131 
HIS NE2  N Y N 132 
HIS OXT  O N N 133 
HIS H    H N N 134 
HIS H2   H N N 135 
HIS HA   H N N 136 
HIS HB2  H N N 137 
HIS HB3  H N N 138 
HIS HD1  H N N 139 
HIS HD2  H N N 140 
HIS HE1  H N N 141 
HIS HE2  H N N 142 
HIS HXT  H N N 143 
HOH O    O N N 144 
HOH H1   H N N 145 
HOH H2   H N N 146 
ILE N    N N N 147 
ILE CA   C N S 148 
ILE C    C N N 149 
ILE O    O N N 150 
ILE CB   C N S 151 
ILE CG1  C N N 152 
ILE CG2  C N N 153 
ILE CD1  C N N 154 
ILE OXT  O N N 155 
ILE H    H N N 156 
ILE H2   H N N 157 
ILE HA   H N N 158 
ILE HB   H N N 159 
ILE HG12 H N N 160 
ILE HG13 H N N 161 
ILE HG21 H N N 162 
ILE HG22 H N N 163 
ILE HG23 H N N 164 
ILE HD11 H N N 165 
ILE HD12 H N N 166 
ILE HD13 H N N 167 
ILE HXT  H N N 168 
LEU N    N N N 169 
LEU CA   C N S 170 
LEU C    C N N 171 
LEU O    O N N 172 
LEU CB   C N N 173 
LEU CG   C N N 174 
LEU CD1  C N N 175 
LEU CD2  C N N 176 
LEU OXT  O N N 177 
LEU H    H N N 178 
LEU H2   H N N 179 
LEU HA   H N N 180 
LEU HB2  H N N 181 
LEU HB3  H N N 182 
LEU HG   H N N 183 
LEU HD11 H N N 184 
LEU HD12 H N N 185 
LEU HD13 H N N 186 
LEU HD21 H N N 187 
LEU HD22 H N N 188 
LEU HD23 H N N 189 
LEU HXT  H N N 190 
LYS N    N N N 191 
LYS CA   C N S 192 
LYS C    C N N 193 
LYS O    O N N 194 
LYS CB   C N N 195 
LYS CG   C N N 196 
LYS CD   C N N 197 
LYS CE   C N N 198 
LYS NZ   N N N 199 
LYS OXT  O N N 200 
LYS H    H N N 201 
LYS H2   H N N 202 
LYS HA   H N N 203 
LYS HB2  H N N 204 
LYS HB3  H N N 205 
LYS HG2  H N N 206 
LYS HG3  H N N 207 
LYS HD2  H N N 208 
LYS HD3  H N N 209 
LYS HE2  H N N 210 
LYS HE3  H N N 211 
LYS HZ1  H N N 212 
LYS HZ2  H N N 213 
LYS HZ3  H N N 214 
LYS HXT  H N N 215 
MET N    N N N 216 
MET CA   C N S 217 
MET C    C N N 218 
MET O    O N N 219 
MET CB   C N N 220 
MET CG   C N N 221 
MET SD   S N N 222 
MET CE   C N N 223 
MET OXT  O N N 224 
MET H    H N N 225 
MET H2   H N N 226 
MET HA   H N N 227 
MET HB2  H N N 228 
MET HB3  H N N 229 
MET HG2  H N N 230 
MET HG3  H N N 231 
MET HE1  H N N 232 
MET HE2  H N N 233 
MET HE3  H N N 234 
MET HXT  H N N 235 
PHE N    N N N 236 
PHE CA   C N S 237 
PHE C    C N N 238 
PHE O    O N N 239 
PHE CB   C N N 240 
PHE CG   C Y N 241 
PHE CD1  C Y N 242 
PHE CD2  C Y N 243 
PHE CE1  C Y N 244 
PHE CE2  C Y N 245 
PHE CZ   C Y N 246 
PHE OXT  O N N 247 
PHE H    H N N 248 
PHE H2   H N N 249 
PHE HA   H N N 250 
PHE HB2  H N N 251 
PHE HB3  H N N 252 
PHE HD1  H N N 253 
PHE HD2  H N N 254 
PHE HE1  H N N 255 
PHE HE2  H N N 256 
PHE HZ   H N N 257 
PHE HXT  H N N 258 
PRO N    N N N 259 
PRO CA   C N S 260 
PRO C    C N N 261 
PRO O    O N N 262 
PRO CB   C N N 263 
PRO CG   C N N 264 
PRO CD   C N N 265 
PRO OXT  O N N 266 
PRO H    H N N 267 
PRO HA   H N N 268 
PRO HB2  H N N 269 
PRO HB3  H N N 270 
PRO HG2  H N N 271 
PRO HG3  H N N 272 
PRO HD2  H N N 273 
PRO HD3  H N N 274 
PRO HXT  H N N 275 
SER N    N N N 276 
SER CA   C N S 277 
SER C    C N N 278 
SER O    O N N 279 
SER CB   C N N 280 
SER OG   O N N 281 
SER OXT  O N N 282 
SER H    H N N 283 
SER H2   H N N 284 
SER HA   H N N 285 
SER HB2  H N N 286 
SER HB3  H N N 287 
SER HG   H N N 288 
SER HXT  H N N 289 
SO4 S    S N N 290 
SO4 O1   O N N 291 
SO4 O2   O N N 292 
SO4 O3   O N N 293 
SO4 O4   O N N 294 
THR N    N N N 295 
THR CA   C N S 296 
THR C    C N N 297 
THR O    O N N 298 
THR CB   C N R 299 
THR OG1  O N N 300 
THR CG2  C N N 301 
THR OXT  O N N 302 
THR H    H N N 303 
THR H2   H N N 304 
THR HA   H N N 305 
THR HB   H N N 306 
THR HG1  H N N 307 
THR HG21 H N N 308 
THR HG22 H N N 309 
THR HG23 H N N 310 
THR HXT  H N N 311 
TRP N    N N N 312 
TRP CA   C N S 313 
TRP C    C N N 314 
TRP O    O N N 315 
TRP CB   C N N 316 
TRP CG   C Y N 317 
TRP CD1  C Y N 318 
TRP CD2  C Y N 319 
TRP NE1  N Y N 320 
TRP CE2  C Y N 321 
TRP CE3  C Y N 322 
TRP CZ2  C Y N 323 
TRP CZ3  C Y N 324 
TRP CH2  C Y N 325 
TRP OXT  O N N 326 
TRP H    H N N 327 
TRP H2   H N N 328 
TRP HA   H N N 329 
TRP HB2  H N N 330 
TRP HB3  H N N 331 
TRP HD1  H N N 332 
TRP HE1  H N N 333 
TRP HE3  H N N 334 
TRP HZ2  H N N 335 
TRP HZ3  H N N 336 
TRP HH2  H N N 337 
TRP HXT  H N N 338 
TYR N    N N N 339 
TYR CA   C N S 340 
TYR C    C N N 341 
TYR O    O N N 342 
TYR CB   C N N 343 
TYR CG   C Y N 344 
TYR CD1  C Y N 345 
TYR CD2  C Y N 346 
TYR CE1  C Y N 347 
TYR CE2  C Y N 348 
TYR CZ   C Y N 349 
TYR OH   O N N 350 
TYR OXT  O N N 351 
TYR H    H N N 352 
TYR H2   H N N 353 
TYR HA   H N N 354 
TYR HB2  H N N 355 
TYR HB3  H N N 356 
TYR HD1  H N N 357 
TYR HD2  H N N 358 
TYR HE1  H N N 359 
TYR HE2  H N N 360 
TYR HH   H N N 361 
TYR HXT  H N N 362 
VAL N    N N N 363 
VAL CA   C N S 364 
VAL C    C N N 365 
VAL O    O N N 366 
VAL CB   C N N 367 
VAL CG1  C N N 368 
VAL CG2  C N N 369 
VAL OXT  O N N 370 
VAL H    H N N 371 
VAL H2   H N N 372 
VAL HA   H N N 373 
VAL HB   H N N 374 
VAL HG11 H N N 375 
VAL HG12 H N N 376 
VAL HG13 H N N 377 
VAL HG21 H N N 378 
VAL HG22 H N N 379 
VAL HG23 H N N 380 
VAL HXT  H N N 381 
# 
loop_
_chem_comp_bond.comp_id 
_chem_comp_bond.atom_id_1 
_chem_comp_bond.atom_id_2 
_chem_comp_bond.value_order 
_chem_comp_bond.pdbx_aromatic_flag 
_chem_comp_bond.pdbx_stereo_config 
_chem_comp_bond.pdbx_ordinal 
ALA N   CA   sing N N 1   
ALA N   H    sing N N 2   
ALA N   H2   sing N N 3   
ALA CA  C    sing N N 4   
ALA CA  CB   sing N N 5   
ALA CA  HA   sing N N 6   
ALA C   O    doub N N 7   
ALA C   OXT  sing N N 8   
ALA CB  HB1  sing N N 9   
ALA CB  HB2  sing N N 10  
ALA CB  HB3  sing N N 11  
ALA OXT HXT  sing N N 12  
ARG N   CA   sing N N 13  
ARG N   H    sing N N 14  
ARG N   H2   sing N N 15  
ARG CA  C    sing N N 16  
ARG CA  CB   sing N N 17  
ARG CA  HA   sing N N 18  
ARG C   O    doub N N 19  
ARG C   OXT  sing N N 20  
ARG CB  CG   sing N N 21  
ARG CB  HB2  sing N N 22  
ARG CB  HB3  sing N N 23  
ARG CG  CD   sing N N 24  
ARG CG  HG2  sing N N 25  
ARG CG  HG3  sing N N 26  
ARG CD  NE   sing N N 27  
ARG CD  HD2  sing N N 28  
ARG CD  HD3  sing N N 29  
ARG NE  CZ   sing N N 30  
ARG NE  HE   sing N N 31  
ARG CZ  NH1  sing N N 32  
ARG CZ  NH2  doub N N 33  
ARG NH1 HH11 sing N N 34  
ARG NH1 HH12 sing N N 35  
ARG NH2 HH21 sing N N 36  
ARG NH2 HH22 sing N N 37  
ARG OXT HXT  sing N N 38  
ASN N   CA   sing N N 39  
ASN N   H    sing N N 40  
ASN N   H2   sing N N 41  
ASN CA  C    sing N N 42  
ASN CA  CB   sing N N 43  
ASN CA  HA   sing N N 44  
ASN C   O    doub N N 45  
ASN C   OXT  sing N N 46  
ASN CB  CG   sing N N 47  
ASN CB  HB2  sing N N 48  
ASN CB  HB3  sing N N 49  
ASN CG  OD1  doub N N 50  
ASN CG  ND2  sing N N 51  
ASN ND2 HD21 sing N N 52  
ASN ND2 HD22 sing N N 53  
ASN OXT HXT  sing N N 54  
ASP N   CA   sing N N 55  
ASP N   H    sing N N 56  
ASP N   H2   sing N N 57  
ASP CA  C    sing N N 58  
ASP CA  CB   sing N N 59  
ASP CA  HA   sing N N 60  
ASP C   O    doub N N 61  
ASP C   OXT  sing N N 62  
ASP CB  CG   sing N N 63  
ASP CB  HB2  sing N N 64  
ASP CB  HB3  sing N N 65  
ASP CG  OD1  doub N N 66  
ASP CG  OD2  sing N N 67  
ASP OD2 HD2  sing N N 68  
ASP OXT HXT  sing N N 69  
GLN N   CA   sing N N 70  
GLN N   H    sing N N 71  
GLN N   H2   sing N N 72  
GLN CA  C    sing N N 73  
GLN CA  CB   sing N N 74  
GLN CA  HA   sing N N 75  
GLN C   O    doub N N 76  
GLN C   OXT  sing N N 77  
GLN CB  CG   sing N N 78  
GLN CB  HB2  sing N N 79  
GLN CB  HB3  sing N N 80  
GLN CG  CD   sing N N 81  
GLN CG  HG2  sing N N 82  
GLN CG  HG3  sing N N 83  
GLN CD  OE1  doub N N 84  
GLN CD  NE2  sing N N 85  
GLN NE2 HE21 sing N N 86  
GLN NE2 HE22 sing N N 87  
GLN OXT HXT  sing N N 88  
GLU N   CA   sing N N 89  
GLU N   H    sing N N 90  
GLU N   H2   sing N N 91  
GLU CA  C    sing N N 92  
GLU CA  CB   sing N N 93  
GLU CA  HA   sing N N 94  
GLU C   O    doub N N 95  
GLU C   OXT  sing N N 96  
GLU CB  CG   sing N N 97  
GLU CB  HB2  sing N N 98  
GLU CB  HB3  sing N N 99  
GLU CG  CD   sing N N 100 
GLU CG  HG2  sing N N 101 
GLU CG  HG3  sing N N 102 
GLU CD  OE1  doub N N 103 
GLU CD  OE2  sing N N 104 
GLU OE2 HE2  sing N N 105 
GLU OXT HXT  sing N N 106 
GLY N   CA   sing N N 107 
GLY N   H    sing N N 108 
GLY N   H2   sing N N 109 
GLY CA  C    sing N N 110 
GLY CA  HA2  sing N N 111 
GLY CA  HA3  sing N N 112 
GLY C   O    doub N N 113 
GLY C   OXT  sing N N 114 
GLY OXT HXT  sing N N 115 
HIS N   CA   sing N N 116 
HIS N   H    sing N N 117 
HIS N   H2   sing N N 118 
HIS CA  C    sing N N 119 
HIS CA  CB   sing N N 120 
HIS CA  HA   sing N N 121 
HIS C   O    doub N N 122 
HIS C   OXT  sing N N 123 
HIS CB  CG   sing N N 124 
HIS CB  HB2  sing N N 125 
HIS CB  HB3  sing N N 126 
HIS CG  ND1  sing Y N 127 
HIS CG  CD2  doub Y N 128 
HIS ND1 CE1  doub Y N 129 
HIS ND1 HD1  sing N N 130 
HIS CD2 NE2  sing Y N 131 
HIS CD2 HD2  sing N N 132 
HIS CE1 NE2  sing Y N 133 
HIS CE1 HE1  sing N N 134 
HIS NE2 HE2  sing N N 135 
HIS OXT HXT  sing N N 136 
HOH O   H1   sing N N 137 
HOH O   H2   sing N N 138 
ILE N   CA   sing N N 139 
ILE N   H    sing N N 140 
ILE N   H2   sing N N 141 
ILE CA  C    sing N N 142 
ILE CA  CB   sing N N 143 
ILE CA  HA   sing N N 144 
ILE C   O    doub N N 145 
ILE C   OXT  sing N N 146 
ILE CB  CG1  sing N N 147 
ILE CB  CG2  sing N N 148 
ILE CB  HB   sing N N 149 
ILE CG1 CD1  sing N N 150 
ILE CG1 HG12 sing N N 151 
ILE CG1 HG13 sing N N 152 
ILE CG2 HG21 sing N N 153 
ILE CG2 HG22 sing N N 154 
ILE CG2 HG23 sing N N 155 
ILE CD1 HD11 sing N N 156 
ILE CD1 HD12 sing N N 157 
ILE CD1 HD13 sing N N 158 
ILE OXT HXT  sing N N 159 
LEU N   CA   sing N N 160 
LEU N   H    sing N N 161 
LEU N   H2   sing N N 162 
LEU CA  C    sing N N 163 
LEU CA  CB   sing N N 164 
LEU CA  HA   sing N N 165 
LEU C   O    doub N N 166 
LEU C   OXT  sing N N 167 
LEU CB  CG   sing N N 168 
LEU CB  HB2  sing N N 169 
LEU CB  HB3  sing N N 170 
LEU CG  CD1  sing N N 171 
LEU CG  CD2  sing N N 172 
LEU CG  HG   sing N N 173 
LEU CD1 HD11 sing N N 174 
LEU CD1 HD12 sing N N 175 
LEU CD1 HD13 sing N N 176 
LEU CD2 HD21 sing N N 177 
LEU CD2 HD22 sing N N 178 
LEU CD2 HD23 sing N N 179 
LEU OXT HXT  sing N N 180 
LYS N   CA   sing N N 181 
LYS N   H    sing N N 182 
LYS N   H2   sing N N 183 
LYS CA  C    sing N N 184 
LYS CA  CB   sing N N 185 
LYS CA  HA   sing N N 186 
LYS C   O    doub N N 187 
LYS C   OXT  sing N N 188 
LYS CB  CG   sing N N 189 
LYS CB  HB2  sing N N 190 
LYS CB  HB3  sing N N 191 
LYS CG  CD   sing N N 192 
LYS CG  HG2  sing N N 193 
LYS CG  HG3  sing N N 194 
LYS CD  CE   sing N N 195 
LYS CD  HD2  sing N N 196 
LYS CD  HD3  sing N N 197 
LYS CE  NZ   sing N N 198 
LYS CE  HE2  sing N N 199 
LYS CE  HE3  sing N N 200 
LYS NZ  HZ1  sing N N 201 
LYS NZ  HZ2  sing N N 202 
LYS NZ  HZ3  sing N N 203 
LYS OXT HXT  sing N N 204 
MET N   CA   sing N N 205 
MET N   H    sing N N 206 
MET N   H2   sing N N 207 
MET CA  C    sing N N 208 
MET CA  CB   sing N N 209 
MET CA  HA   sing N N 210 
MET C   O    doub N N 211 
MET C   OXT  sing N N 212 
MET CB  CG   sing N N 213 
MET CB  HB2  sing N N 214 
MET CB  HB3  sing N N 215 
MET CG  SD   sing N N 216 
MET CG  HG2  sing N N 217 
MET CG  HG3  sing N N 218 
MET SD  CE   sing N N 219 
MET CE  HE1  sing N N 220 
MET CE  HE2  sing N N 221 
MET CE  HE3  sing N N 222 
MET OXT HXT  sing N N 223 
PHE N   CA   sing N N 224 
PHE N   H    sing N N 225 
PHE N   H2   sing N N 226 
PHE CA  C    sing N N 227 
PHE CA  CB   sing N N 228 
PHE CA  HA   sing N N 229 
PHE C   O    doub N N 230 
PHE C   OXT  sing N N 231 
PHE CB  CG   sing N N 232 
PHE CB  HB2  sing N N 233 
PHE CB  HB3  sing N N 234 
PHE CG  CD1  doub Y N 235 
PHE CG  CD2  sing Y N 236 
PHE CD1 CE1  sing Y N 237 
PHE CD1 HD1  sing N N 238 
PHE CD2 CE2  doub Y N 239 
PHE CD2 HD2  sing N N 240 
PHE CE1 CZ   doub Y N 241 
PHE CE1 HE1  sing N N 242 
PHE CE2 CZ   sing Y N 243 
PHE CE2 HE2  sing N N 244 
PHE CZ  HZ   sing N N 245 
PHE OXT HXT  sing N N 246 
PRO N   CA   sing N N 247 
PRO N   CD   sing N N 248 
PRO N   H    sing N N 249 
PRO CA  C    sing N N 250 
PRO CA  CB   sing N N 251 
PRO CA  HA   sing N N 252 
PRO C   O    doub N N 253 
PRO C   OXT  sing N N 254 
PRO CB  CG   sing N N 255 
PRO CB  HB2  sing N N 256 
PRO CB  HB3  sing N N 257 
PRO CG  CD   sing N N 258 
PRO CG  HG2  sing N N 259 
PRO CG  HG3  sing N N 260 
PRO CD  HD2  sing N N 261 
PRO CD  HD3  sing N N 262 
PRO OXT HXT  sing N N 263 
SER N   CA   sing N N 264 
SER N   H    sing N N 265 
SER N   H2   sing N N 266 
SER CA  C    sing N N 267 
SER CA  CB   sing N N 268 
SER CA  HA   sing N N 269 
SER C   O    doub N N 270 
SER C   OXT  sing N N 271 
SER CB  OG   sing N N 272 
SER CB  HB2  sing N N 273 
SER CB  HB3  sing N N 274 
SER OG  HG   sing N N 275 
SER OXT HXT  sing N N 276 
SO4 S   O1   doub N N 277 
SO4 S   O2   doub N N 278 
SO4 S   O3   sing N N 279 
SO4 S   O4   sing N N 280 
THR N   CA   sing N N 281 
THR N   H    sing N N 282 
THR N   H2   sing N N 283 
THR CA  C    sing N N 284 
THR CA  CB   sing N N 285 
THR CA  HA   sing N N 286 
THR C   O    doub N N 287 
THR C   OXT  sing N N 288 
THR CB  OG1  sing N N 289 
THR CB  CG2  sing N N 290 
THR CB  HB   sing N N 291 
THR OG1 HG1  sing N N 292 
THR CG2 HG21 sing N N 293 
THR CG2 HG22 sing N N 294 
THR CG2 HG23 sing N N 295 
THR OXT HXT  sing N N 296 
TRP N   CA   sing N N 297 
TRP N   H    sing N N 298 
TRP N   H2   sing N N 299 
TRP CA  C    sing N N 300 
TRP CA  CB   sing N N 301 
TRP CA  HA   sing N N 302 
TRP C   O    doub N N 303 
TRP C   OXT  sing N N 304 
TRP CB  CG   sing N N 305 
TRP CB  HB2  sing N N 306 
TRP CB  HB3  sing N N 307 
TRP CG  CD1  doub Y N 308 
TRP CG  CD2  sing Y N 309 
TRP CD1 NE1  sing Y N 310 
TRP CD1 HD1  sing N N 311 
TRP CD2 CE2  doub Y N 312 
TRP CD2 CE3  sing Y N 313 
TRP NE1 CE2  sing Y N 314 
TRP NE1 HE1  sing N N 315 
TRP CE2 CZ2  sing Y N 316 
TRP CE3 CZ3  doub Y N 317 
TRP CE3 HE3  sing N N 318 
TRP CZ2 CH2  doub Y N 319 
TRP CZ2 HZ2  sing N N 320 
TRP CZ3 CH2  sing Y N 321 
TRP CZ3 HZ3  sing N N 322 
TRP CH2 HH2  sing N N 323 
TRP OXT HXT  sing N N 324 
TYR N   CA   sing N N 325 
TYR N   H    sing N N 326 
TYR N   H2   sing N N 327 
TYR CA  C    sing N N 328 
TYR CA  CB   sing N N 329 
TYR CA  HA   sing N N 330 
TYR C   O    doub N N 331 
TYR C   OXT  sing N N 332 
TYR CB  CG   sing N N 333 
TYR CB  HB2  sing N N 334 
TYR CB  HB3  sing N N 335 
TYR CG  CD1  doub Y N 336 
TYR CG  CD2  sing Y N 337 
TYR CD1 CE1  sing Y N 338 
TYR CD1 HD1  sing N N 339 
TYR CD2 CE2  doub Y N 340 
TYR CD2 HD2  sing N N 341 
TYR CE1 CZ   doub Y N 342 
TYR CE1 HE1  sing N N 343 
TYR CE2 CZ   sing Y N 344 
TYR CE2 HE2  sing N N 345 
TYR CZ  OH   sing N N 346 
TYR OH  HH   sing N N 347 
TYR OXT HXT  sing N N 348 
VAL N   CA   sing N N 349 
VAL N   H    sing N N 350 
VAL N   H2   sing N N 351 
VAL CA  C    sing N N 352 
VAL CA  CB   sing N N 353 
VAL CA  HA   sing N N 354 
VAL C   O    doub N N 355 
VAL C   OXT  sing N N 356 
VAL CB  CG1  sing N N 357 
VAL CB  CG2  sing N N 358 
VAL CB  HB   sing N N 359 
VAL CG1 HG11 sing N N 360 
VAL CG1 HG12 sing N N 361 
VAL CG1 HG13 sing N N 362 
VAL CG2 HG21 sing N N 363 
VAL CG2 HG22 sing N N 364 
VAL CG2 HG23 sing N N 365 
VAL OXT HXT  sing N N 366 
# 
loop_
_pdbx_entity_nonpoly.entity_id 
_pdbx_entity_nonpoly.name 
_pdbx_entity_nonpoly.comp_id 
2 'SULFATE ION' SO4 
3 water         HOH 
# 
_pdbx_initial_refinement_model.id               1 
_pdbx_initial_refinement_model.entity_id_list   ? 
_pdbx_initial_refinement_model.type             'experimental model' 
_pdbx_initial_refinement_model.source_name      PDB 
_pdbx_initial_refinement_model.accession_code   1DDW 
_pdbx_initial_refinement_model.details          ? 
# 
